data_2D8J
#
_entry.id   2D8J
#
_entity_poly.entity_id   1
_entity_poly.type   'polypeptide(L)'
_entity_poly.pdbx_seq_one_letter_code
;GSSGSSGQYFVALFDYQARTAEDLSFRAGDKLQVLDTSHEGWWLARHLEKKGTGLGQQLQGYIPSNYVAEDSGPSSG
;
_entity_poly.pdbx_strand_id   A
#
# COMPACT_ATOMS: atom_id res chain seq x y z
N GLY A 1 16.52 3.77 1.73
CA GLY A 1 17.67 3.55 2.59
C GLY A 1 17.52 2.32 3.47
N SER A 2 18.40 2.19 4.45
CA SER A 2 18.36 1.04 5.36
C SER A 2 18.11 1.49 6.79
N SER A 3 18.78 2.56 7.20
CA SER A 3 18.64 3.09 8.55
C SER A 3 17.96 4.46 8.52
N GLY A 4 18.54 5.38 7.75
CA GLY A 4 17.98 6.72 7.65
C GLY A 4 16.63 6.74 6.95
N SER A 5 16.65 6.81 5.63
CA SER A 5 15.42 6.84 4.84
C SER A 5 14.54 5.63 5.17
N SER A 6 13.36 5.91 5.72
CA SER A 6 12.43 4.84 6.08
C SER A 6 12.07 4.00 4.86
N GLY A 7 11.36 2.90 5.10
CA GLY A 7 10.96 2.02 4.01
C GLY A 7 10.22 0.79 4.49
N GLN A 8 8.90 0.88 4.55
CA GLN A 8 8.07 -0.23 5.01
C GLN A 8 7.14 -0.69 3.90
N TYR A 9 7.50 -1.79 3.24
CA TYR A 9 6.69 -2.34 2.16
C TYR A 9 5.81 -3.48 2.67
N PHE A 10 4.56 -3.51 2.20
CA PHE A 10 3.62 -4.54 2.60
C PHE A 10 2.93 -5.16 1.38
N VAL A 11 2.52 -6.41 1.52
CA VAL A 11 1.85 -7.12 0.43
C VAL A 11 0.39 -7.39 0.76
N ALA A 12 -0.47 -7.22 -0.24
CA ALA A 12 -1.90 -7.45 -0.05
C ALA A 12 -2.24 -8.94 -0.15
N LEU A 13 -2.61 -9.53 0.98
CA LEU A 13 -2.97 -10.94 1.02
C LEU A 13 -4.27 -11.20 0.28
N PHE A 14 -5.22 -10.28 0.41
CA PHE A 14 -6.51 -10.41 -0.25
C PHE A 14 -6.91 -9.10 -0.92
N ASP A 15 -8.02 -9.14 -1.66
CA ASP A 15 -8.51 -7.95 -2.35
C ASP A 15 -9.31 -7.06 -1.41
N TYR A 16 -9.47 -5.80 -1.78
CA TYR A 16 -10.21 -4.85 -0.97
C TYR A 16 -10.72 -3.69 -1.81
N GLN A 17 -12.03 -3.47 -1.79
CA GLN A 17 -12.65 -2.39 -2.55
C GLN A 17 -12.96 -1.20 -1.66
N ALA A 18 -12.36 -0.06 -1.96
CA ALA A 18 -12.57 1.15 -1.19
C ALA A 18 -13.94 1.75 -1.47
N ARG A 19 -14.67 2.09 -0.42
CA ARG A 19 -16.00 2.67 -0.55
C ARG A 19 -15.92 4.17 -0.84
N THR A 20 -15.08 4.86 -0.07
CA THR A 20 -14.90 6.29 -0.24
C THR A 20 -13.58 6.62 -0.93
N ALA A 21 -13.41 7.87 -1.34
CA ALA A 21 -12.20 8.30 -2.00
C ALA A 21 -11.00 8.23 -1.06
N GLU A 22 -11.17 8.77 0.14
CA GLU A 22 -10.09 8.76 1.14
C GLU A 22 -9.44 7.39 1.22
N ASP A 23 -10.26 6.34 1.23
CA ASP A 23 -9.76 4.98 1.32
C ASP A 23 -9.18 4.54 -0.02
N LEU A 24 -8.07 3.80 0.03
CA LEU A 24 -7.40 3.32 -1.17
C LEU A 24 -7.80 1.88 -1.46
N SER A 25 -7.93 1.56 -2.75
CA SER A 25 -8.31 0.21 -3.16
C SER A 25 -7.08 -0.56 -3.64
N PHE A 26 -7.18 -1.89 -3.63
CA PHE A 26 -6.09 -2.75 -4.06
C PHE A 26 -6.56 -4.19 -4.22
N ARG A 27 -5.68 -5.05 -4.72
CA ARG A 27 -6.00 -6.46 -4.93
C ARG A 27 -4.94 -7.35 -4.29
N ALA A 28 -5.22 -8.66 -4.28
CA ALA A 28 -4.29 -9.62 -3.70
C ALA A 28 -2.98 -9.65 -4.49
N GLY A 29 -1.90 -9.18 -3.85
CA GLY A 29 -0.60 -9.15 -4.50
C GLY A 29 -0.25 -7.79 -5.05
N ASP A 30 -0.76 -6.74 -4.40
CA ASP A 30 -0.50 -5.38 -4.83
C ASP A 30 0.57 -4.73 -3.95
N LYS A 31 1.75 -4.48 -4.53
CA LYS A 31 2.85 -3.87 -3.79
C LYS A 31 2.45 -2.50 -3.26
N LEU A 32 2.30 -2.40 -1.95
CA LEU A 32 1.92 -1.14 -1.31
C LEU A 32 2.94 -0.73 -0.26
N GLN A 33 3.37 0.53 -0.30
CA GLN A 33 4.34 1.03 0.65
C GLN A 33 3.66 1.85 1.74
N VAL A 34 3.81 1.41 2.99
CA VAL A 34 3.21 2.09 4.12
C VAL A 34 3.95 3.38 4.45
N LEU A 35 3.24 4.49 4.44
CA LEU A 35 3.83 5.79 4.73
C LEU A 35 3.54 6.21 6.16
N ASP A 36 2.26 6.25 6.51
CA ASP A 36 1.84 6.64 7.86
C ASP A 36 1.28 5.44 8.62
N THR A 37 1.68 5.30 9.87
CA THR A 37 1.23 4.19 10.71
C THR A 37 0.70 4.70 12.05
N SER A 38 0.06 5.86 12.02
CA SER A 38 -0.48 6.46 13.24
C SER A 38 -1.91 5.97 13.50
N HIS A 39 -2.10 4.66 13.37
CA HIS A 39 -3.42 4.06 13.58
C HIS A 39 -3.34 2.54 13.51
N GLU A 40 -3.70 1.88 14.60
CA GLU A 40 -3.67 0.42 14.67
C GLU A 40 -4.80 -0.18 13.85
N GLY A 41 -4.67 -0.13 12.54
CA GLY A 41 -5.71 -0.68 11.67
C GLY A 41 -5.63 -0.12 10.26
N TRP A 42 -5.75 1.20 10.14
CA TRP A 42 -5.70 1.85 8.84
C TRP A 42 -4.38 2.60 8.66
N TRP A 43 -3.65 2.27 7.60
CA TRP A 43 -2.37 2.92 7.32
C TRP A 43 -2.43 3.67 6.00
N LEU A 44 -1.59 4.70 5.86
CA LEU A 44 -1.54 5.50 4.65
C LEU A 44 -0.43 5.01 3.72
N ALA A 45 -0.81 4.22 2.73
CA ALA A 45 0.14 3.70 1.76
C ALA A 45 -0.13 4.22 0.35
N ARG A 46 0.85 4.09 -0.53
CA ARG A 46 0.72 4.56 -1.90
C ARG A 46 0.91 3.41 -2.89
N HIS A 47 0.33 3.55 -4.08
CA HIS A 47 0.44 2.53 -5.11
C HIS A 47 1.86 2.48 -5.67
N LEU A 48 2.46 1.30 -5.63
CA LEU A 48 3.83 1.11 -6.14
C LEU A 48 3.80 0.52 -7.55
N GLU A 49 2.91 -0.44 -7.77
CA GLU A 49 2.78 -1.09 -9.07
C GLU A 49 2.62 -0.05 -10.18
N LYS A 50 3.23 -0.33 -11.33
CA LYS A 50 3.16 0.58 -12.47
C LYS A 50 1.73 1.06 -12.70
N LYS A 51 1.60 2.25 -13.27
CA LYS A 51 0.28 2.81 -13.55
C LYS A 51 -0.71 1.73 -13.93
N GLY A 52 -1.91 1.80 -13.35
CA GLY A 52 -2.93 0.81 -13.63
C GLY A 52 -3.50 0.95 -15.03
N THR A 53 -4.71 0.45 -15.23
CA THR A 53 -5.34 0.51 -16.54
C THR A 53 -6.43 1.57 -16.56
N GLY A 54 -6.24 2.59 -17.42
CA GLY A 54 -7.21 3.66 -17.51
C GLY A 54 -6.72 4.95 -16.87
N LEU A 55 -7.66 5.74 -16.36
CA LEU A 55 -7.33 7.00 -15.73
C LEU A 55 -7.34 6.86 -14.21
N GLY A 56 -6.17 6.65 -13.63
CA GLY A 56 -6.07 6.50 -12.18
C GLY A 56 -6.55 7.73 -11.45
N GLN A 57 -7.45 7.52 -10.47
CA GLN A 57 -8.00 8.62 -9.70
C GLN A 57 -7.13 8.89 -8.47
N GLN A 58 -6.89 7.86 -7.67
CA GLN A 58 -6.09 7.98 -6.47
C GLN A 58 -4.91 7.02 -6.50
N LEU A 59 -3.84 7.36 -5.78
CA LEU A 59 -2.65 6.53 -5.72
C LEU A 59 -2.38 6.06 -4.30
N GLN A 60 -2.74 6.89 -3.33
CA GLN A 60 -2.54 6.55 -1.92
C GLN A 60 -3.82 6.75 -1.12
N GLY A 61 -3.82 6.27 0.11
CA GLY A 61 -5.00 6.42 0.96
C GLY A 61 -4.96 5.50 2.16
N TYR A 62 -6.05 5.46 2.91
CA TYR A 62 -6.14 4.62 4.11
C TYR A 62 -6.46 3.18 3.73
N ILE A 63 -5.58 2.26 4.11
CA ILE A 63 -5.77 0.84 3.82
C ILE A 63 -5.59 0.00 5.07
N PRO A 64 -6.40 -1.07 5.18
CA PRO A 64 -6.35 -1.99 6.33
C PRO A 64 -5.08 -2.82 6.36
N SER A 65 -4.38 -2.79 7.49
CA SER A 65 -3.14 -3.53 7.64
C SER A 65 -3.40 -5.04 7.64
N ASN A 66 -4.40 -5.46 8.42
CA ASN A 66 -4.75 -6.87 8.51
C ASN A 66 -4.85 -7.49 7.11
N TYR A 67 -5.35 -6.72 6.15
CA TYR A 67 -5.50 -7.20 4.79
C TYR A 67 -4.13 -7.48 4.16
N VAL A 68 -3.14 -6.70 4.56
CA VAL A 68 -1.78 -6.86 4.03
C VAL A 68 -0.84 -7.39 5.11
N ALA A 69 0.42 -7.58 4.74
CA ALA A 69 1.42 -8.09 5.68
C ALA A 69 2.81 -7.59 5.32
N GLU A 70 3.82 -8.04 6.07
CA GLU A 70 5.19 -7.63 5.82
C GLU A 70 5.86 -8.55 4.80
N ASP A 71 6.01 -8.06 3.57
CA ASP A 71 6.62 -8.83 2.50
C ASP A 71 8.12 -8.53 2.41
N SER A 72 8.93 -9.56 2.67
CA SER A 72 10.38 -9.41 2.62
C SER A 72 10.81 -8.59 1.41
N GLY A 73 11.75 -7.67 1.62
CA GLY A 73 12.22 -6.84 0.52
C GLY A 73 13.65 -6.37 0.74
N PRO A 74 14.40 -6.24 -0.36
CA PRO A 74 15.80 -5.79 -0.32
C PRO A 74 15.93 -4.32 0.06
N SER A 75 16.32 -4.07 1.30
CA SER A 75 16.48 -2.71 1.80
C SER A 75 17.63 -2.00 1.09
N SER A 76 18.78 -2.67 1.05
CA SER A 76 19.97 -2.11 0.41
C SER A 76 19.95 -2.37 -1.10
N GLY A 77 20.51 -1.44 -1.87
CA GLY A 77 20.55 -1.58 -3.31
C GLY A 77 21.93 -1.36 -3.88
N GLY A 1 21.63 3.93 -1.03
CA GLY A 1 22.35 2.84 -0.42
C GLY A 1 21.48 2.00 0.50
N SER A 2 21.89 1.88 1.76
CA SER A 2 21.14 1.09 2.72
C SER A 2 20.72 1.96 3.91
N SER A 3 21.71 2.59 4.55
CA SER A 3 21.44 3.44 5.70
C SER A 3 20.78 4.75 5.27
N GLY A 4 19.96 5.32 6.15
CA GLY A 4 19.29 6.56 5.85
C GLY A 4 17.79 6.48 6.08
N SER A 5 17.01 7.03 5.16
CA SER A 5 15.57 7.03 5.27
C SER A 5 15.05 5.62 5.55
N SER A 6 13.82 5.53 6.03
CA SER A 6 13.20 4.24 6.35
C SER A 6 12.23 3.82 5.25
N GLY A 7 11.85 2.55 5.27
CA GLY A 7 10.91 2.04 4.28
C GLY A 7 10.25 0.75 4.71
N GLN A 8 8.94 0.67 4.49
CA GLN A 8 8.17 -0.51 4.87
C GLN A 8 7.30 -0.99 3.71
N TYR A 9 7.62 -2.17 3.18
CA TYR A 9 6.86 -2.73 2.07
C TYR A 9 5.94 -3.85 2.55
N PHE A 10 4.66 -3.72 2.24
CA PHE A 10 3.67 -4.72 2.63
C PHE A 10 3.01 -5.35 1.42
N VAL A 11 2.46 -6.55 1.59
CA VAL A 11 1.79 -7.26 0.50
C VAL A 11 0.31 -7.44 0.80
N ALA A 12 -0.50 -7.39 -0.25
CA ALA A 12 -1.95 -7.55 -0.10
C ALA A 12 -2.34 -9.02 -0.18
N LEU A 13 -2.83 -9.55 0.95
CA LEU A 13 -3.25 -10.94 1.01
C LEU A 13 -4.55 -11.17 0.24
N PHE A 14 -5.36 -10.11 0.15
CA PHE A 14 -6.63 -10.18 -0.55
C PHE A 14 -6.94 -8.87 -1.26
N ASP A 15 -7.97 -8.88 -2.11
CA ASP A 15 -8.37 -7.68 -2.84
C ASP A 15 -9.33 -6.84 -2.01
N TYR A 16 -9.22 -5.52 -2.15
CA TYR A 16 -10.07 -4.60 -1.42
C TYR A 16 -10.62 -3.51 -2.33
N GLN A 17 -11.84 -3.07 -2.05
CA GLN A 17 -12.48 -2.03 -2.84
C GLN A 17 -12.75 -0.78 -2.01
N ALA A 18 -12.19 0.34 -2.43
CA ALA A 18 -12.36 1.60 -1.73
C ALA A 18 -13.84 2.00 -1.67
N ARG A 19 -14.37 2.16 -0.46
CA ARG A 19 -15.76 2.53 -0.27
C ARG A 19 -15.95 4.03 -0.50
N THR A 20 -15.09 4.83 0.12
CA THR A 20 -15.16 6.28 -0.01
C THR A 20 -13.94 6.84 -0.74
N ALA A 21 -13.90 8.16 -0.88
CA ALA A 21 -12.79 8.81 -1.56
C ALA A 21 -11.68 9.17 -0.57
N GLU A 22 -11.48 8.32 0.43
CA GLU A 22 -10.46 8.54 1.44
C GLU A 22 -9.50 7.36 1.53
N ASP A 23 -10.02 6.18 1.24
CA ASP A 23 -9.22 4.96 1.29
C ASP A 23 -8.71 4.58 -0.10
N LEU A 24 -7.59 3.88 -0.16
CA LEU A 24 -7.01 3.46 -1.43
C LEU A 24 -7.43 2.03 -1.78
N SER A 25 -7.56 1.76 -3.06
CA SER A 25 -7.96 0.43 -3.52
C SER A 25 -6.74 -0.39 -3.96
N PHE A 26 -6.88 -1.71 -3.92
CA PHE A 26 -5.79 -2.60 -4.30
C PHE A 26 -6.31 -4.01 -4.53
N ARG A 27 -5.42 -4.89 -5.00
CA ARG A 27 -5.79 -6.27 -5.26
C ARG A 27 -4.84 -7.24 -4.55
N ALA A 28 -5.20 -8.51 -4.51
CA ALA A 28 -4.38 -9.53 -3.87
C ALA A 28 -3.02 -9.65 -4.57
N GLY A 29 -1.96 -9.28 -3.85
CA GLY A 29 -0.63 -9.37 -4.41
C GLY A 29 -0.16 -8.05 -4.99
N ASP A 30 -0.62 -6.96 -4.39
CA ASP A 30 -0.24 -5.62 -4.85
C ASP A 30 0.78 -4.99 -3.92
N LYS A 31 1.94 -4.63 -4.47
CA LYS A 31 3.01 -4.02 -3.69
C LYS A 31 2.60 -2.63 -3.21
N LEU A 32 2.54 -2.45 -1.90
CA LEU A 32 2.17 -1.16 -1.32
C LEU A 32 3.14 -0.76 -0.20
N GLN A 33 3.58 0.48 -0.24
CA GLN A 33 4.52 0.99 0.78
C GLN A 33 3.77 1.79 1.85
N VAL A 34 3.85 1.32 3.09
CA VAL A 34 3.20 1.98 4.20
C VAL A 34 3.95 3.25 4.60
N LEU A 35 3.26 4.39 4.50
CA LEU A 35 3.87 5.67 4.85
C LEU A 35 3.47 6.08 6.26
N ASP A 36 2.18 6.14 6.52
CA ASP A 36 1.68 6.52 7.84
C ASP A 36 1.09 5.31 8.57
N THR A 37 1.46 5.16 9.83
CA THR A 37 0.99 4.04 10.64
C THR A 37 0.45 4.53 11.98
N SER A 38 -0.15 5.71 11.98
CA SER A 38 -0.70 6.28 13.21
C SER A 38 -1.84 5.42 13.76
N HIS A 39 -2.93 5.36 13.02
CA HIS A 39 -4.09 4.57 13.43
C HIS A 39 -3.73 3.09 13.50
N GLU A 40 -4.20 2.43 14.56
CA GLU A 40 -3.93 1.00 14.74
C GLU A 40 -4.85 0.16 13.88
N GLY A 41 -4.91 0.48 12.59
CA GLY A 41 -5.76 -0.26 11.68
C GLY A 41 -5.63 0.23 10.24
N TRP A 42 -5.72 1.53 10.05
CA TRP A 42 -5.62 2.13 8.72
C TRP A 42 -4.24 2.75 8.52
N TRP A 43 -3.60 2.40 7.40
CA TRP A 43 -2.28 2.92 7.09
C TRP A 43 -2.28 3.64 5.74
N LEU A 44 -1.54 4.73 5.65
CA LEU A 44 -1.46 5.50 4.42
C LEU A 44 -0.31 5.03 3.54
N ALA A 45 -0.65 4.26 2.50
CA ALA A 45 0.35 3.74 1.59
C ALA A 45 0.19 4.33 0.19
N ARG A 46 1.20 4.13 -0.66
CA ARG A 46 1.16 4.65 -2.02
C ARG A 46 1.45 3.54 -3.02
N HIS A 47 0.73 3.57 -4.15
CA HIS A 47 0.91 2.57 -5.19
C HIS A 47 2.34 2.61 -5.74
N LEU A 48 2.99 1.44 -5.75
CA LEU A 48 4.36 1.34 -6.24
C LEU A 48 4.39 0.76 -7.65
N GLU A 49 3.51 -0.21 -7.91
CA GLU A 49 3.45 -0.85 -9.22
C GLU A 49 3.04 0.16 -10.29
N LYS A 50 3.70 0.08 -11.44
CA LYS A 50 3.40 0.97 -12.55
C LYS A 50 2.25 0.45 -13.40
N LYS A 51 1.19 1.24 -13.51
CA LYS A 51 0.02 0.86 -14.29
C LYS A 51 -0.29 1.89 -15.37
N GLY A 52 -0.44 3.15 -14.94
CA GLY A 52 -0.73 4.21 -15.88
C GLY A 52 -2.17 4.68 -15.80
N THR A 53 -3.09 3.85 -16.30
CA THR A 53 -4.50 4.19 -16.27
C THR A 53 -5.35 3.01 -15.83
N GLY A 54 -6.57 3.28 -15.38
CA GLY A 54 -7.45 2.22 -14.94
C GLY A 54 -8.44 2.70 -13.89
N LEU A 55 -9.03 1.75 -13.16
CA LEU A 55 -10.00 2.08 -12.12
C LEU A 55 -9.32 2.76 -10.94
N GLY A 56 -9.87 3.90 -10.53
CA GLY A 56 -9.30 4.63 -9.41
C GLY A 56 -8.11 5.47 -9.80
N GLN A 57 -8.30 6.78 -9.88
CA GLN A 57 -7.23 7.69 -10.26
C GLN A 57 -6.47 8.19 -9.03
N GLN A 58 -6.30 7.29 -8.06
CA GLN A 58 -5.60 7.65 -6.83
C GLN A 58 -4.40 6.74 -6.61
N LEU A 59 -3.37 7.26 -5.96
CA LEU A 59 -2.16 6.48 -5.68
C LEU A 59 -1.91 6.38 -4.18
N GLN A 60 -2.26 7.43 -3.45
CA GLN A 60 -2.08 7.45 -2.01
C GLN A 60 -3.43 7.51 -1.29
N GLY A 61 -3.58 6.70 -0.25
CA GLY A 61 -4.82 6.67 0.49
C GLY A 61 -4.76 5.73 1.68
N TYR A 62 -5.84 5.69 2.47
CA TYR A 62 -5.90 4.84 3.64
C TYR A 62 -6.29 3.41 3.26
N ILE A 63 -5.59 2.44 3.84
CA ILE A 63 -5.86 1.04 3.57
C ILE A 63 -5.76 0.20 4.83
N PRO A 64 -6.60 -0.85 4.91
CA PRO A 64 -6.61 -1.75 6.06
C PRO A 64 -5.36 -2.62 6.14
N SER A 65 -4.81 -2.76 7.35
CA SER A 65 -3.61 -3.55 7.56
C SER A 65 -3.93 -5.04 7.55
N ASN A 66 -5.05 -5.40 8.17
CA ASN A 66 -5.48 -6.79 8.22
C ASN A 66 -5.54 -7.41 6.82
N TYR A 67 -5.64 -6.55 5.81
CA TYR A 67 -5.71 -7.01 4.43
C TYR A 67 -4.31 -7.27 3.88
N VAL A 68 -3.33 -6.57 4.41
CA VAL A 68 -1.95 -6.73 3.98
C VAL A 68 -1.09 -7.34 5.07
N ALA A 69 0.16 -7.63 4.75
CA ALA A 69 1.09 -8.22 5.71
C ALA A 69 2.54 -7.90 5.35
N GLU A 70 3.46 -8.26 6.24
CA GLU A 70 4.87 -8.01 6.01
C GLU A 70 5.44 -9.00 5.00
N ASP A 71 5.74 -8.51 3.80
CA ASP A 71 6.30 -9.35 2.74
C ASP A 71 7.82 -9.29 2.74
N SER A 72 8.44 -10.25 2.06
CA SER A 72 9.89 -10.31 1.99
C SER A 72 10.40 -9.64 0.71
N GLY A 73 11.36 -8.74 0.87
CA GLY A 73 11.92 -8.05 -0.28
C GLY A 73 13.21 -8.67 -0.77
N PRO A 74 13.43 -8.63 -2.09
CA PRO A 74 14.63 -9.20 -2.72
C PRO A 74 15.89 -8.40 -2.38
N SER A 75 16.46 -8.70 -1.21
CA SER A 75 17.68 -8.02 -0.78
C SER A 75 18.39 -8.82 0.30
N SER A 76 19.71 -8.97 0.14
CA SER A 76 20.51 -9.73 1.08
C SER A 76 20.71 -8.95 2.38
N GLY A 77 20.03 -9.40 3.44
CA GLY A 77 20.15 -8.72 4.72
C GLY A 77 20.09 -9.69 5.89
N GLY A 1 19.36 7.20 -6.41
CA GLY A 1 20.25 8.07 -5.68
C GLY A 1 19.50 9.08 -4.84
N SER A 2 18.66 8.59 -3.93
CA SER A 2 17.88 9.46 -3.06
C SER A 2 18.11 9.10 -1.59
N SER A 3 17.94 10.10 -0.72
CA SER A 3 18.13 9.89 0.72
C SER A 3 16.88 9.30 1.35
N GLY A 4 17.03 8.74 2.54
CA GLY A 4 15.90 8.15 3.24
C GLY A 4 16.23 6.80 3.85
N SER A 5 16.03 6.69 5.16
CA SER A 5 16.31 5.44 5.87
C SER A 5 15.02 4.77 6.32
N SER A 6 14.02 4.77 5.44
CA SER A 6 12.73 4.16 5.76
C SER A 6 12.08 3.60 4.50
N GLY A 7 11.66 2.34 4.56
CA GLY A 7 11.03 1.70 3.42
C GLY A 7 10.16 0.53 3.83
N GLN A 8 8.94 0.82 4.23
CA GLN A 8 8.00 -0.22 4.65
C GLN A 8 7.09 -0.63 3.49
N TYR A 9 7.38 -1.78 2.89
CA TYR A 9 6.59 -2.28 1.78
C TYR A 9 5.67 -3.42 2.23
N PHE A 10 4.43 -3.39 1.76
CA PHE A 10 3.45 -4.41 2.10
C PHE A 10 2.74 -4.94 0.86
N VAL A 11 2.30 -6.19 0.92
CA VAL A 11 1.61 -6.81 -0.20
C VAL A 11 0.16 -7.14 0.15
N ALA A 12 -0.73 -6.98 -0.82
CA ALA A 12 -2.15 -7.25 -0.60
C ALA A 12 -2.45 -8.73 -0.81
N LEU A 13 -3.00 -9.36 0.22
CA LEU A 13 -3.34 -10.78 0.16
C LEU A 13 -4.64 -10.99 -0.60
N PHE A 14 -5.50 -9.99 -0.58
CA PHE A 14 -6.78 -10.06 -1.28
C PHE A 14 -7.15 -8.71 -1.89
N ASP A 15 -8.21 -8.70 -2.69
CA ASP A 15 -8.67 -7.48 -3.33
C ASP A 15 -9.55 -6.66 -2.39
N TYR A 16 -9.37 -5.34 -2.42
CA TYR A 16 -10.14 -4.45 -1.56
C TYR A 16 -10.68 -3.26 -2.36
N GLN A 17 -11.87 -2.81 -1.98
CA GLN A 17 -12.51 -1.67 -2.65
C GLN A 17 -12.71 -0.52 -1.70
N ALA A 18 -11.97 0.57 -1.91
CA ALA A 18 -12.08 1.75 -1.05
C ALA A 18 -13.53 2.20 -0.93
N ARG A 19 -14.08 2.08 0.27
CA ARG A 19 -15.45 2.48 0.52
C ARG A 19 -15.64 3.98 0.31
N THR A 20 -14.59 4.74 0.61
CA THR A 20 -14.63 6.19 0.45
C THR A 20 -13.46 6.69 -0.39
N ALA A 21 -13.58 7.91 -0.90
CA ALA A 21 -12.53 8.50 -1.71
C ALA A 21 -11.21 8.55 -0.94
N GLU A 22 -11.28 8.93 0.33
CA GLU A 22 -10.10 9.03 1.17
C GLU A 22 -9.30 7.72 1.14
N ASP A 23 -9.99 6.61 1.33
CA ASP A 23 -9.35 5.29 1.33
C ASP A 23 -8.82 4.96 -0.06
N LEU A 24 -7.77 4.15 -0.11
CA LEU A 24 -7.16 3.75 -1.37
C LEU A 24 -7.63 2.36 -1.78
N SER A 25 -7.59 2.08 -3.09
CA SER A 25 -8.00 0.79 -3.61
C SER A 25 -6.81 -0.01 -4.12
N PHE A 26 -6.93 -1.33 -4.08
CA PHE A 26 -5.85 -2.21 -4.53
C PHE A 26 -6.38 -3.60 -4.82
N ARG A 27 -5.52 -4.45 -5.39
CA ARG A 27 -5.91 -5.82 -5.72
C ARG A 27 -4.92 -6.81 -5.12
N ALA A 28 -5.33 -8.07 -5.06
CA ALA A 28 -4.47 -9.13 -4.51
C ALA A 28 -3.17 -9.25 -5.29
N GLY A 29 -2.07 -8.83 -4.66
CA GLY A 29 -0.78 -8.88 -5.31
C GLY A 29 -0.29 -7.53 -5.76
N ASP A 30 -0.66 -6.49 -5.02
CA ASP A 30 -0.26 -5.13 -5.35
C ASP A 30 0.81 -4.64 -4.39
N LYS A 31 1.79 -3.91 -4.93
CA LYS A 31 2.89 -3.39 -4.12
C LYS A 31 2.55 -2.00 -3.60
N LEU A 32 2.24 -1.92 -2.31
CA LEU A 32 1.90 -0.65 -1.67
C LEU A 32 2.88 -0.31 -0.55
N GLN A 33 3.36 0.92 -0.55
CA GLN A 33 4.31 1.37 0.47
C GLN A 33 3.59 2.09 1.60
N VAL A 34 3.71 1.53 2.81
CA VAL A 34 3.07 2.12 3.98
C VAL A 34 3.81 3.37 4.45
N LEU A 35 3.09 4.49 4.49
CA LEU A 35 3.68 5.75 4.92
C LEU A 35 3.39 6.01 6.39
N ASP A 36 2.11 6.05 6.74
CA ASP A 36 1.69 6.29 8.12
C ASP A 36 1.20 5.00 8.77
N THR A 37 1.59 4.80 10.03
CA THR A 37 1.20 3.60 10.77
C THR A 37 0.68 3.96 12.16
N SER A 38 0.10 5.16 12.28
CA SER A 38 -0.43 5.62 13.56
C SER A 38 -1.85 5.09 13.78
N HIS A 39 -2.75 5.47 12.88
CA HIS A 39 -4.15 5.04 12.97
C HIS A 39 -4.25 3.52 12.93
N GLU A 40 -4.07 2.88 14.08
CA GLU A 40 -4.14 1.43 14.16
C GLU A 40 -5.22 0.88 13.23
N GLY A 41 -4.88 -0.16 12.49
CA GLY A 41 -5.84 -0.76 11.57
C GLY A 41 -5.75 -0.17 10.18
N TRP A 42 -5.84 1.16 10.09
CA TRP A 42 -5.78 1.85 8.81
C TRP A 42 -4.42 2.53 8.63
N TRP A 43 -3.78 2.25 7.50
CA TRP A 43 -2.48 2.85 7.20
C TRP A 43 -2.52 3.65 5.91
N LEU A 44 -1.69 4.68 5.83
CA LEU A 44 -1.63 5.53 4.64
C LEU A 44 -0.50 5.10 3.71
N ALA A 45 -0.85 4.34 2.68
CA ALA A 45 0.13 3.87 1.71
C ALA A 45 -0.11 4.47 0.33
N ARG A 46 0.89 4.38 -0.53
CA ARG A 46 0.79 4.92 -1.89
C ARG A 46 1.08 3.85 -2.92
N HIS A 47 0.44 3.96 -4.08
CA HIS A 47 0.63 3.01 -5.17
C HIS A 47 2.07 3.04 -5.68
N LEU A 48 2.67 1.87 -5.86
CA LEU A 48 4.04 1.77 -6.35
C LEU A 48 4.07 1.25 -7.78
N GLU A 49 3.12 0.38 -8.11
CA GLU A 49 3.05 -0.20 -9.45
C GLU A 49 2.90 0.90 -10.49
N LYS A 50 3.81 0.92 -11.46
CA LYS A 50 3.79 1.92 -12.52
C LYS A 50 2.91 1.45 -13.68
N LYS A 51 3.07 0.19 -14.07
CA LYS A 51 2.30 -0.38 -15.16
C LYS A 51 0.90 -0.78 -14.69
N GLY A 52 0.76 -1.00 -13.38
CA GLY A 52 -0.51 -1.39 -12.83
C GLY A 52 -1.67 -0.66 -13.49
N THR A 53 -2.55 -1.42 -14.14
CA THR A 53 -3.70 -0.85 -14.81
C THR A 53 -4.98 -1.09 -14.03
N GLY A 54 -5.59 -0.01 -13.54
CA GLY A 54 -6.82 -0.13 -12.79
C GLY A 54 -7.63 1.15 -12.77
N LEU A 55 -8.16 1.50 -11.61
CA LEU A 55 -8.96 2.71 -11.47
C LEU A 55 -8.56 3.49 -10.22
N GLY A 56 -9.16 4.66 -10.04
CA GLY A 56 -8.85 5.48 -8.88
C GLY A 56 -8.14 6.76 -9.25
N GLN A 57 -8.64 7.89 -8.75
CA GLN A 57 -8.05 9.18 -9.05
C GLN A 57 -6.80 9.42 -8.20
N GLN A 58 -6.89 9.07 -6.91
CA GLN A 58 -5.77 9.25 -5.99
C GLN A 58 -4.76 8.12 -6.15
N LEU A 59 -3.57 8.32 -5.59
CA LEU A 59 -2.52 7.32 -5.66
C LEU A 59 -2.24 6.71 -4.29
N GLN A 60 -2.50 7.49 -3.24
CA GLN A 60 -2.28 7.02 -1.87
C GLN A 60 -3.48 7.35 -0.99
N GLY A 61 -3.82 6.42 -0.10
CA GLY A 61 -4.95 6.64 0.79
C GLY A 61 -4.93 5.70 1.99
N TYR A 62 -6.04 5.63 2.70
CA TYR A 62 -6.15 4.77 3.88
C TYR A 62 -6.51 3.34 3.47
N ILE A 63 -5.75 2.38 3.98
CA ILE A 63 -6.00 0.97 3.68
C ILE A 63 -5.81 0.10 4.91
N PRO A 64 -6.65 -0.94 5.03
CA PRO A 64 -6.60 -1.87 6.16
C PRO A 64 -5.34 -2.74 6.14
N SER A 65 -4.73 -2.91 7.31
CA SER A 65 -3.52 -3.72 7.42
C SER A 65 -3.85 -5.21 7.40
N ASN A 66 -5.06 -5.55 7.85
CA ASN A 66 -5.50 -6.94 7.89
C ASN A 66 -5.64 -7.49 6.47
N TYR A 67 -5.62 -6.60 5.49
CA TYR A 67 -5.75 -7.00 4.10
C TYR A 67 -4.39 -7.23 3.45
N VAL A 68 -3.39 -6.51 3.96
CA VAL A 68 -2.03 -6.63 3.44
C VAL A 68 -1.11 -7.29 4.47
N ALA A 69 0.12 -7.59 4.04
CA ALA A 69 1.09 -8.22 4.92
C ALA A 69 2.51 -7.88 4.49
N GLU A 70 3.47 -8.13 5.39
CA GLU A 70 4.87 -7.84 5.10
C GLU A 70 5.40 -8.76 4.00
N ASP A 71 5.66 -8.18 2.84
CA ASP A 71 6.17 -8.94 1.71
C ASP A 71 7.69 -8.87 1.65
N SER A 72 8.32 -10.01 1.41
CA SER A 72 9.78 -10.08 1.33
C SER A 72 10.29 -9.37 0.08
N GLY A 73 10.92 -8.22 0.28
CA GLY A 73 11.45 -7.46 -0.84
C GLY A 73 12.86 -7.86 -1.19
N PRO A 74 13.23 -7.70 -2.47
CA PRO A 74 14.57 -8.04 -2.96
C PRO A 74 15.63 -7.08 -2.44
N SER A 75 16.29 -7.48 -1.35
CA SER A 75 17.34 -6.66 -0.74
C SER A 75 18.70 -6.99 -1.34
N SER A 76 19.59 -5.99 -1.35
CA SER A 76 20.92 -6.18 -1.89
C SER A 76 21.99 -5.90 -0.83
N GLY A 77 22.56 -6.96 -0.29
CA GLY A 77 23.59 -6.80 0.74
C GLY A 77 24.75 -5.97 0.26
N GLY A 1 28.55 1.81 9.52
CA GLY A 1 28.13 2.72 8.47
C GLY A 1 26.78 3.36 8.77
N SER A 2 26.04 3.67 7.71
CA SER A 2 24.73 4.29 7.85
C SER A 2 23.71 3.63 6.93
N SER A 3 22.60 3.18 7.50
CA SER A 3 21.55 2.53 6.73
C SER A 3 20.25 3.33 6.79
N GLY A 4 19.24 2.88 6.05
CA GLY A 4 17.97 3.56 6.03
C GLY A 4 17.43 3.73 4.63
N SER A 5 16.11 3.65 4.49
CA SER A 5 15.47 3.80 3.19
C SER A 5 13.98 4.09 3.34
N SER A 6 13.46 4.95 2.47
CA SER A 6 12.05 5.32 2.50
C SER A 6 11.26 4.58 1.42
N GLY A 7 10.34 3.73 1.86
CA GLY A 7 9.53 2.98 0.92
C GLY A 7 9.22 1.57 1.41
N GLN A 8 8.31 1.48 2.37
CA GLN A 8 7.93 0.18 2.93
C GLN A 8 6.95 -0.54 2.01
N TYR A 9 7.28 -1.79 1.68
CA TYR A 9 6.43 -2.59 0.81
C TYR A 9 5.63 -3.61 1.60
N PHE A 10 4.32 -3.65 1.37
CA PHE A 10 3.46 -4.59 2.06
C PHE A 10 2.67 -5.44 1.08
N VAL A 11 2.31 -6.65 1.50
CA VAL A 11 1.55 -7.56 0.65
C VAL A 11 0.16 -7.82 1.22
N ALA A 12 -0.86 -7.69 0.39
CA ALA A 12 -2.23 -7.90 0.81
C ALA A 12 -2.51 -9.39 1.04
N LEU A 13 -2.61 -9.79 2.30
CA LEU A 13 -2.87 -11.18 2.65
C LEU A 13 -4.22 -11.63 2.12
N PHE A 14 -5.20 -10.73 2.16
CA PHE A 14 -6.55 -11.04 1.68
C PHE A 14 -7.08 -9.92 0.80
N ASP A 15 -8.27 -10.12 0.25
CA ASP A 15 -8.90 -9.11 -0.61
C ASP A 15 -9.73 -8.14 0.20
N TYR A 16 -9.63 -6.86 -0.12
CA TYR A 16 -10.37 -5.83 0.57
C TYR A 16 -11.03 -4.85 -0.41
N GLN A 17 -12.24 -4.43 -0.10
CA GLN A 17 -12.97 -3.50 -0.96
C GLN A 17 -13.31 -2.22 -0.21
N ALA A 18 -13.05 -1.08 -0.86
CA ALA A 18 -13.33 0.22 -0.25
C ALA A 18 -14.81 0.38 0.06
N ARG A 19 -15.12 0.66 1.33
CA ARG A 19 -16.50 0.83 1.76
C ARG A 19 -16.94 2.28 1.60
N THR A 20 -16.03 3.21 1.91
CA THR A 20 -16.33 4.63 1.80
C THR A 20 -15.56 5.28 0.66
N ALA A 21 -15.81 6.56 0.42
CA ALA A 21 -15.13 7.29 -0.64
C ALA A 21 -13.63 7.42 -0.36
N GLU A 22 -13.30 7.74 0.89
CA GLU A 22 -11.90 7.90 1.29
C GLU A 22 -11.30 6.55 1.69
N ASP A 23 -10.96 5.75 0.69
CA ASP A 23 -10.37 4.44 0.93
C ASP A 23 -9.87 3.82 -0.38
N LEU A 24 -8.90 2.92 -0.27
CA LEU A 24 -8.33 2.26 -1.44
C LEU A 24 -8.71 0.78 -1.47
N SER A 25 -8.84 0.23 -2.67
CA SER A 25 -9.21 -1.16 -2.84
C SER A 25 -8.03 -1.98 -3.34
N PHE A 26 -8.06 -3.29 -3.10
CA PHE A 26 -6.99 -4.18 -3.53
C PHE A 26 -7.40 -5.64 -3.35
N ARG A 27 -6.58 -6.54 -3.90
CA ARG A 27 -6.85 -7.97 -3.80
C ARG A 27 -5.63 -8.72 -3.27
N ALA A 28 -5.87 -9.91 -2.73
CA ALA A 28 -4.79 -10.73 -2.20
C ALA A 28 -3.59 -10.75 -3.14
N GLY A 29 -2.46 -10.25 -2.67
CA GLY A 29 -1.26 -10.22 -3.49
C GLY A 29 -0.95 -8.84 -4.02
N ASP A 30 -2.00 -8.08 -4.34
CA ASP A 30 -1.84 -6.73 -4.86
C ASP A 30 -0.74 -5.98 -4.12
N LYS A 31 0.38 -5.75 -4.80
CA LYS A 31 1.51 -5.04 -4.20
C LYS A 31 1.14 -3.59 -3.89
N LEU A 32 1.28 -3.22 -2.63
CA LEU A 32 0.97 -1.86 -2.20
C LEU A 32 2.10 -1.27 -1.36
N GLN A 33 2.42 -0.01 -1.61
CA GLN A 33 3.49 0.67 -0.87
C GLN A 33 2.91 1.58 0.21
N VAL A 34 3.32 1.35 1.45
CA VAL A 34 2.85 2.15 2.57
C VAL A 34 3.61 3.46 2.66
N LEU A 35 2.88 4.58 2.61
CA LEU A 35 3.49 5.90 2.69
C LEU A 35 3.30 6.50 4.08
N ASP A 36 2.06 6.53 4.54
CA ASP A 36 1.74 7.08 5.85
C ASP A 36 1.40 5.96 6.84
N THR A 37 1.98 6.04 8.04
CA THR A 37 1.75 5.04 9.06
C THR A 37 1.48 5.69 10.41
N SER A 38 0.66 6.73 10.41
CA SER A 38 0.32 7.45 11.64
C SER A 38 -0.73 6.69 12.44
N HIS A 39 -1.84 6.35 11.78
CA HIS A 39 -2.92 5.62 12.43
C HIS A 39 -2.54 4.16 12.63
N GLU A 40 -3.03 3.57 13.72
CA GLU A 40 -2.74 2.17 14.03
C GLU A 40 -3.81 1.24 13.44
N GLY A 41 -4.10 1.43 12.15
CA GLY A 41 -5.10 0.62 11.49
C GLY A 41 -5.24 0.93 10.01
N TRP A 42 -5.32 2.21 9.69
CA TRP A 42 -5.45 2.65 8.30
C TRP A 42 -4.18 3.35 7.84
N TRP A 43 -3.52 2.76 6.85
CA TRP A 43 -2.29 3.33 6.30
C TRP A 43 -2.51 3.85 4.89
N LEU A 44 -1.86 4.96 4.56
CA LEU A 44 -1.98 5.56 3.23
C LEU A 44 -0.97 4.96 2.27
N ALA A 45 -1.42 4.01 1.46
CA ALA A 45 -0.55 3.35 0.49
C ALA A 45 -0.98 3.67 -0.94
N ARG A 46 -0.11 3.38 -1.90
CA ARG A 46 -0.39 3.65 -3.30
C ARG A 46 -0.19 2.39 -4.14
N HIS A 47 -1.00 2.25 -5.19
CA HIS A 47 -0.92 1.09 -6.06
C HIS A 47 0.44 1.05 -6.78
N LEU A 48 1.11 -0.08 -6.70
CA LEU A 48 2.42 -0.24 -7.34
C LEU A 48 2.29 -0.97 -8.67
N GLU A 49 1.30 -1.85 -8.76
CA GLU A 49 1.06 -2.62 -9.99
C GLU A 49 0.48 -1.73 -11.07
N LYS A 50 1.36 -1.04 -11.81
CA LYS A 50 0.95 -0.16 -12.88
C LYS A 50 2.15 0.34 -13.67
N LYS A 51 1.99 0.45 -14.98
CA LYS A 51 3.06 0.92 -15.85
C LYS A 51 2.75 2.32 -16.41
N GLY A 52 3.00 3.34 -15.60
CA GLY A 52 2.74 4.70 -16.03
C GLY A 52 2.72 5.68 -14.87
N THR A 53 2.93 6.96 -15.18
CA THR A 53 2.94 8.00 -14.15
C THR A 53 1.92 9.10 -14.47
N GLY A 54 1.23 9.57 -13.43
CA GLY A 54 0.24 10.61 -13.63
C GLY A 54 -1.03 10.36 -12.84
N LEU A 55 -1.49 11.37 -12.11
CA LEU A 55 -2.70 11.24 -11.32
C LEU A 55 -3.75 10.40 -12.03
N GLY A 56 -4.42 9.54 -11.30
CA GLY A 56 -5.44 8.69 -11.88
C GLY A 56 -6.72 8.67 -11.06
N GLN A 57 -7.01 7.55 -10.42
CA GLN A 57 -8.21 7.42 -9.60
C GLN A 57 -7.87 6.93 -8.20
N GLN A 58 -7.67 7.87 -7.29
CA GLN A 58 -7.33 7.53 -5.91
C GLN A 58 -6.35 6.36 -5.85
N LEU A 59 -5.33 6.41 -6.71
CA LEU A 59 -4.32 5.36 -6.76
C LEU A 59 -3.80 5.03 -5.37
N GLN A 60 -3.99 5.96 -4.44
CA GLN A 60 -3.55 5.78 -3.07
C GLN A 60 -4.60 6.24 -2.07
N GLY A 61 -4.81 5.47 -1.01
CA GLY A 61 -5.80 5.82 -0.01
C GLY A 61 -5.59 5.07 1.30
N TYR A 62 -6.61 5.08 2.14
CA TYR A 62 -6.52 4.41 3.43
C TYR A 62 -6.84 2.92 3.29
N ILE A 63 -5.97 2.08 3.85
CA ILE A 63 -6.15 0.63 3.79
C ILE A 63 -5.81 -0.02 5.13
N PRO A 64 -6.54 -1.10 5.45
CA PRO A 64 -6.33 -1.84 6.70
C PRO A 64 -5.01 -2.60 6.71
N SER A 65 -4.20 -2.35 7.74
CA SER A 65 -2.91 -3.00 7.86
C SER A 65 -3.08 -4.49 8.14
N ASN A 66 -3.96 -4.82 9.07
CA ASN A 66 -4.22 -6.21 9.43
C ASN A 66 -4.43 -7.06 8.19
N TYR A 67 -4.98 -6.43 7.14
CA TYR A 67 -5.23 -7.14 5.89
C TYR A 67 -3.94 -7.43 5.14
N VAL A 68 -2.96 -6.54 5.30
CA VAL A 68 -1.67 -6.70 4.64
C VAL A 68 -0.59 -7.05 5.65
N ALA A 69 0.65 -7.19 5.15
CA ALA A 69 1.78 -7.52 6.01
C ALA A 69 3.10 -7.18 5.34
N GLU A 70 4.18 -7.15 6.12
CA GLU A 70 5.50 -6.85 5.59
C GLU A 70 6.04 -8.02 4.79
N ASP A 71 6.09 -7.86 3.47
CA ASP A 71 6.61 -8.91 2.59
C ASP A 71 8.09 -8.71 2.31
N SER A 72 8.75 -9.77 1.85
CA SER A 72 10.18 -9.72 1.55
C SER A 72 10.42 -9.02 0.22
N GLY A 73 11.58 -8.38 0.10
CA GLY A 73 11.92 -7.68 -1.13
C GLY A 73 13.00 -8.39 -1.92
N PRO A 74 12.62 -9.44 -2.66
CA PRO A 74 13.55 -10.21 -3.47
C PRO A 74 14.07 -9.43 -4.67
N SER A 75 13.65 -8.18 -4.78
CA SER A 75 14.07 -7.33 -5.88
C SER A 75 15.59 -7.21 -5.94
N SER A 76 16.16 -7.53 -7.09
CA SER A 76 17.61 -7.46 -7.27
C SER A 76 18.00 -6.22 -8.08
N GLY A 77 19.31 -6.03 -8.25
CA GLY A 77 19.79 -4.88 -8.99
C GLY A 77 20.42 -3.83 -8.11
N GLY A 1 29.89 9.58 0.39
CA GLY A 1 28.83 8.92 1.14
C GLY A 1 27.71 8.43 0.24
N SER A 2 26.80 7.65 0.81
CA SER A 2 25.68 7.11 0.04
C SER A 2 24.39 7.12 0.88
N SER A 3 23.32 7.65 0.32
CA SER A 3 22.04 7.73 1.01
C SER A 3 20.93 7.12 0.16
N GLY A 4 20.49 5.92 0.54
CA GLY A 4 19.44 5.25 -0.20
C GLY A 4 18.07 5.50 0.39
N SER A 5 17.03 5.03 -0.29
CA SER A 5 15.66 5.20 0.17
C SER A 5 14.92 3.87 0.21
N SER A 6 14.63 3.40 1.41
CA SER A 6 13.91 2.13 1.58
C SER A 6 12.92 2.21 2.73
N GLY A 7 11.64 2.26 2.40
CA GLY A 7 10.61 2.33 3.41
C GLY A 7 10.11 0.97 3.84
N GLN A 8 8.84 0.90 4.22
CA GLN A 8 8.24 -0.36 4.64
C GLN A 8 7.26 -0.89 3.60
N TYR A 9 7.62 -1.99 2.95
CA TYR A 9 6.78 -2.59 1.93
C TYR A 9 5.91 -3.70 2.51
N PHE A 10 4.64 -3.71 2.14
CA PHE A 10 3.71 -4.72 2.63
C PHE A 10 3.02 -5.43 1.47
N VAL A 11 2.57 -6.66 1.71
CA VAL A 11 1.89 -7.44 0.69
C VAL A 11 0.41 -7.62 1.03
N ALA A 12 -0.44 -7.49 0.02
CA ALA A 12 -1.88 -7.64 0.20
C ALA A 12 -2.28 -9.12 0.21
N LEU A 13 -2.62 -9.62 1.39
CA LEU A 13 -3.03 -11.01 1.53
C LEU A 13 -4.36 -11.28 0.82
N PHE A 14 -5.23 -10.27 0.82
CA PHE A 14 -6.53 -10.39 0.18
C PHE A 14 -6.85 -9.15 -0.65
N ASP A 15 -7.88 -9.25 -1.47
CA ASP A 15 -8.29 -8.12 -2.33
C ASP A 15 -9.20 -7.17 -1.56
N TYR A 16 -9.00 -5.88 -1.78
CA TYR A 16 -9.80 -4.86 -1.11
C TYR A 16 -10.34 -3.84 -2.11
N GLN A 17 -11.54 -3.33 -1.84
CA GLN A 17 -12.17 -2.35 -2.73
C GLN A 17 -12.46 -1.06 -1.98
N ALA A 18 -11.79 0.02 -2.41
CA ALA A 18 -11.97 1.32 -1.78
C ALA A 18 -13.31 1.94 -2.17
N ARG A 19 -14.26 1.92 -1.24
CA ARG A 19 -15.59 2.48 -1.48
C ARG A 19 -15.50 3.96 -1.80
N THR A 20 -14.73 4.69 -1.00
CA THR A 20 -14.56 6.13 -1.20
C THR A 20 -13.19 6.45 -1.79
N ALA A 21 -12.97 7.73 -2.07
CA ALA A 21 -11.69 8.17 -2.64
C ALA A 21 -10.59 8.16 -1.57
N GLU A 22 -10.90 8.68 -0.39
CA GLU A 22 -9.94 8.73 0.70
C GLU A 22 -9.19 7.40 0.82
N ASP A 23 -9.92 6.31 0.69
CA ASP A 23 -9.33 4.97 0.78
C ASP A 23 -8.70 4.57 -0.54
N LEU A 24 -7.90 3.51 -0.51
CA LEU A 24 -7.22 3.02 -1.71
C LEU A 24 -7.71 1.62 -2.07
N SER A 25 -7.59 1.25 -3.34
CA SER A 25 -8.02 -0.05 -3.81
C SER A 25 -6.84 -0.88 -4.29
N PHE A 26 -6.73 -2.11 -3.79
CA PHE A 26 -5.65 -3.00 -4.16
C PHE A 26 -6.15 -4.43 -4.32
N ARG A 27 -5.28 -5.31 -4.82
CA ARG A 27 -5.63 -6.70 -5.03
C ARG A 27 -4.69 -7.62 -4.25
N ALA A 28 -5.06 -8.90 -4.16
CA ALA A 28 -4.25 -9.87 -3.45
C ALA A 28 -2.88 -10.03 -4.09
N GLY A 29 -1.86 -9.51 -3.43
CA GLY A 29 -0.51 -9.60 -3.97
C GLY A 29 0.10 -8.23 -4.23
N ASP A 30 -0.70 -7.31 -4.74
CA ASP A 30 -0.24 -5.97 -5.05
C ASP A 30 0.74 -5.47 -4.00
N LYS A 31 1.83 -4.86 -4.45
CA LYS A 31 2.84 -4.34 -3.54
C LYS A 31 2.52 -2.91 -3.12
N LEU A 32 2.25 -2.72 -1.83
CA LEU A 32 1.93 -1.40 -1.30
C LEU A 32 2.94 -0.98 -0.24
N GLN A 33 3.46 0.23 -0.38
CA GLN A 33 4.44 0.76 0.57
C GLN A 33 3.77 1.62 1.63
N VAL A 34 3.89 1.21 2.88
CA VAL A 34 3.29 1.93 3.99
C VAL A 34 4.04 3.24 4.26
N LEU A 35 3.30 4.34 4.30
CA LEU A 35 3.90 5.65 4.53
C LEU A 35 3.58 6.14 5.95
N ASP A 36 2.29 6.16 6.29
CA ASP A 36 1.86 6.60 7.60
C ASP A 36 1.24 5.44 8.38
N THR A 37 1.65 5.30 9.65
CA THR A 37 1.14 4.23 10.51
C THR A 37 0.67 4.78 11.84
N SER A 38 0.00 5.93 11.81
CA SER A 38 -0.50 6.56 13.02
C SER A 38 -1.74 5.84 13.54
N HIS A 39 -2.83 5.96 12.81
CA HIS A 39 -4.08 5.31 13.20
C HIS A 39 -3.92 3.79 13.26
N GLU A 40 -4.24 3.22 14.40
CA GLU A 40 -4.12 1.77 14.59
C GLU A 40 -5.17 1.04 13.75
N GLY A 41 -4.75 0.54 12.59
CA GLY A 41 -5.66 -0.18 11.73
C GLY A 41 -5.55 0.26 10.29
N TRP A 42 -5.86 1.52 10.02
CA TRP A 42 -5.79 2.06 8.67
C TRP A 42 -4.46 2.78 8.43
N TRP A 43 -3.67 2.25 7.51
CA TRP A 43 -2.37 2.84 7.18
C TRP A 43 -2.42 3.57 5.84
N LEU A 44 -1.57 4.58 5.70
CA LEU A 44 -1.52 5.36 4.46
C LEU A 44 -0.39 4.85 3.55
N ALA A 45 -0.75 4.01 2.60
CA ALA A 45 0.23 3.46 1.66
C ALA A 45 -0.04 3.95 0.24
N ARG A 46 0.95 3.80 -0.63
CA ARG A 46 0.83 4.22 -2.02
C ARG A 46 1.13 3.06 -2.97
N HIS A 47 0.62 3.17 -4.19
CA HIS A 47 0.83 2.13 -5.20
C HIS A 47 2.28 2.11 -5.66
N LEU A 48 2.89 0.93 -5.61
CA LEU A 48 4.28 0.77 -6.02
C LEU A 48 4.38 0.34 -7.48
N GLU A 49 3.44 -0.51 -7.90
CA GLU A 49 3.42 -1.01 -9.27
C GLU A 49 3.24 0.14 -10.25
N LYS A 50 2.23 0.98 -10.01
CA LYS A 50 1.95 2.11 -10.87
C LYS A 50 1.82 1.68 -12.32
N LYS A 51 1.13 0.56 -12.54
CA LYS A 51 0.94 0.03 -13.89
C LYS A 51 -0.55 0.00 -14.24
N GLY A 52 -0.98 0.95 -15.08
CA GLY A 52 -2.36 1.01 -15.48
C GLY A 52 -3.15 2.06 -14.73
N THR A 53 -3.13 3.28 -15.24
CA THR A 53 -3.84 4.39 -14.61
C THR A 53 -5.12 4.73 -15.36
N GLY A 54 -6.19 4.98 -14.61
CA GLY A 54 -7.46 5.31 -15.22
C GLY A 54 -7.80 6.79 -15.10
N LEU A 55 -8.95 7.07 -14.49
CA LEU A 55 -9.39 8.45 -14.31
C LEU A 55 -9.59 8.77 -12.83
N GLY A 56 -10.53 8.07 -12.20
CA GLY A 56 -10.80 8.29 -10.79
C GLY A 56 -10.26 7.18 -9.92
N GLN A 57 -8.95 6.95 -10.00
CA GLN A 57 -8.31 5.90 -9.21
C GLN A 57 -7.05 6.44 -8.53
N GLN A 58 -7.20 6.87 -7.28
CA GLN A 58 -6.09 7.40 -6.52
C GLN A 58 -4.87 6.46 -6.58
N LEU A 59 -3.75 6.90 -6.02
CA LEU A 59 -2.53 6.11 -6.01
C LEU A 59 -2.18 5.69 -4.59
N GLN A 60 -2.48 6.55 -3.63
CA GLN A 60 -2.18 6.26 -2.23
C GLN A 60 -3.31 6.75 -1.33
N GLY A 61 -3.66 5.94 -0.33
CA GLY A 61 -4.72 6.30 0.59
C GLY A 61 -4.73 5.44 1.84
N TYR A 62 -5.86 5.41 2.53
CA TYR A 62 -5.99 4.61 3.75
C TYR A 62 -6.35 3.17 3.41
N ILE A 63 -5.57 2.24 3.94
CA ILE A 63 -5.80 0.81 3.71
C ILE A 63 -5.67 0.02 5.01
N PRO A 64 -6.49 -1.03 5.14
CA PRO A 64 -6.48 -1.90 6.33
C PRO A 64 -5.22 -2.75 6.41
N SER A 65 -4.64 -2.82 7.60
CA SER A 65 -3.43 -3.60 7.81
C SER A 65 -3.74 -5.10 7.81
N ASN A 66 -4.79 -5.48 8.53
CA ASN A 66 -5.19 -6.88 8.61
C ASN A 66 -5.29 -7.50 7.23
N TYR A 67 -5.48 -6.66 6.22
CA TYR A 67 -5.59 -7.12 4.84
C TYR A 67 -4.22 -7.42 4.25
N VAL A 68 -3.23 -6.64 4.66
CA VAL A 68 -1.86 -6.82 4.17
C VAL A 68 -0.96 -7.38 5.27
N ALA A 69 0.30 -7.63 4.92
CA ALA A 69 1.27 -8.17 5.87
C ALA A 69 2.69 -7.77 5.48
N GLU A 70 3.65 -8.18 6.32
CA GLU A 70 5.05 -7.86 6.06
C GLU A 70 5.68 -8.89 5.12
N ASP A 71 6.01 -8.45 3.92
CA ASP A 71 6.61 -9.33 2.91
C ASP A 71 8.13 -9.24 2.97
N SER A 72 8.80 -10.34 2.62
CA SER A 72 10.26 -10.38 2.63
C SER A 72 10.84 -9.17 1.91
N GLY A 73 11.57 -8.35 2.65
CA GLY A 73 12.18 -7.16 2.07
C GLY A 73 13.47 -6.77 2.75
N PRO A 74 14.20 -5.83 2.15
CA PRO A 74 15.49 -5.35 2.69
C PRO A 74 15.30 -4.54 3.96
N SER A 75 15.39 -5.20 5.10
CA SER A 75 15.24 -4.54 6.40
C SER A 75 16.38 -3.56 6.65
N SER A 76 16.09 -2.27 6.53
CA SER A 76 17.10 -1.24 6.73
C SER A 76 17.94 -1.55 7.96
N GLY A 77 19.18 -2.00 7.73
CA GLY A 77 20.06 -2.33 8.83
C GLY A 77 21.35 -2.99 8.36
N GLY A 1 24.04 2.19 1.75
CA GLY A 1 22.74 1.60 1.98
C GLY A 1 22.20 1.91 3.36
N SER A 2 21.22 1.12 3.80
CA SER A 2 20.61 1.32 5.12
C SER A 2 19.99 0.02 5.62
N SER A 3 19.76 -0.04 6.93
CA SER A 3 19.18 -1.22 7.55
C SER A 3 17.85 -1.59 6.88
N GLY A 4 17.86 -2.68 6.12
CA GLY A 4 16.65 -3.12 5.44
C GLY A 4 16.22 -2.17 4.36
N SER A 5 14.94 -2.21 3.99
CA SER A 5 14.41 -1.34 2.95
C SER A 5 13.84 -0.06 3.56
N SER A 6 14.50 1.06 3.29
CA SER A 6 14.06 2.34 3.81
C SER A 6 12.53 2.43 3.83
N GLY A 7 11.90 2.03 2.74
CA GLY A 7 10.46 2.07 2.66
C GLY A 7 9.82 0.79 3.14
N GLN A 8 8.65 0.91 3.77
CA GLN A 8 7.94 -0.25 4.29
C GLN A 8 7.01 -0.84 3.23
N TYR A 9 7.48 -1.89 2.56
CA TYR A 9 6.68 -2.53 1.52
C TYR A 9 5.80 -3.63 2.10
N PHE A 10 4.51 -3.58 1.76
CA PHE A 10 3.55 -4.57 2.26
C PHE A 10 2.83 -5.24 1.10
N VAL A 11 2.35 -6.46 1.34
CA VAL A 11 1.64 -7.22 0.32
C VAL A 11 0.19 -7.44 0.71
N ALA A 12 -0.71 -7.30 -0.26
CA ALA A 12 -2.14 -7.48 -0.01
C ALA A 12 -2.52 -8.96 -0.06
N LEU A 13 -2.70 -9.56 1.11
CA LEU A 13 -3.07 -10.97 1.19
C LEU A 13 -4.41 -11.23 0.50
N PHE A 14 -5.33 -10.28 0.63
CA PHE A 14 -6.65 -10.40 0.01
C PHE A 14 -7.02 -9.12 -0.73
N ASP A 15 -8.07 -9.21 -1.54
CA ASP A 15 -8.52 -8.06 -2.31
C ASP A 15 -9.46 -7.18 -1.48
N TYR A 16 -9.38 -5.87 -1.69
CA TYR A 16 -10.21 -4.92 -0.96
C TYR A 16 -10.75 -3.83 -1.88
N GLN A 17 -11.89 -3.27 -1.52
CA GLN A 17 -12.50 -2.21 -2.32
C GLN A 17 -12.77 -0.98 -1.46
N ALA A 18 -12.00 0.09 -1.71
CA ALA A 18 -12.17 1.33 -0.97
C ALA A 18 -13.60 1.82 -1.03
N ARG A 19 -14.32 1.67 0.08
CA ARG A 19 -15.71 2.10 0.16
C ARG A 19 -15.85 3.58 -0.21
N THR A 20 -14.99 4.41 0.37
CA THR A 20 -15.02 5.85 0.10
C THR A 20 -13.81 6.27 -0.73
N ALA A 21 -13.85 7.50 -1.22
CA ALA A 21 -12.76 8.02 -2.03
C ALA A 21 -11.49 8.18 -1.20
N GLU A 22 -11.65 8.58 0.06
CA GLU A 22 -10.52 8.77 0.95
C GLU A 22 -9.65 7.52 1.00
N ASP A 23 -10.30 6.36 1.07
CA ASP A 23 -9.58 5.08 1.12
C ASP A 23 -9.02 4.73 -0.24
N LEU A 24 -8.21 3.67 -0.29
CA LEU A 24 -7.60 3.23 -1.54
C LEU A 24 -8.00 1.78 -1.85
N SER A 25 -8.15 1.49 -3.14
CA SER A 25 -8.54 0.15 -3.58
C SER A 25 -7.31 -0.65 -4.01
N PHE A 26 -7.37 -1.97 -3.83
CA PHE A 26 -6.28 -2.84 -4.20
C PHE A 26 -6.75 -4.30 -4.30
N ARG A 27 -5.90 -5.14 -4.89
CA ARG A 27 -6.23 -6.55 -5.05
C ARG A 27 -5.12 -7.44 -4.48
N ALA A 28 -5.46 -8.69 -4.21
CA ALA A 28 -4.48 -9.64 -3.66
C ALA A 28 -3.19 -9.60 -4.45
N GLY A 29 -2.10 -9.20 -3.78
CA GLY A 29 -0.81 -9.13 -4.43
C GLY A 29 -0.38 -7.70 -4.70
N ASP A 30 -1.33 -6.87 -5.11
CA ASP A 30 -1.04 -5.46 -5.41
C ASP A 30 0.02 -4.91 -4.46
N LYS A 31 1.20 -4.65 -5.01
CA LYS A 31 2.30 -4.11 -4.21
C LYS A 31 1.98 -2.71 -3.69
N LEU A 32 1.89 -2.58 -2.38
CA LEU A 32 1.58 -1.30 -1.75
C LEU A 32 2.62 -0.94 -0.70
N GLN A 33 3.09 0.30 -0.72
CA GLN A 33 4.08 0.78 0.23
C GLN A 33 3.44 1.61 1.33
N VAL A 34 3.65 1.20 2.58
CA VAL A 34 3.09 1.92 3.72
C VAL A 34 3.87 3.21 4.00
N LEU A 35 3.16 4.33 3.98
CA LEU A 35 3.78 5.63 4.23
C LEU A 35 3.53 6.08 5.67
N ASP A 36 2.25 6.15 6.05
CA ASP A 36 1.88 6.57 7.39
C ASP A 36 1.39 5.38 8.21
N THR A 37 1.84 5.29 9.45
CA THR A 37 1.44 4.21 10.34
C THR A 37 0.97 4.74 11.69
N SER A 38 0.24 5.86 11.65
CA SER A 38 -0.28 6.47 12.86
C SER A 38 -1.68 5.95 13.19
N HIS A 39 -2.60 6.12 12.24
CA HIS A 39 -3.97 5.67 12.42
C HIS A 39 -4.03 4.14 12.48
N GLU A 40 -3.90 3.60 13.69
CA GLU A 40 -3.95 2.15 13.88
C GLU A 40 -5.04 1.51 13.03
N GLY A 41 -4.70 0.40 12.40
CA GLY A 41 -5.66 -0.29 11.56
C GLY A 41 -5.64 0.21 10.12
N TRP A 42 -5.72 1.52 9.96
CA TRP A 42 -5.70 2.13 8.63
C TRP A 42 -4.37 2.83 8.36
N TRP A 43 -3.65 2.35 7.35
CA TRP A 43 -2.36 2.93 6.99
C TRP A 43 -2.45 3.64 5.64
N LEU A 44 -1.62 4.66 5.48
CA LEU A 44 -1.59 5.43 4.23
C LEU A 44 -0.51 4.90 3.28
N ALA A 45 -0.92 4.07 2.34
CA ALA A 45 0.01 3.51 1.37
C ALA A 45 -0.27 4.01 -0.04
N ARG A 46 0.68 3.83 -0.94
CA ARG A 46 0.52 4.27 -2.33
C ARG A 46 0.79 3.11 -3.29
N HIS A 47 0.15 3.16 -4.45
CA HIS A 47 0.32 2.13 -5.46
C HIS A 47 1.77 2.04 -5.92
N LEU A 48 2.30 0.83 -6.00
CA LEU A 48 3.67 0.62 -6.43
C LEU A 48 3.73 0.10 -7.87
N GLU A 49 2.79 -0.77 -8.22
CA GLU A 49 2.73 -1.33 -9.56
C GLU A 49 2.73 -0.22 -10.62
N LYS A 50 3.74 -0.22 -11.47
CA LYS A 50 3.85 0.77 -12.52
C LYS A 50 3.05 0.37 -13.75
N LYS A 51 1.85 0.93 -13.88
CA LYS A 51 0.98 0.64 -15.01
C LYS A 51 1.01 1.76 -16.04
N GLY A 52 0.59 2.95 -15.63
CA GLY A 52 0.58 4.09 -16.53
C GLY A 52 -0.50 5.09 -16.19
N THR A 53 -1.67 4.58 -15.82
CA THR A 53 -2.80 5.44 -15.46
C THR A 53 -3.26 5.18 -14.03
N GLY A 54 -3.16 3.93 -13.60
CA GLY A 54 -3.57 3.57 -12.26
C GLY A 54 -5.05 3.23 -12.18
N LEU A 55 -5.52 2.95 -10.97
CA LEU A 55 -6.93 2.60 -10.76
C LEU A 55 -7.55 3.46 -9.66
N GLY A 56 -8.87 3.43 -9.57
CA GLY A 56 -9.57 4.21 -8.55
C GLY A 56 -9.47 5.70 -8.81
N GLN A 57 -9.49 6.48 -7.74
CA GLN A 57 -9.41 7.94 -7.86
C GLN A 57 -7.98 8.43 -7.65
N GLN A 58 -7.42 8.09 -6.49
CA GLN A 58 -6.06 8.50 -6.16
C GLN A 58 -5.11 7.31 -6.23
N LEU A 59 -3.83 7.56 -5.94
CA LEU A 59 -2.82 6.51 -5.97
C LEU A 59 -2.48 6.04 -4.55
N GLN A 60 -2.68 6.92 -3.58
CA GLN A 60 -2.39 6.60 -2.19
C GLN A 60 -3.54 7.04 -1.28
N GLY A 61 -3.92 6.16 -0.36
CA GLY A 61 -5.00 6.47 0.55
C GLY A 61 -4.98 5.61 1.79
N TYR A 62 -6.10 5.59 2.52
CA TYR A 62 -6.20 4.79 3.74
C TYR A 62 -6.58 3.36 3.42
N ILE A 63 -5.73 2.41 3.82
CA ILE A 63 -5.98 1.00 3.58
C ILE A 63 -5.80 0.19 4.86
N PRO A 64 -6.58 -0.90 4.99
CA PRO A 64 -6.51 -1.78 6.16
C PRO A 64 -5.21 -2.60 6.20
N SER A 65 -4.66 -2.74 7.39
CA SER A 65 -3.42 -3.48 7.57
C SER A 65 -3.68 -4.98 7.55
N ASN A 66 -4.69 -5.41 8.32
CA ASN A 66 -5.03 -6.82 8.40
C ASN A 66 -5.15 -7.43 7.00
N TYR A 67 -5.47 -6.60 6.02
CA TYR A 67 -5.61 -7.06 4.64
C TYR A 67 -4.24 -7.30 4.01
N VAL A 68 -3.24 -6.53 4.44
CA VAL A 68 -1.89 -6.67 3.92
C VAL A 68 -0.96 -7.26 4.96
N ALA A 69 0.31 -7.39 4.61
CA ALA A 69 1.31 -7.94 5.53
C ALA A 69 2.72 -7.53 5.12
N GLU A 70 3.71 -7.98 5.89
CA GLU A 70 5.11 -7.66 5.60
C GLU A 70 5.69 -8.62 4.58
N ASP A 71 5.85 -8.14 3.35
CA ASP A 71 6.40 -8.96 2.27
C ASP A 71 7.90 -8.78 2.16
N SER A 72 8.64 -9.88 2.22
CA SER A 72 10.10 -9.83 2.13
C SER A 72 10.55 -8.81 1.08
N GLY A 73 11.25 -7.78 1.55
CA GLY A 73 11.72 -6.75 0.65
C GLY A 73 13.11 -7.04 0.10
N PRO A 74 13.44 -6.44 -1.04
CA PRO A 74 14.75 -6.62 -1.69
C PRO A 74 15.88 -5.97 -0.89
N SER A 75 16.79 -6.80 -0.39
CA SER A 75 17.92 -6.31 0.39
C SER A 75 19.06 -7.33 0.40
N SER A 76 20.20 -6.92 0.93
CA SER A 76 21.37 -7.79 0.99
C SER A 76 21.13 -8.96 1.96
N GLY A 77 21.14 -10.17 1.42
CA GLY A 77 20.93 -11.35 2.24
C GLY A 77 20.00 -12.35 1.58
N GLY A 1 7.65 0.67 19.48
CA GLY A 1 7.10 0.63 18.13
C GLY A 1 8.18 0.65 17.07
N SER A 2 8.15 1.68 16.22
CA SER A 2 9.13 1.80 15.14
C SER A 2 10.16 2.88 15.47
N SER A 3 11.43 2.58 15.24
CA SER A 3 12.50 3.52 15.51
C SER A 3 13.30 3.81 14.26
N GLY A 4 13.31 5.08 13.84
CA GLY A 4 14.04 5.46 12.64
C GLY A 4 13.92 4.44 11.53
N SER A 5 12.70 4.25 11.03
CA SER A 5 12.45 3.29 9.97
C SER A 5 12.58 3.95 8.60
N SER A 6 13.07 3.20 7.62
CA SER A 6 13.24 3.70 6.27
C SER A 6 12.74 2.69 5.24
N GLY A 7 11.62 3.01 4.60
CA GLY A 7 11.05 2.13 3.60
C GLY A 7 10.38 0.91 4.22
N GLN A 8 9.09 0.75 3.95
CA GLN A 8 8.33 -0.37 4.47
C GLN A 8 7.35 -0.90 3.44
N TYR A 9 7.66 -2.06 2.87
CA TYR A 9 6.81 -2.67 1.86
C TYR A 9 5.90 -3.73 2.47
N PHE A 10 4.66 -3.77 2.02
CA PHE A 10 3.68 -4.73 2.53
C PHE A 10 2.92 -5.39 1.38
N VAL A 11 2.50 -6.64 1.61
CA VAL A 11 1.75 -7.38 0.61
C VAL A 11 0.31 -7.60 1.04
N ALA A 12 -0.61 -7.57 0.07
CA ALA A 12 -2.02 -7.77 0.35
C ALA A 12 -2.37 -9.26 0.39
N LEU A 13 -2.65 -9.76 1.59
CA LEU A 13 -3.00 -11.16 1.76
C LEU A 13 -4.32 -11.49 1.07
N PHE A 14 -5.24 -10.53 1.09
CA PHE A 14 -6.54 -10.72 0.46
C PHE A 14 -6.88 -9.55 -0.46
N ASP A 15 -7.97 -9.67 -1.21
CA ASP A 15 -8.40 -8.63 -2.12
C ASP A 15 -9.24 -7.58 -1.40
N TYR A 16 -9.10 -6.32 -1.82
CA TYR A 16 -9.85 -5.23 -1.21
C TYR A 16 -10.31 -4.22 -2.26
N GLN A 17 -11.33 -3.45 -1.93
CA GLN A 17 -11.86 -2.45 -2.84
C GLN A 17 -12.39 -1.24 -2.09
N ALA A 18 -11.68 -0.12 -2.19
CA ALA A 18 -12.08 1.10 -1.51
C ALA A 18 -13.59 1.28 -1.54
N ARG A 19 -14.14 1.83 -0.48
CA ARG A 19 -15.58 2.05 -0.38
C ARG A 19 -15.91 3.54 -0.57
N THR A 20 -15.13 4.40 0.07
CA THR A 20 -15.33 5.84 -0.03
C THR A 20 -14.26 6.49 -0.88
N ALA A 21 -14.40 7.79 -1.12
CA ALA A 21 -13.44 8.54 -1.91
C ALA A 21 -12.04 8.46 -1.30
N GLU A 22 -11.94 8.76 -0.01
CA GLU A 22 -10.67 8.73 0.69
C GLU A 22 -10.28 7.30 1.04
N ASP A 23 -9.73 6.58 0.07
CA ASP A 23 -9.31 5.20 0.28
C ASP A 23 -8.61 4.66 -0.96
N LEU A 24 -7.84 3.59 -0.78
CA LEU A 24 -7.11 2.97 -1.87
C LEU A 24 -7.52 1.51 -2.05
N SER A 25 -7.70 1.09 -3.30
CA SER A 25 -8.10 -0.28 -3.60
C SER A 25 -6.88 -1.13 -3.95
N PHE A 26 -7.01 -2.43 -3.80
CA PHE A 26 -5.92 -3.36 -4.11
C PHE A 26 -6.43 -4.80 -4.17
N ARG A 27 -5.61 -5.69 -4.71
CA ARG A 27 -5.96 -7.09 -4.82
C ARG A 27 -4.92 -7.98 -4.15
N ALA A 28 -5.26 -9.25 -3.98
CA ALA A 28 -4.35 -10.21 -3.35
C ALA A 28 -3.03 -10.29 -4.10
N GLY A 29 -1.96 -9.82 -3.46
CA GLY A 29 -0.65 -9.84 -4.08
C GLY A 29 -0.28 -8.50 -4.70
N ASP A 30 -0.70 -7.42 -4.05
CA ASP A 30 -0.41 -6.08 -4.54
C ASP A 30 0.68 -5.43 -3.70
N LYS A 31 1.71 -4.90 -4.37
CA LYS A 31 2.82 -4.25 -3.68
C LYS A 31 2.42 -2.85 -3.22
N LEU A 32 2.44 -2.64 -1.92
CA LEU A 32 2.09 -1.34 -1.34
C LEU A 32 3.05 -0.96 -0.23
N GLN A 33 3.54 0.28 -0.28
CA GLN A 33 4.47 0.78 0.72
C GLN A 33 3.76 1.66 1.74
N VAL A 34 3.82 1.27 3.00
CA VAL A 34 3.19 2.03 4.07
C VAL A 34 3.93 3.34 4.34
N LEU A 35 3.21 4.45 4.26
CA LEU A 35 3.79 5.77 4.49
C LEU A 35 3.47 6.26 5.90
N ASP A 36 2.19 6.32 6.23
CA ASP A 36 1.75 6.78 7.53
C ASP A 36 1.23 5.61 8.37
N THR A 37 1.58 5.59 9.64
CA THR A 37 1.15 4.54 10.55
C THR A 37 0.64 5.11 11.86
N SER A 38 0.04 6.30 11.79
CA SER A 38 -0.51 6.95 12.98
C SER A 38 -1.95 6.54 13.21
N HIS A 39 -2.23 5.26 13.09
CA HIS A 39 -3.58 4.74 13.28
C HIS A 39 -3.58 3.21 13.27
N GLU A 40 -3.86 2.61 14.42
CA GLU A 40 -3.89 1.16 14.54
C GLU A 40 -5.07 0.57 13.77
N GLY A 41 -4.95 0.53 12.45
CA GLY A 41 -6.01 0.00 11.62
C GLY A 41 -5.88 0.42 10.17
N TRP A 42 -5.93 1.73 9.93
CA TRP A 42 -5.82 2.27 8.58
C TRP A 42 -4.48 2.97 8.38
N TRP A 43 -3.77 2.60 7.33
CA TRP A 43 -2.48 3.18 7.03
C TRP A 43 -2.49 3.85 5.65
N LEU A 44 -1.65 4.85 5.47
CA LEU A 44 -1.56 5.56 4.19
C LEU A 44 -0.41 5.01 3.34
N ALA A 45 -0.75 4.18 2.37
CA ALA A 45 0.24 3.60 1.48
C ALA A 45 0.04 4.06 0.04
N ARG A 46 1.06 3.85 -0.79
CA ARG A 46 0.99 4.25 -2.19
C ARG A 46 1.25 3.06 -3.11
N HIS A 47 0.64 3.09 -4.29
CA HIS A 47 0.80 2.01 -5.26
C HIS A 47 2.24 1.98 -5.79
N LEU A 48 2.86 0.82 -5.71
CA LEU A 48 4.23 0.64 -6.18
C LEU A 48 4.26 0.09 -7.60
N GLU A 49 3.35 -0.84 -7.87
CA GLU A 49 3.26 -1.45 -9.20
C GLU A 49 3.01 -0.40 -10.27
N LYS A 50 3.59 -0.60 -11.45
CA LYS A 50 3.43 0.33 -12.55
C LYS A 50 2.35 -0.15 -13.53
N LYS A 51 1.09 0.10 -13.17
CA LYS A 51 -0.04 -0.30 -14.00
C LYS A 51 -1.27 0.52 -13.68
N GLY A 52 -1.67 1.38 -14.61
CA GLY A 52 -2.84 2.22 -14.40
C GLY A 52 -2.68 3.61 -14.99
N THR A 53 -3.55 3.96 -15.92
CA THR A 53 -3.50 5.27 -16.57
C THR A 53 -4.37 6.28 -15.84
N GLY A 54 -4.35 6.23 -14.51
CA GLY A 54 -5.14 7.15 -13.71
C GLY A 54 -6.59 7.18 -14.14
N LEU A 55 -7.25 6.03 -14.08
CA LEU A 55 -8.65 5.92 -14.47
C LEU A 55 -9.48 7.01 -13.78
N GLY A 56 -9.50 6.98 -12.45
CA GLY A 56 -10.26 7.97 -11.70
C GLY A 56 -10.10 7.80 -10.20
N GLN A 57 -8.90 7.47 -9.77
CA GLN A 57 -8.63 7.28 -8.35
C GLN A 57 -7.18 7.62 -8.02
N GLN A 58 -6.95 8.11 -6.81
CA GLN A 58 -5.61 8.48 -6.37
C GLN A 58 -4.68 7.26 -6.36
N LEU A 59 -3.41 7.49 -6.07
CA LEU A 59 -2.42 6.42 -6.03
C LEU A 59 -2.18 5.95 -4.60
N GLN A 60 -2.24 6.89 -3.66
CA GLN A 60 -2.03 6.58 -2.25
C GLN A 60 -3.23 6.97 -1.41
N GLY A 61 -3.63 6.10 -0.50
CA GLY A 61 -4.77 6.39 0.36
C GLY A 61 -4.79 5.53 1.61
N TYR A 62 -5.93 5.50 2.29
CA TYR A 62 -6.08 4.71 3.50
C TYR A 62 -6.39 3.26 3.18
N ILE A 63 -5.59 2.34 3.73
CA ILE A 63 -5.77 0.92 3.49
C ILE A 63 -5.66 0.14 4.79
N PRO A 64 -6.47 -0.93 4.91
CA PRO A 64 -6.47 -1.79 6.10
C PRO A 64 -5.20 -2.62 6.21
N SER A 65 -4.63 -2.65 7.42
CA SER A 65 -3.42 -3.41 7.66
C SER A 65 -3.69 -4.91 7.67
N ASN A 66 -4.70 -5.31 8.44
CA ASN A 66 -5.07 -6.72 8.53
C ASN A 66 -5.13 -7.36 7.15
N TYR A 67 -5.46 -6.57 6.15
CA TYR A 67 -5.56 -7.06 4.78
C TYR A 67 -4.17 -7.35 4.21
N VAL A 68 -3.19 -6.54 4.62
CA VAL A 68 -1.82 -6.70 4.15
C VAL A 68 -0.93 -7.24 5.26
N ALA A 69 0.35 -7.45 4.94
CA ALA A 69 1.31 -7.95 5.91
C ALA A 69 2.74 -7.69 5.46
N GLU A 70 3.70 -8.06 6.30
CA GLU A 70 5.10 -7.86 5.99
C GLU A 70 5.60 -8.91 5.00
N ASP A 71 5.81 -8.49 3.76
CA ASP A 71 6.30 -9.40 2.72
C ASP A 71 7.81 -9.35 2.61
N SER A 72 8.37 -10.32 1.89
CA SER A 72 9.82 -10.39 1.72
C SER A 72 10.33 -9.21 0.91
N GLY A 73 9.74 -8.99 -0.25
CA GLY A 73 10.15 -7.88 -1.10
C GLY A 73 11.23 -8.28 -2.08
N PRO A 74 11.64 -7.33 -2.93
CA PRO A 74 12.67 -7.55 -3.95
C PRO A 74 14.06 -7.73 -3.33
N SER A 75 14.22 -7.24 -2.11
CA SER A 75 15.50 -7.35 -1.41
C SER A 75 15.81 -8.80 -1.06
N SER A 76 16.41 -9.51 -2.01
CA SER A 76 16.76 -10.91 -1.81
C SER A 76 17.64 -11.08 -0.57
N GLY A 77 17.09 -11.69 0.47
CA GLY A 77 17.83 -11.90 1.69
C GLY A 77 17.01 -12.62 2.75
N GLY A 1 24.25 11.84 -7.42
CA GLY A 1 24.96 10.60 -7.18
C GLY A 1 24.07 9.38 -7.30
N SER A 2 24.28 8.41 -6.43
CA SER A 2 23.49 7.18 -6.45
C SER A 2 22.39 7.21 -5.39
N SER A 3 21.34 6.43 -5.60
CA SER A 3 20.23 6.37 -4.67
C SER A 3 20.18 5.02 -3.97
N GLY A 4 19.34 4.94 -2.94
CA GLY A 4 19.21 3.69 -2.19
C GLY A 4 17.89 2.99 -2.47
N SER A 5 17.74 1.79 -1.90
CA SER A 5 16.51 1.01 -2.10
C SER A 5 15.94 0.57 -0.75
N SER A 6 15.19 1.46 -0.12
CA SER A 6 14.57 1.17 1.16
C SER A 6 13.12 1.64 1.21
N GLY A 7 12.35 1.09 2.14
CA GLY A 7 10.96 1.48 2.27
C GLY A 7 10.10 0.36 2.83
N GLN A 8 8.99 0.74 3.47
CA GLN A 8 8.09 -0.25 4.05
C GLN A 8 7.24 -0.92 2.98
N TYR A 9 7.59 -2.17 2.65
CA TYR A 9 6.86 -2.92 1.64
C TYR A 9 6.00 -4.00 2.28
N PHE A 10 4.73 -4.06 1.88
CA PHE A 10 3.80 -5.03 2.41
C PHE A 10 3.11 -5.81 1.28
N VAL A 11 2.42 -6.88 1.65
CA VAL A 11 1.72 -7.70 0.66
C VAL A 11 0.29 -7.99 1.10
N ALA A 12 -0.65 -7.82 0.17
CA ALA A 12 -2.06 -8.07 0.46
C ALA A 12 -2.34 -9.56 0.61
N LEU A 13 -2.89 -9.94 1.75
CA LEU A 13 -3.21 -11.34 2.02
C LEU A 13 -4.60 -11.69 1.49
N PHE A 14 -5.48 -10.70 1.44
CA PHE A 14 -6.83 -10.90 0.96
C PHE A 14 -7.32 -9.69 0.16
N ASP A 15 -8.35 -9.89 -0.66
CA ASP A 15 -8.90 -8.82 -1.48
C ASP A 15 -9.78 -7.90 -0.64
N TYR A 16 -9.64 -6.59 -0.87
CA TYR A 16 -10.42 -5.60 -0.13
C TYR A 16 -11.00 -4.55 -1.07
N GLN A 17 -12.23 -4.12 -0.78
CA GLN A 17 -12.89 -3.13 -1.60
C GLN A 17 -13.12 -1.84 -0.81
N ALA A 18 -12.66 -0.72 -1.37
CA ALA A 18 -12.81 0.58 -0.72
C ALA A 18 -14.27 0.88 -0.45
N ARG A 19 -14.61 1.11 0.82
CA ARG A 19 -15.98 1.41 1.20
C ARG A 19 -16.32 2.88 0.94
N THR A 20 -15.48 3.77 1.46
CA THR A 20 -15.69 5.20 1.28
C THR A 20 -14.69 5.77 0.28
N ALA A 21 -14.83 7.07 -0.02
CA ALA A 21 -13.93 7.74 -0.96
C ALA A 21 -12.54 7.92 -0.36
N GLU A 22 -12.45 7.87 0.97
CA GLU A 22 -11.19 8.03 1.66
C GLU A 22 -10.59 6.66 2.02
N ASP A 23 -10.40 5.82 1.00
CA ASP A 23 -9.84 4.49 1.21
C ASP A 23 -9.32 3.92 -0.11
N LEU A 24 -8.14 3.30 -0.04
CA LEU A 24 -7.53 2.71 -1.23
C LEU A 24 -7.87 1.22 -1.33
N SER A 25 -8.22 0.78 -2.53
CA SER A 25 -8.56 -0.61 -2.77
C SER A 25 -7.36 -1.39 -3.30
N PHE A 26 -7.38 -2.71 -3.10
CA PHE A 26 -6.30 -3.57 -3.57
C PHE A 26 -6.76 -5.02 -3.65
N ARG A 27 -5.94 -5.85 -4.28
CA ARG A 27 -6.26 -7.27 -4.43
C ARG A 27 -5.18 -8.13 -3.80
N ALA A 28 -5.50 -9.42 -3.62
CA ALA A 28 -4.55 -10.36 -3.02
C ALA A 28 -3.27 -10.45 -3.85
N GLY A 29 -2.17 -10.02 -3.27
CA GLY A 29 -0.89 -10.06 -3.96
C GLY A 29 -0.56 -8.75 -4.66
N ASP A 30 -0.96 -7.65 -4.04
CA ASP A 30 -0.70 -6.33 -4.61
C ASP A 30 0.34 -5.58 -3.77
N LYS A 31 1.46 -5.23 -4.41
CA LYS A 31 2.53 -4.53 -3.72
C LYS A 31 2.08 -3.12 -3.32
N LEU A 32 2.23 -2.79 -2.04
CA LEU A 32 1.84 -1.48 -1.54
C LEU A 32 2.84 -0.98 -0.50
N GLN A 33 3.37 0.22 -0.71
CA GLN A 33 4.32 0.81 0.21
C GLN A 33 3.63 1.72 1.21
N VAL A 34 3.76 1.37 2.49
CA VAL A 34 3.14 2.16 3.56
C VAL A 34 3.90 3.46 3.79
N LEU A 35 3.16 4.57 3.79
CA LEU A 35 3.77 5.88 4.01
C LEU A 35 3.52 6.36 5.43
N ASP A 36 2.26 6.38 5.84
CA ASP A 36 1.89 6.82 7.18
C ASP A 36 1.39 5.65 8.02
N THR A 37 1.87 5.57 9.25
CA THR A 37 1.48 4.49 10.16
C THR A 37 1.10 5.04 11.53
N SER A 38 0.38 6.15 11.54
CA SER A 38 -0.04 6.78 12.78
C SER A 38 -1.36 6.18 13.28
N HIS A 39 -2.44 6.55 12.61
CA HIS A 39 -3.77 6.05 12.97
C HIS A 39 -3.76 4.53 13.10
N GLU A 40 -3.66 4.06 14.34
CA GLU A 40 -3.64 2.62 14.60
C GLU A 40 -4.77 1.92 13.87
N GLY A 41 -4.41 1.11 12.87
CA GLY A 41 -5.40 0.39 12.11
C GLY A 41 -5.34 0.70 10.62
N TRP A 42 -5.64 1.96 10.27
CA TRP A 42 -5.61 2.39 8.89
C TRP A 42 -4.30 3.09 8.56
N TRP A 43 -3.62 2.63 7.52
CA TRP A 43 -2.35 3.21 7.09
C TRP A 43 -2.49 3.86 5.72
N LEU A 44 -1.63 4.85 5.46
CA LEU A 44 -1.64 5.55 4.18
C LEU A 44 -0.56 5.01 3.24
N ALA A 45 -0.97 4.14 2.33
CA ALA A 45 -0.04 3.56 1.36
C ALA A 45 -0.38 3.97 -0.06
N ARG A 46 0.55 3.75 -0.98
CA ARG A 46 0.35 4.10 -2.38
C ARG A 46 0.56 2.89 -3.28
N HIS A 47 -0.11 2.89 -4.43
CA HIS A 47 0.02 1.79 -5.39
C HIS A 47 1.41 1.77 -6.02
N LEU A 48 2.03 0.59 -6.02
CA LEU A 48 3.37 0.44 -6.59
C LEU A 48 3.29 -0.03 -8.04
N GLU A 49 2.33 -0.90 -8.32
CA GLU A 49 2.15 -1.43 -9.67
C GLU A 49 2.02 -0.30 -10.68
N LYS A 50 2.75 -0.41 -11.79
CA LYS A 50 2.72 0.60 -12.83
C LYS A 50 2.41 -0.02 -14.18
N LYS A 51 1.56 0.64 -14.95
CA LYS A 51 1.17 0.16 -16.27
C LYS A 51 0.47 1.25 -17.07
N GLY A 52 1.02 1.56 -18.25
CA GLY A 52 0.43 2.58 -19.10
C GLY A 52 0.33 3.92 -18.39
N THR A 53 -0.61 4.76 -18.84
CA THR A 53 -0.80 6.07 -18.25
C THR A 53 -2.28 6.34 -17.97
N GLY A 54 -2.55 7.35 -17.15
CA GLY A 54 -3.93 7.68 -16.82
C GLY A 54 -4.04 8.32 -15.45
N LEU A 55 -4.86 9.36 -15.35
CA LEU A 55 -5.07 10.06 -14.09
C LEU A 55 -6.52 9.95 -13.64
N GLY A 56 -6.74 10.03 -12.32
CA GLY A 56 -8.08 9.95 -11.79
C GLY A 56 -8.18 8.93 -10.66
N GLN A 57 -8.01 7.66 -10.99
CA GLN A 57 -8.08 6.59 -10.00
C GLN A 57 -7.20 6.90 -8.79
N GLN A 58 -7.77 6.75 -7.60
CA GLN A 58 -7.03 7.01 -6.37
C GLN A 58 -5.82 6.07 -6.24
N LEU A 59 -4.65 6.66 -6.02
CA LEU A 59 -3.43 5.87 -5.88
C LEU A 59 -3.00 5.79 -4.42
N GLN A 60 -3.40 6.79 -3.64
CA GLN A 60 -3.05 6.83 -2.22
C GLN A 60 -4.30 6.97 -1.36
N GLY A 61 -4.33 6.24 -0.24
CA GLY A 61 -5.47 6.30 0.65
C GLY A 61 -5.29 5.43 1.88
N TYR A 62 -6.32 5.39 2.73
CA TYR A 62 -6.26 4.61 3.96
C TYR A 62 -6.59 3.14 3.67
N ILE A 63 -5.76 2.24 4.18
CA ILE A 63 -5.96 0.81 3.98
C ILE A 63 -5.74 0.05 5.28
N PRO A 64 -6.51 -1.04 5.47
CA PRO A 64 -6.42 -1.88 6.66
C PRO A 64 -5.12 -2.67 6.72
N SER A 65 -4.43 -2.59 7.86
CA SER A 65 -3.17 -3.30 8.04
C SER A 65 -3.41 -4.79 8.24
N ASN A 66 -4.42 -5.12 9.04
CA ASN A 66 -4.75 -6.50 9.33
C ASN A 66 -5.03 -7.28 8.05
N TYR A 67 -5.19 -6.54 6.94
CA TYR A 67 -5.45 -7.16 5.65
C TYR A 67 -4.16 -7.46 4.91
N VAL A 68 -3.13 -6.67 5.19
CA VAL A 68 -1.83 -6.85 4.55
C VAL A 68 -0.79 -7.39 5.54
N ALA A 69 0.43 -7.58 5.07
CA ALA A 69 1.51 -8.08 5.92
C ALA A 69 2.87 -7.85 5.28
N GLU A 70 3.87 -7.55 6.10
CA GLU A 70 5.22 -7.31 5.61
C GLU A 70 5.77 -8.54 4.89
N ASP A 71 6.21 -8.34 3.65
CA ASP A 71 6.76 -9.43 2.86
C ASP A 71 8.28 -9.50 3.01
N SER A 72 8.83 -10.71 2.83
CA SER A 72 10.26 -10.92 2.95
C SER A 72 11.03 -9.93 2.07
N GLY A 73 11.28 -8.73 2.60
CA GLY A 73 12.00 -7.73 1.85
C GLY A 73 13.47 -7.69 2.20
N PRO A 74 14.13 -6.55 1.93
CA PRO A 74 15.54 -6.36 2.21
C PRO A 74 15.84 -6.28 3.70
N SER A 75 16.66 -7.22 4.19
CA SER A 75 17.01 -7.25 5.60
C SER A 75 17.50 -5.89 6.08
N SER A 76 17.35 -5.63 7.38
CA SER A 76 17.78 -4.37 7.96
C SER A 76 19.16 -3.98 7.46
N GLY A 77 20.07 -4.94 7.42
CA GLY A 77 21.41 -4.68 6.95
C GLY A 77 22.15 -5.94 6.57
N GLY A 1 26.03 -4.55 3.36
CA GLY A 1 25.73 -3.44 4.25
C GLY A 1 24.68 -2.51 3.68
N SER A 2 23.59 -2.31 4.42
CA SER A 2 22.51 -1.44 3.98
C SER A 2 22.47 -0.16 4.81
N SER A 3 23.14 0.88 4.32
CA SER A 3 23.19 2.16 5.01
C SER A 3 21.79 2.60 5.43
N GLY A 4 20.86 2.58 4.47
CA GLY A 4 19.50 2.99 4.76
C GLY A 4 18.56 2.73 3.59
N SER A 5 17.26 2.78 3.86
CA SER A 5 16.26 2.55 2.82
C SER A 5 14.92 3.16 3.22
N SER A 6 14.35 3.96 2.33
CA SER A 6 13.08 4.61 2.58
C SER A 6 11.98 4.03 1.68
N GLY A 7 11.26 3.04 2.20
CA GLY A 7 10.20 2.41 1.44
C GLY A 7 9.74 1.10 2.05
N GLN A 8 8.62 1.14 2.77
CA GLN A 8 8.08 -0.05 3.41
C GLN A 8 7.12 -0.77 2.47
N TYR A 9 7.56 -1.91 1.93
CA TYR A 9 6.73 -2.70 1.03
C TYR A 9 5.97 -3.78 1.78
N PHE A 10 4.66 -3.82 1.57
CA PHE A 10 3.81 -4.81 2.24
C PHE A 10 3.10 -5.68 1.22
N VAL A 11 2.52 -6.79 1.68
CA VAL A 11 1.81 -7.71 0.81
C VAL A 11 0.37 -7.89 1.27
N ALA A 12 -0.56 -7.72 0.33
CA ALA A 12 -1.98 -7.88 0.63
C ALA A 12 -2.36 -9.33 0.82
N LEU A 13 -2.36 -9.80 2.07
CA LEU A 13 -2.70 -11.17 2.38
C LEU A 13 -4.08 -11.54 1.85
N PHE A 14 -5.00 -10.57 1.91
CA PHE A 14 -6.36 -10.78 1.44
C PHE A 14 -6.84 -9.58 0.62
N ASP A 15 -7.88 -9.80 -0.18
CA ASP A 15 -8.44 -8.74 -1.01
C ASP A 15 -9.29 -7.78 -0.17
N TYR A 16 -9.39 -6.54 -0.64
CA TYR A 16 -10.17 -5.53 0.07
C TYR A 16 -10.91 -4.63 -0.92
N GLN A 17 -12.03 -4.06 -0.46
CA GLN A 17 -12.83 -3.19 -1.30
C GLN A 17 -13.08 -1.85 -0.61
N ALA A 18 -12.54 -0.79 -1.20
CA ALA A 18 -12.71 0.55 -0.63
C ALA A 18 -14.16 1.01 -0.72
N ARG A 19 -14.62 1.70 0.32
CA ARG A 19 -16.00 2.18 0.37
C ARG A 19 -16.08 3.63 -0.12
N THR A 20 -15.08 4.42 0.24
CA THR A 20 -15.03 5.83 -0.16
C THR A 20 -13.73 6.15 -0.88
N ALA A 21 -13.76 7.19 -1.71
CA ALA A 21 -12.57 7.61 -2.44
C ALA A 21 -11.35 7.68 -1.55
N GLU A 22 -11.54 8.18 -0.33
CA GLU A 22 -10.45 8.29 0.63
C GLU A 22 -9.73 6.96 0.81
N ASP A 23 -10.50 5.87 0.85
CA ASP A 23 -9.94 4.54 1.01
C ASP A 23 -9.35 4.04 -0.30
N LEU A 24 -8.53 2.99 -0.22
CA LEU A 24 -7.91 2.42 -1.41
C LEU A 24 -8.34 0.97 -1.61
N SER A 25 -8.45 0.56 -2.86
CA SER A 25 -8.87 -0.80 -3.18
C SER A 25 -7.67 -1.62 -3.66
N PHE A 26 -7.66 -2.91 -3.31
CA PHE A 26 -6.58 -3.81 -3.69
C PHE A 26 -7.03 -5.27 -3.61
N ARG A 27 -6.18 -6.16 -4.09
CA ARG A 27 -6.49 -7.59 -4.06
C ARG A 27 -5.40 -8.36 -3.32
N ALA A 28 -5.64 -9.65 -3.10
CA ALA A 28 -4.68 -10.50 -2.41
C ALA A 28 -3.41 -10.66 -3.22
N GLY A 29 -2.31 -10.08 -2.72
CA GLY A 29 -1.04 -10.17 -3.42
C GLY A 29 -0.56 -8.82 -3.91
N ASP A 30 -1.49 -7.99 -4.36
CA ASP A 30 -1.15 -6.67 -4.87
C ASP A 30 -0.05 -6.03 -4.02
N LYS A 31 0.93 -5.42 -4.69
CA LYS A 31 2.04 -4.76 -4.00
C LYS A 31 1.66 -3.35 -3.58
N LEU A 32 1.63 -3.12 -2.27
CA LEU A 32 1.29 -1.80 -1.73
C LEU A 32 2.39 -1.29 -0.81
N GLN A 33 2.83 -0.05 -1.04
CA GLN A 33 3.87 0.55 -0.22
C GLN A 33 3.27 1.44 0.87
N VAL A 34 3.54 1.11 2.12
CA VAL A 34 3.02 1.88 3.24
C VAL A 34 3.81 3.17 3.44
N LEU A 35 3.10 4.29 3.40
CA LEU A 35 3.73 5.60 3.56
C LEU A 35 3.49 6.14 4.97
N ASP A 36 2.22 6.27 5.34
CA ASP A 36 1.86 6.78 6.66
C ASP A 36 1.38 5.65 7.56
N THR A 37 1.92 5.59 8.78
CA THR A 37 1.56 4.56 9.73
C THR A 37 1.16 5.17 11.07
N SER A 38 0.52 6.33 11.03
CA SER A 38 0.10 7.02 12.24
C SER A 38 -1.21 6.43 12.77
N HIS A 39 -2.32 6.75 12.10
CA HIS A 39 -3.62 6.25 12.50
C HIS A 39 -3.62 4.73 12.59
N GLU A 40 -3.44 4.20 13.80
CA GLU A 40 -3.42 2.76 14.01
C GLU A 40 -4.58 2.09 13.30
N GLY A 41 -4.30 0.96 12.64
CA GLY A 41 -5.34 0.24 11.93
C GLY A 41 -5.36 0.58 10.44
N TRP A 42 -5.59 1.84 10.14
CA TRP A 42 -5.65 2.30 8.75
C TRP A 42 -4.35 2.97 8.34
N TRP A 43 -3.67 2.41 7.35
CA TRP A 43 -2.42 2.97 6.87
C TRP A 43 -2.59 3.59 5.49
N LEU A 44 -1.75 4.58 5.19
CA LEU A 44 -1.81 5.27 3.91
C LEU A 44 -0.76 4.72 2.95
N ALA A 45 -1.17 3.79 2.09
CA ALA A 45 -0.26 3.18 1.12
C ALA A 45 -0.67 3.54 -0.31
N ARG A 46 0.23 3.28 -1.25
CA ARG A 46 -0.04 3.58 -2.66
C ARG A 46 0.19 2.35 -3.53
N HIS A 47 -0.51 2.28 -4.65
CA HIS A 47 -0.38 1.15 -5.57
C HIS A 47 1.02 1.10 -6.17
N LEU A 48 1.65 -0.06 -6.09
CA LEU A 48 2.99 -0.25 -6.63
C LEU A 48 2.94 -0.89 -8.01
N GLU A 49 2.07 -1.88 -8.16
CA GLU A 49 1.93 -2.57 -9.44
C GLU A 49 1.74 -1.59 -10.58
N LYS A 50 0.83 -0.64 -10.40
CA LYS A 50 0.55 0.37 -11.41
C LYS A 50 1.74 1.30 -11.59
N LYS A 51 2.20 1.45 -12.83
CA LYS A 51 3.33 2.31 -13.13
C LYS A 51 3.02 3.20 -14.34
N GLY A 52 2.78 4.48 -14.07
CA GLY A 52 2.47 5.41 -15.14
C GLY A 52 1.55 6.53 -14.70
N THR A 53 1.25 7.44 -15.61
CA THR A 53 0.37 8.57 -15.31
C THR A 53 -1.01 8.37 -15.91
N GLY A 54 -2.05 8.66 -15.13
CA GLY A 54 -3.40 8.51 -15.60
C GLY A 54 -4.42 9.25 -14.74
N LEU A 55 -5.68 9.19 -15.13
CA LEU A 55 -6.74 9.87 -14.39
C LEU A 55 -7.83 8.88 -13.98
N GLY A 56 -8.58 9.23 -12.95
CA GLY A 56 -9.65 8.37 -12.48
C GLY A 56 -9.48 7.97 -11.03
N GLN A 57 -9.67 6.69 -10.74
CA GLN A 57 -9.54 6.19 -9.38
C GLN A 57 -8.17 6.55 -8.79
N GLN A 58 -8.16 6.86 -7.51
CA GLN A 58 -6.92 7.23 -6.83
C GLN A 58 -5.91 6.10 -6.90
N LEU A 59 -4.70 6.37 -6.42
CA LEU A 59 -3.63 5.37 -6.43
C LEU A 59 -3.20 5.02 -5.02
N GLN A 60 -3.41 5.94 -4.09
CA GLN A 60 -3.04 5.73 -2.69
C GLN A 60 -4.15 6.21 -1.76
N GLY A 61 -4.30 5.52 -0.64
CA GLY A 61 -5.33 5.89 0.33
C GLY A 61 -5.22 5.10 1.62
N TYR A 62 -6.28 5.14 2.42
CA TYR A 62 -6.30 4.42 3.69
C TYR A 62 -6.67 2.96 3.49
N ILE A 63 -5.86 2.07 4.03
CA ILE A 63 -6.10 0.64 3.91
C ILE A 63 -5.82 -0.09 5.22
N PRO A 64 -6.55 -1.18 5.47
CA PRO A 64 -6.39 -1.98 6.68
C PRO A 64 -5.07 -2.74 6.71
N SER A 65 -4.36 -2.67 7.83
CA SER A 65 -3.09 -3.35 7.98
C SER A 65 -3.28 -4.86 8.11
N ASN A 66 -4.30 -5.24 8.88
CA ASN A 66 -4.60 -6.66 9.09
C ASN A 66 -4.80 -7.37 7.76
N TYR A 67 -5.00 -6.60 6.70
CA TYR A 67 -5.21 -7.17 5.37
C TYR A 67 -3.88 -7.41 4.66
N VAL A 68 -2.87 -6.62 5.02
CA VAL A 68 -1.54 -6.75 4.43
C VAL A 68 -0.53 -7.21 5.46
N ALA A 69 0.70 -7.45 5.01
CA ALA A 69 1.77 -7.89 5.89
C ALA A 69 3.14 -7.47 5.35
N GLU A 70 4.20 -7.89 6.03
CA GLU A 70 5.56 -7.57 5.63
C GLU A 70 6.00 -8.44 4.46
N ASP A 71 6.19 -7.81 3.30
CA ASP A 71 6.61 -8.53 2.10
C ASP A 71 8.14 -8.49 1.96
N SER A 72 8.74 -9.65 1.74
CA SER A 72 10.18 -9.75 1.58
C SER A 72 10.68 -8.80 0.50
N GLY A 73 11.25 -7.68 0.91
CA GLY A 73 11.77 -6.72 -0.04
C GLY A 73 13.28 -6.56 0.03
N PRO A 74 13.74 -5.57 0.82
CA PRO A 74 15.16 -5.31 0.99
C PRO A 74 15.87 -6.40 1.78
N SER A 75 17.20 -6.39 1.75
CA SER A 75 17.99 -7.38 2.46
C SER A 75 19.37 -6.83 2.82
N SER A 76 19.99 -7.42 3.84
CA SER A 76 21.30 -6.97 4.28
C SER A 76 22.32 -8.09 4.15
N GLY A 77 23.44 -7.80 3.48
CA GLY A 77 24.48 -8.80 3.29
C GLY A 77 25.55 -8.33 2.32
N GLY A 1 11.36 13.66 0.43
CA GLY A 1 11.18 13.13 1.77
C GLY A 1 12.51 12.90 2.47
N SER A 2 12.54 11.92 3.37
CA SER A 2 13.74 11.61 4.12
C SER A 2 14.87 11.17 3.18
N SER A 3 15.93 11.99 3.12
CA SER A 3 17.06 11.69 2.26
C SER A 3 17.35 10.20 2.24
N GLY A 4 17.44 9.60 3.43
CA GLY A 4 17.72 8.18 3.53
C GLY A 4 16.90 7.50 4.60
N SER A 5 15.67 7.11 4.26
CA SER A 5 14.78 6.46 5.20
C SER A 5 14.37 5.09 4.69
N SER A 6 14.31 4.11 5.59
CA SER A 6 13.92 2.75 5.22
C SER A 6 12.54 2.74 4.57
N GLY A 7 12.33 1.78 3.67
CA GLY A 7 11.06 1.68 2.98
C GLY A 7 10.20 0.55 3.52
N GLN A 8 9.07 0.91 4.11
CA GLN A 8 8.16 -0.08 4.68
C GLN A 8 7.19 -0.59 3.62
N TYR A 9 7.44 -1.80 3.13
CA TYR A 9 6.58 -2.40 2.11
C TYR A 9 5.70 -3.48 2.72
N PHE A 10 4.49 -3.62 2.18
CA PHE A 10 3.55 -4.62 2.66
C PHE A 10 2.85 -5.32 1.49
N VAL A 11 2.25 -6.47 1.78
CA VAL A 11 1.55 -7.24 0.76
C VAL A 11 0.10 -7.52 1.17
N ALA A 12 -0.81 -7.41 0.21
CA ALA A 12 -2.22 -7.67 0.47
C ALA A 12 -2.53 -9.15 0.44
N LEU A 13 -3.11 -9.66 1.53
CA LEU A 13 -3.46 -11.07 1.61
C LEU A 13 -4.83 -11.34 0.99
N PHE A 14 -5.68 -10.31 0.98
CA PHE A 14 -7.02 -10.43 0.42
C PHE A 14 -7.40 -9.16 -0.33
N ASP A 15 -8.45 -9.27 -1.15
CA ASP A 15 -8.93 -8.13 -1.93
C ASP A 15 -9.75 -7.18 -1.07
N TYR A 16 -9.67 -5.89 -1.36
CA TYR A 16 -10.42 -4.88 -0.61
C TYR A 16 -10.81 -3.71 -1.50
N GLN A 17 -12.02 -3.21 -1.31
CA GLN A 17 -12.50 -2.08 -2.11
C GLN A 17 -12.64 -0.83 -1.25
N ALA A 18 -11.95 0.23 -1.66
CA ALA A 18 -11.98 1.49 -0.93
C ALA A 18 -13.40 2.05 -0.87
N ARG A 19 -14.03 1.93 0.30
CA ARG A 19 -15.39 2.43 0.48
C ARG A 19 -15.57 3.78 -0.20
N THR A 20 -14.60 4.68 0.00
CA THR A 20 -14.66 6.00 -0.59
C THR A 20 -13.30 6.42 -1.14
N ALA A 21 -13.22 7.64 -1.66
CA ALA A 21 -11.97 8.15 -2.21
C ALA A 21 -10.89 8.25 -1.15
N GLU A 22 -11.29 8.61 0.07
CA GLU A 22 -10.35 8.73 1.19
C GLU A 22 -9.53 7.45 1.34
N ASP A 23 -10.19 6.31 1.22
CA ASP A 23 -9.52 5.02 1.34
C ASP A 23 -8.88 4.61 0.02
N LEU A 24 -8.14 3.50 0.04
CA LEU A 24 -7.48 3.00 -1.16
C LEU A 24 -7.94 1.58 -1.48
N SER A 25 -7.89 1.23 -2.76
CA SER A 25 -8.30 -0.11 -3.20
C SER A 25 -7.10 -0.94 -3.63
N PHE A 26 -7.19 -2.25 -3.44
CA PHE A 26 -6.11 -3.15 -3.82
C PHE A 26 -6.63 -4.57 -3.98
N ARG A 27 -5.78 -5.44 -4.54
CA ARG A 27 -6.15 -6.83 -4.77
C ARG A 27 -5.18 -7.77 -4.06
N ALA A 28 -5.65 -8.98 -3.77
CA ALA A 28 -4.83 -9.97 -3.08
C ALA A 28 -3.51 -10.19 -3.83
N GLY A 29 -2.42 -9.70 -3.25
CA GLY A 29 -1.12 -9.84 -3.87
C GLY A 29 -0.62 -8.56 -4.49
N ASP A 30 -1.17 -7.44 -4.03
CA ASP A 30 -0.77 -6.14 -4.55
C ASP A 30 0.35 -5.53 -3.70
N LYS A 31 1.31 -4.90 -4.37
CA LYS A 31 2.44 -4.28 -3.68
C LYS A 31 2.09 -2.86 -3.24
N LEU A 32 2.16 -2.61 -1.94
CA LEU A 32 1.86 -1.29 -1.40
C LEU A 32 2.88 -0.88 -0.34
N GLN A 33 3.29 0.38 -0.37
CA GLN A 33 4.25 0.89 0.58
C GLN A 33 3.58 1.75 1.64
N VAL A 34 3.74 1.35 2.91
CA VAL A 34 3.14 2.08 4.02
C VAL A 34 3.95 3.33 4.35
N LEU A 35 3.30 4.48 4.26
CA LEU A 35 3.95 5.76 4.55
C LEU A 35 3.71 6.18 6.00
N ASP A 36 2.44 6.20 6.41
CA ASP A 36 2.08 6.58 7.76
C ASP A 36 1.53 5.38 8.53
N THR A 37 1.91 5.27 9.80
CA THR A 37 1.47 4.17 10.64
C THR A 37 0.98 4.68 11.99
N SER A 38 0.03 5.61 11.97
CA SER A 38 -0.51 6.18 13.20
C SER A 38 -1.63 5.30 13.75
N HIS A 39 -2.43 4.72 12.85
CA HIS A 39 -3.54 3.87 13.25
C HIS A 39 -3.22 2.40 12.95
N GLU A 40 -2.86 1.65 13.99
CA GLU A 40 -2.54 0.24 13.83
C GLU A 40 -3.55 -0.45 12.91
N GLY A 41 -4.74 0.11 12.84
CA GLY A 41 -5.77 -0.47 11.99
C GLY A 41 -5.73 0.07 10.57
N TRP A 42 -5.55 1.38 10.45
CA TRP A 42 -5.50 2.03 9.13
C TRP A 42 -4.13 2.67 8.90
N TRP A 43 -3.59 2.46 7.71
CA TRP A 43 -2.28 3.01 7.35
C TRP A 43 -2.35 3.76 6.02
N LEU A 44 -1.52 4.78 5.88
CA LEU A 44 -1.47 5.57 4.66
C LEU A 44 -0.36 5.09 3.74
N ALA A 45 -0.74 4.34 2.71
CA ALA A 45 0.23 3.82 1.74
C ALA A 45 -0.02 4.41 0.36
N ARG A 46 0.83 4.03 -0.60
CA ARG A 46 0.71 4.52 -1.97
C ARG A 46 1.06 3.42 -2.97
N HIS A 47 0.23 3.27 -3.99
CA HIS A 47 0.45 2.25 -5.01
C HIS A 47 1.86 2.37 -5.59
N LEU A 48 2.53 1.23 -5.73
CA LEU A 48 3.89 1.21 -6.26
C LEU A 48 3.87 0.94 -7.76
N GLU A 49 3.02 0.01 -8.18
CA GLU A 49 2.90 -0.34 -9.59
C GLU A 49 2.66 0.90 -10.45
N LYS A 50 3.72 1.36 -11.12
CA LYS A 50 3.64 2.54 -11.97
C LYS A 50 3.10 2.17 -13.34
N LYS A 51 1.95 2.74 -13.71
CA LYS A 51 1.35 2.47 -15.00
C LYS A 51 0.30 3.53 -15.34
N GLY A 52 0.20 3.87 -16.61
CA GLY A 52 -0.77 4.87 -17.04
C GLY A 52 -1.71 4.35 -18.12
N THR A 53 -2.67 3.52 -17.72
CA THR A 53 -3.62 2.96 -18.66
C THR A 53 -5.05 3.23 -18.21
N GLY A 54 -5.89 3.63 -19.17
CA GLY A 54 -7.28 3.92 -18.86
C GLY A 54 -7.44 5.13 -17.96
N LEU A 55 -7.72 4.90 -16.68
CA LEU A 55 -7.89 5.99 -15.73
C LEU A 55 -7.56 5.51 -14.31
N GLY A 56 -7.07 6.43 -13.49
CA GLY A 56 -6.74 6.10 -12.11
C GLY A 56 -7.76 6.60 -11.12
N GLN A 57 -8.01 5.81 -10.08
CA GLN A 57 -8.99 6.18 -9.06
C GLN A 57 -8.30 6.87 -7.88
N GLN A 58 -7.31 6.20 -7.30
CA GLN A 58 -6.58 6.75 -6.17
C GLN A 58 -5.27 5.99 -5.95
N LEU A 59 -4.20 6.73 -5.66
CA LEU A 59 -2.90 6.13 -5.42
C LEU A 59 -2.59 6.05 -3.94
N GLN A 60 -2.93 7.11 -3.21
CA GLN A 60 -2.70 7.17 -1.78
C GLN A 60 -4.01 7.17 -1.01
N GLY A 61 -4.08 6.37 0.04
CA GLY A 61 -5.29 6.29 0.85
C GLY A 61 -5.13 5.42 2.07
N TYR A 62 -6.18 5.32 2.88
CA TYR A 62 -6.14 4.52 4.09
C TYR A 62 -6.53 3.06 3.80
N ILE A 63 -5.70 2.13 4.25
CA ILE A 63 -5.95 0.72 4.05
C ILE A 63 -5.76 -0.07 5.34
N PRO A 64 -6.59 -1.11 5.53
CA PRO A 64 -6.54 -1.96 6.72
C PRO A 64 -5.30 -2.83 6.74
N SER A 65 -4.47 -2.65 7.76
CA SER A 65 -3.24 -3.42 7.91
C SER A 65 -3.55 -4.91 7.99
N ASN A 66 -4.63 -5.24 8.68
CA ASN A 66 -5.04 -6.64 8.83
C ASN A 66 -5.18 -7.32 7.48
N TYR A 67 -5.48 -6.53 6.45
CA TYR A 67 -5.64 -7.06 5.10
C TYR A 67 -4.29 -7.35 4.46
N VAL A 68 -3.29 -6.56 4.83
CA VAL A 68 -1.95 -6.74 4.29
C VAL A 68 -0.99 -7.25 5.37
N ALA A 69 0.27 -7.46 4.98
CA ALA A 69 1.28 -7.96 5.90
C ALA A 69 2.68 -7.48 5.50
N GLU A 70 3.64 -7.65 6.39
CA GLU A 70 5.01 -7.23 6.13
C GLU A 70 5.70 -8.22 5.19
N ASP A 71 5.79 -7.87 3.92
CA ASP A 71 6.44 -8.71 2.92
C ASP A 71 7.90 -8.32 2.72
N SER A 72 8.72 -9.28 2.33
CA SER A 72 10.14 -9.03 2.12
C SER A 72 10.43 -8.85 0.63
N GLY A 73 10.42 -7.60 0.17
CA GLY A 73 10.69 -7.32 -1.22
C GLY A 73 12.10 -6.81 -1.45
N PRO A 74 12.68 -7.15 -2.61
CA PRO A 74 14.04 -6.74 -2.97
C PRO A 74 14.13 -5.24 -3.26
N SER A 75 12.98 -4.58 -3.29
CA SER A 75 12.93 -3.15 -3.56
C SER A 75 13.68 -2.37 -2.48
N SER A 76 14.79 -1.75 -2.87
CA SER A 76 15.59 -0.97 -1.95
C SER A 76 15.65 0.49 -2.36
N GLY A 77 14.75 1.30 -1.80
CA GLY A 77 14.71 2.71 -2.13
C GLY A 77 14.85 3.60 -0.90
N GLY A 1 13.28 14.13 -3.36
CA GLY A 1 13.57 13.56 -2.06
C GLY A 1 14.11 12.15 -2.16
N SER A 2 15.27 11.99 -2.77
CA SER A 2 15.88 10.67 -2.93
C SER A 2 17.21 10.61 -2.19
N SER A 3 17.19 10.00 -1.00
CA SER A 3 18.39 9.87 -0.19
C SER A 3 18.58 8.42 0.27
N GLY A 4 17.51 7.80 0.75
CA GLY A 4 17.58 6.43 1.20
C GLY A 4 16.37 5.61 0.77
N SER A 5 16.52 4.30 0.79
CA SER A 5 15.44 3.40 0.39
C SER A 5 14.64 2.94 1.61
N SER A 6 14.38 3.87 2.52
CA SER A 6 13.63 3.57 3.73
C SER A 6 12.15 3.30 3.41
N GLY A 7 11.45 2.66 4.33
CA GLY A 7 10.04 2.37 4.13
C GLY A 7 9.74 0.90 4.27
N GLN A 8 8.48 0.58 4.59
CA GLN A 8 8.06 -0.80 4.76
C GLN A 8 7.04 -1.20 3.70
N TYR A 9 7.36 -2.23 2.93
CA TYR A 9 6.46 -2.71 1.88
C TYR A 9 5.57 -3.84 2.38
N PHE A 10 4.27 -3.64 2.28
CA PHE A 10 3.30 -4.64 2.73
C PHE A 10 2.61 -5.30 1.54
N VAL A 11 2.25 -6.57 1.70
CA VAL A 11 1.58 -7.31 0.64
C VAL A 11 0.14 -7.64 1.02
N ALA A 12 -0.78 -7.43 0.09
CA ALA A 12 -2.18 -7.70 0.33
C ALA A 12 -2.47 -9.19 0.27
N LEU A 13 -2.79 -9.77 1.43
CA LEU A 13 -3.08 -11.19 1.52
C LEU A 13 -4.42 -11.51 0.84
N PHE A 14 -5.33 -10.55 0.88
CA PHE A 14 -6.65 -10.73 0.27
C PHE A 14 -7.12 -9.44 -0.39
N ASP A 15 -7.81 -9.58 -1.51
CA ASP A 15 -8.32 -8.43 -2.25
C ASP A 15 -9.24 -7.58 -1.37
N TYR A 16 -9.27 -6.28 -1.64
CA TYR A 16 -10.10 -5.36 -0.87
C TYR A 16 -10.57 -4.21 -1.74
N GLN A 17 -11.85 -3.83 -1.58
CA GLN A 17 -12.43 -2.75 -2.34
C GLN A 17 -12.70 -1.54 -1.45
N ALA A 18 -11.99 -0.44 -1.71
CA ALA A 18 -12.17 0.77 -0.93
C ALA A 18 -13.62 1.26 -0.98
N ARG A 19 -14.28 1.23 0.18
CA ARG A 19 -15.67 1.67 0.27
C ARG A 19 -15.79 3.16 -0.06
N THR A 20 -14.87 3.95 0.46
CA THR A 20 -14.88 5.39 0.23
C THR A 20 -13.72 5.81 -0.67
N ALA A 21 -13.69 7.09 -1.04
CA ALA A 21 -12.64 7.62 -1.89
C ALA A 21 -11.33 7.75 -1.13
N GLU A 22 -11.40 8.31 0.08
CA GLU A 22 -10.22 8.48 0.91
C GLU A 22 -9.44 7.18 1.05
N ASP A 23 -10.18 6.07 1.14
CA ASP A 23 -9.56 4.76 1.27
C ASP A 23 -9.06 4.25 -0.08
N LEU A 24 -7.87 3.65 -0.07
CA LEU A 24 -7.28 3.12 -1.29
C LEU A 24 -7.68 1.67 -1.51
N SER A 25 -7.88 1.28 -2.77
CA SER A 25 -8.26 -0.08 -3.09
C SER A 25 -7.07 -0.87 -3.62
N PHE A 26 -7.08 -2.18 -3.38
CA PHE A 26 -6.00 -3.04 -3.83
C PHE A 26 -6.48 -4.49 -4.01
N ARG A 27 -5.65 -5.31 -4.63
CA ARG A 27 -6.00 -6.71 -4.87
C ARG A 27 -5.05 -7.63 -4.12
N ALA A 28 -5.43 -8.90 -4.01
CA ALA A 28 -4.62 -9.89 -3.32
C ALA A 28 -3.30 -10.14 -4.06
N GLY A 29 -2.21 -9.62 -3.51
CA GLY A 29 -0.91 -9.79 -4.13
C GLY A 29 -0.38 -8.51 -4.74
N ASP A 30 -0.85 -7.38 -4.21
CA ASP A 30 -0.42 -6.08 -4.71
C ASP A 30 0.72 -5.51 -3.85
N LYS A 31 1.64 -4.81 -4.49
CA LYS A 31 2.78 -4.22 -3.79
C LYS A 31 2.46 -2.81 -3.33
N LEU A 32 2.31 -2.63 -2.03
CA LEU A 32 2.01 -1.31 -1.47
C LEU A 32 3.02 -0.93 -0.40
N GLN A 33 3.40 0.35 -0.38
CA GLN A 33 4.36 0.84 0.59
C GLN A 33 3.67 1.64 1.69
N VAL A 34 3.85 1.24 2.94
CA VAL A 34 3.25 1.92 4.07
C VAL A 34 4.04 3.17 4.45
N LEU A 35 3.41 4.33 4.31
CA LEU A 35 4.05 5.59 4.63
C LEU A 35 3.67 6.06 6.04
N ASP A 36 2.37 6.21 6.27
CA ASP A 36 1.88 6.65 7.57
C ASP A 36 1.34 5.46 8.37
N THR A 37 1.79 5.34 9.62
CA THR A 37 1.35 4.24 10.48
C THR A 37 0.85 4.78 11.82
N SER A 38 0.22 5.94 11.78
CA SER A 38 -0.32 6.57 12.99
C SER A 38 -1.66 5.95 13.37
N HIS A 39 -2.70 6.29 12.60
CA HIS A 39 -4.03 5.77 12.86
C HIS A 39 -4.03 4.24 12.89
N GLU A 40 -3.93 3.69 14.10
CA GLU A 40 -3.91 2.25 14.28
C GLU A 40 -4.95 1.57 13.40
N GLY A 41 -4.54 0.50 12.72
CA GLY A 41 -5.45 -0.22 11.84
C GLY A 41 -5.39 0.29 10.41
N TRP A 42 -5.58 1.58 10.23
CA TRP A 42 -5.55 2.19 8.90
C TRP A 42 -4.21 2.88 8.65
N TRP A 43 -3.59 2.55 7.53
CA TRP A 43 -2.30 3.15 7.16
C TRP A 43 -2.38 3.83 5.80
N LEU A 44 -1.54 4.83 5.59
CA LEU A 44 -1.50 5.55 4.33
C LEU A 44 -0.38 5.06 3.44
N ALA A 45 -0.73 4.24 2.45
CA ALA A 45 0.25 3.69 1.52
C ALA A 45 0.02 4.23 0.10
N ARG A 46 0.97 3.97 -0.78
CA ARG A 46 0.88 4.42 -2.16
C ARG A 46 1.09 3.26 -3.13
N HIS A 47 0.34 3.26 -4.22
CA HIS A 47 0.45 2.20 -5.22
C HIS A 47 1.82 2.22 -5.89
N LEU A 48 2.59 1.15 -5.66
CA LEU A 48 3.93 1.05 -6.23
C LEU A 48 3.87 0.45 -7.65
N GLU A 49 2.98 -0.51 -7.83
CA GLU A 49 2.83 -1.16 -9.13
C GLU A 49 2.68 -0.12 -10.24
N LYS A 50 3.05 -0.52 -11.46
CA LYS A 50 2.96 0.38 -12.61
C LYS A 50 2.00 -0.18 -13.65
N LYS A 51 0.77 0.32 -13.64
CA LYS A 51 -0.24 -0.13 -14.58
C LYS A 51 -0.17 0.69 -15.88
N GLY A 52 -0.25 2.00 -15.75
CA GLY A 52 -0.20 2.87 -16.92
C GLY A 52 -1.09 4.08 -16.78
N THR A 53 -1.85 4.37 -17.83
CA THR A 53 -2.76 5.52 -17.82
C THR A 53 -4.16 5.12 -17.39
N GLY A 54 -4.85 6.02 -16.71
CA GLY A 54 -6.19 5.74 -16.24
C GLY A 54 -6.65 6.70 -15.16
N LEU A 55 -7.12 7.88 -15.58
CA LEU A 55 -7.59 8.89 -14.65
C LEU A 55 -8.82 8.41 -13.88
N GLY A 56 -8.59 7.76 -12.73
CA GLY A 56 -9.69 7.27 -11.93
C GLY A 56 -9.33 7.19 -10.46
N GLN A 57 -9.06 5.98 -9.98
CA GLN A 57 -8.72 5.77 -8.58
C GLN A 57 -7.47 6.56 -8.20
N GLN A 58 -7.23 6.70 -6.90
CA GLN A 58 -6.07 7.43 -6.41
C GLN A 58 -4.88 6.51 -6.21
N LEU A 59 -3.74 7.08 -5.84
CA LEU A 59 -2.53 6.31 -5.62
C LEU A 59 -2.24 6.15 -4.13
N GLN A 60 -2.46 7.23 -3.37
CA GLN A 60 -2.23 7.22 -1.94
C GLN A 60 -3.55 7.28 -1.17
N GLY A 61 -3.70 6.43 -0.18
CA GLY A 61 -4.92 6.40 0.62
C GLY A 61 -4.81 5.49 1.83
N TYR A 62 -5.87 5.46 2.62
CA TYR A 62 -5.90 4.62 3.82
C TYR A 62 -6.26 3.18 3.47
N ILE A 63 -5.53 2.23 4.04
CA ILE A 63 -5.78 0.82 3.81
C ILE A 63 -5.66 0.00 5.08
N PRO A 64 -6.50 -1.03 5.21
CA PRO A 64 -6.51 -1.91 6.39
C PRO A 64 -5.27 -2.79 6.45
N SER A 65 -4.52 -2.66 7.55
CA SER A 65 -3.31 -3.45 7.73
C SER A 65 -3.62 -4.94 7.82
N ASN A 66 -4.62 -5.28 8.63
CA ASN A 66 -5.03 -6.66 8.82
C ASN A 66 -5.17 -7.37 7.47
N TYR A 67 -5.54 -6.59 6.44
CA TYR A 67 -5.71 -7.14 5.11
C TYR A 67 -4.37 -7.47 4.46
N VAL A 68 -3.36 -6.65 4.78
CA VAL A 68 -2.02 -6.85 4.24
C VAL A 68 -1.07 -7.34 5.31
N ALA A 69 0.18 -7.60 4.92
CA ALA A 69 1.19 -8.08 5.85
C ALA A 69 2.58 -7.57 5.45
N GLU A 70 3.53 -7.65 6.38
CA GLU A 70 4.89 -7.21 6.13
C GLU A 70 5.62 -8.18 5.20
N ASP A 71 5.69 -7.84 3.93
CA ASP A 71 6.35 -8.68 2.94
C ASP A 71 7.80 -8.24 2.75
N SER A 72 8.69 -9.21 2.52
CA SER A 72 10.10 -8.93 2.32
C SER A 72 10.44 -8.85 0.84
N GLY A 73 10.00 -7.77 0.20
CA GLY A 73 10.26 -7.60 -1.23
C GLY A 73 11.74 -7.64 -1.55
N PRO A 74 12.12 -7.12 -2.73
CA PRO A 74 13.50 -7.09 -3.18
C PRO A 74 14.36 -6.11 -2.37
N SER A 75 15.12 -6.64 -1.43
CA SER A 75 15.98 -5.81 -0.59
C SER A 75 17.44 -6.22 -0.73
N SER A 76 18.35 -5.37 -0.27
CA SER A 76 19.77 -5.63 -0.34
C SER A 76 20.54 -4.79 0.67
N GLY A 77 21.83 -5.06 0.79
CA GLY A 77 22.66 -4.32 1.73
C GLY A 77 24.09 -4.16 1.24
N GLY A 1 9.31 0.16 -13.80
CA GLY A 1 9.28 0.02 -12.36
C GLY A 1 9.95 1.19 -11.65
N SER A 2 9.15 1.99 -10.97
CA SER A 2 9.67 3.15 -10.25
C SER A 2 10.45 2.71 -9.01
N SER A 3 11.68 3.21 -8.89
CA SER A 3 12.53 2.88 -7.76
C SER A 3 12.12 3.65 -6.51
N GLY A 4 12.65 3.25 -5.37
CA GLY A 4 12.33 3.92 -4.12
C GLY A 4 13.37 3.68 -3.05
N SER A 5 13.35 4.51 -2.00
CA SER A 5 14.30 4.39 -0.91
C SER A 5 13.85 3.35 0.10
N SER A 6 14.78 2.91 0.94
CA SER A 6 14.49 1.90 1.95
C SER A 6 13.27 2.30 2.78
N GLY A 7 12.15 1.64 2.54
CA GLY A 7 10.93 1.94 3.27
C GLY A 7 10.19 0.68 3.71
N GLN A 8 8.90 0.84 4.01
CA GLN A 8 8.09 -0.28 4.45
C GLN A 8 7.17 -0.76 3.32
N TYR A 9 7.53 -1.88 2.72
CA TYR A 9 6.75 -2.44 1.63
C TYR A 9 5.85 -3.57 2.12
N PHE A 10 4.57 -3.49 1.79
CA PHE A 10 3.60 -4.51 2.19
C PHE A 10 2.89 -5.10 0.98
N VAL A 11 2.41 -6.33 1.13
CA VAL A 11 1.70 -7.01 0.05
C VAL A 11 0.23 -7.22 0.40
N ALA A 12 -0.63 -7.08 -0.60
CA ALA A 12 -2.06 -7.26 -0.40
C ALA A 12 -2.45 -8.74 -0.47
N LEU A 13 -2.90 -9.27 0.66
CA LEU A 13 -3.31 -10.67 0.73
C LEU A 13 -4.62 -10.90 -0.01
N PHE A 14 -5.51 -9.92 0.07
CA PHE A 14 -6.81 -10.01 -0.60
C PHE A 14 -7.12 -8.72 -1.37
N ASP A 15 -8.22 -8.73 -2.09
CA ASP A 15 -8.64 -7.57 -2.88
C ASP A 15 -9.48 -6.62 -2.03
N TYR A 16 -9.31 -5.32 -2.28
CA TYR A 16 -10.05 -4.30 -1.53
C TYR A 16 -10.29 -3.07 -2.40
N GLN A 17 -11.54 -2.61 -2.44
CA GLN A 17 -11.90 -1.45 -3.23
C GLN A 17 -12.21 -0.25 -2.33
N ALA A 18 -11.85 0.95 -2.79
CA ALA A 18 -12.10 2.16 -2.02
C ALA A 18 -13.38 2.84 -2.47
N ARG A 19 -14.21 3.22 -1.51
CA ARG A 19 -15.47 3.88 -1.80
C ARG A 19 -15.31 5.39 -1.80
N THR A 20 -14.47 5.89 -0.90
CA THR A 20 -14.22 7.33 -0.79
C THR A 20 -12.79 7.67 -1.17
N ALA A 21 -12.61 8.82 -1.81
CA ALA A 21 -11.28 9.25 -2.23
C ALA A 21 -10.25 9.01 -1.12
N GLU A 22 -10.61 9.36 0.09
CA GLU A 22 -9.71 9.19 1.24
C GLU A 22 -9.15 7.78 1.26
N ASP A 23 -10.01 6.78 1.05
CA ASP A 23 -9.59 5.38 1.05
C ASP A 23 -8.93 5.02 -0.27
N LEU A 24 -7.99 4.07 -0.21
CA LEU A 24 -7.28 3.63 -1.40
C LEU A 24 -7.76 2.26 -1.85
N SER A 25 -7.76 2.03 -3.16
CA SER A 25 -8.19 0.75 -3.72
C SER A 25 -7.00 -0.05 -4.22
N PHE A 26 -7.04 -1.36 -4.01
CA PHE A 26 -5.95 -2.24 -4.45
C PHE A 26 -6.48 -3.65 -4.70
N ARG A 27 -5.59 -4.54 -5.11
CA ARG A 27 -5.95 -5.92 -5.38
C ARG A 27 -4.92 -6.89 -4.78
N ALA A 28 -5.33 -8.15 -4.62
CA ALA A 28 -4.44 -9.16 -4.06
C ALA A 28 -3.15 -9.27 -4.86
N GLY A 29 -2.03 -8.96 -4.20
CA GLY A 29 -0.74 -9.03 -4.87
C GLY A 29 -0.32 -7.70 -5.46
N ASP A 30 -0.62 -6.62 -4.75
CA ASP A 30 -0.27 -5.28 -5.21
C ASP A 30 0.76 -4.63 -4.28
N LYS A 31 1.97 -4.45 -4.79
CA LYS A 31 3.04 -3.84 -4.00
C LYS A 31 2.66 -2.44 -3.55
N LEU A 32 2.61 -2.23 -2.23
CA LEU A 32 2.25 -0.93 -1.67
C LEU A 32 3.18 -0.57 -0.51
N GLN A 33 3.68 0.65 -0.53
CA GLN A 33 4.58 1.13 0.53
C GLN A 33 3.80 1.87 1.61
N VAL A 34 3.91 1.39 2.83
CA VAL A 34 3.22 2.01 3.96
C VAL A 34 3.95 3.26 4.43
N LEU A 35 3.22 4.37 4.50
CA LEU A 35 3.80 5.64 4.93
C LEU A 35 3.45 5.93 6.38
N ASP A 36 2.15 5.95 6.68
CA ASP A 36 1.69 6.22 8.04
C ASP A 36 1.23 4.93 8.71
N THR A 37 1.72 4.70 9.93
CA THR A 37 1.36 3.50 10.68
C THR A 37 0.98 3.84 12.12
N SER A 38 0.25 4.94 12.29
CA SER A 38 -0.17 5.38 13.61
C SER A 38 -1.56 4.85 13.95
N HIS A 39 -2.54 5.21 13.12
CA HIS A 39 -3.92 4.78 13.32
C HIS A 39 -4.02 3.26 13.21
N GLU A 40 -3.92 2.57 14.35
CA GLU A 40 -4.00 1.12 14.37
C GLU A 40 -5.16 0.63 13.50
N GLY A 41 -4.85 -0.22 12.53
CA GLY A 41 -5.87 -0.75 11.65
C GLY A 41 -5.78 -0.17 10.25
N TRP A 42 -5.97 1.14 10.14
CA TRP A 42 -5.92 1.81 8.84
C TRP A 42 -4.57 2.50 8.65
N TRP A 43 -3.85 2.10 7.61
CA TRP A 43 -2.54 2.67 7.31
C TRP A 43 -2.59 3.48 6.02
N LEU A 44 -1.69 4.45 5.91
CA LEU A 44 -1.63 5.29 4.73
C LEU A 44 -0.49 4.87 3.80
N ALA A 45 -0.84 4.17 2.73
CA ALA A 45 0.15 3.69 1.77
C ALA A 45 -0.04 4.37 0.41
N ARG A 46 0.92 4.18 -0.48
CA ARG A 46 0.86 4.77 -1.81
C ARG A 46 1.11 3.72 -2.88
N HIS A 47 0.59 3.96 -4.07
CA HIS A 47 0.75 3.03 -5.19
C HIS A 47 2.16 3.13 -5.77
N LEU A 48 2.83 1.99 -5.88
CA LEU A 48 4.18 1.93 -6.43
C LEU A 48 4.15 1.75 -7.94
N GLU A 49 3.27 0.88 -8.41
CA GLU A 49 3.13 0.61 -9.84
C GLU A 49 3.03 1.90 -10.63
N LYS A 50 3.77 1.98 -11.73
CA LYS A 50 3.75 3.17 -12.57
C LYS A 50 2.94 2.92 -13.84
N LYS A 51 3.12 1.75 -14.44
CA LYS A 51 2.39 1.39 -15.65
C LYS A 51 0.99 1.97 -15.63
N GLY A 52 0.32 1.87 -14.49
CA GLY A 52 -1.03 2.39 -14.36
C GLY A 52 -1.83 1.69 -13.29
N THR A 53 -3.12 1.99 -13.21
CA THR A 53 -4.00 1.38 -12.22
C THR A 53 -5.11 0.56 -12.88
N GLY A 54 -5.89 -0.13 -12.06
CA GLY A 54 -6.97 -0.94 -12.59
C GLY A 54 -8.33 -0.30 -12.36
N LEU A 55 -8.72 -0.18 -11.10
CA LEU A 55 -10.00 0.42 -10.76
C LEU A 55 -9.87 1.35 -9.56
N GLY A 56 -10.06 2.65 -9.80
CA GLY A 56 -9.95 3.62 -8.73
C GLY A 56 -8.83 4.61 -8.95
N GLN A 57 -9.19 5.85 -9.24
CA GLN A 57 -8.19 6.90 -9.47
C GLN A 57 -7.65 7.45 -8.15
N GLN A 58 -6.77 6.68 -7.51
CA GLN A 58 -6.19 7.10 -6.24
C GLN A 58 -4.82 6.46 -6.05
N LEU A 59 -3.85 7.28 -5.65
CA LEU A 59 -2.48 6.80 -5.43
C LEU A 59 -2.21 6.61 -3.94
N GLN A 60 -2.69 7.54 -3.13
CA GLN A 60 -2.50 7.48 -1.68
C GLN A 60 -3.84 7.52 -0.96
N GLY A 61 -3.93 6.78 0.15
CA GLY A 61 -5.15 6.73 0.91
C GLY A 61 -5.08 5.76 2.06
N TYR A 62 -6.21 5.58 2.76
CA TYR A 62 -6.27 4.67 3.89
C TYR A 62 -6.58 3.25 3.44
N ILE A 63 -5.85 2.27 3.98
CA ILE A 63 -6.05 0.88 3.62
C ILE A 63 -5.95 -0.02 4.86
N PRO A 64 -6.77 -1.08 4.88
CA PRO A 64 -6.79 -2.04 5.99
C PRO A 64 -5.53 -2.88 6.05
N SER A 65 -4.98 -3.05 7.24
CA SER A 65 -3.76 -3.84 7.43
C SER A 65 -4.07 -5.32 7.32
N ASN A 66 -5.14 -5.76 7.97
CA ASN A 66 -5.53 -7.17 7.94
C ASN A 66 -5.62 -7.67 6.50
N TYR A 67 -5.68 -6.75 5.56
CA TYR A 67 -5.78 -7.10 4.15
C TYR A 67 -4.39 -7.30 3.54
N VAL A 68 -3.41 -6.58 4.06
CA VAL A 68 -2.04 -6.67 3.57
C VAL A 68 -1.15 -7.38 4.60
N ALA A 69 0.09 -7.64 4.20
CA ALA A 69 1.05 -8.31 5.09
C ALA A 69 2.47 -7.83 4.80
N GLU A 70 3.42 -8.33 5.59
CA GLU A 70 4.82 -7.96 5.43
C GLU A 70 5.46 -8.75 4.30
N ASP A 71 5.66 -8.09 3.16
CA ASP A 71 6.27 -8.74 2.00
C ASP A 71 7.78 -8.51 1.98
N SER A 72 8.51 -9.48 1.46
CA SER A 72 9.97 -9.38 1.39
C SER A 72 10.41 -8.88 0.01
N GLY A 73 10.80 -7.62 -0.05
CA GLY A 73 11.25 -7.05 -1.31
C GLY A 73 12.75 -6.93 -1.40
N PRO A 74 13.28 -6.98 -2.63
CA PRO A 74 14.73 -6.88 -2.88
C PRO A 74 15.27 -5.49 -2.59
N SER A 75 16.53 -5.42 -2.19
CA SER A 75 17.17 -4.15 -1.88
C SER A 75 17.54 -3.40 -3.16
N SER A 76 18.02 -2.17 -3.00
CA SER A 76 18.41 -1.35 -4.14
C SER A 76 19.74 -1.83 -4.73
N GLY A 77 19.94 -1.55 -6.02
CA GLY A 77 21.16 -1.96 -6.68
C GLY A 77 20.89 -2.71 -7.97
N GLY A 1 14.73 10.08 -7.83
CA GLY A 1 15.64 8.98 -8.07
C GLY A 1 15.20 7.71 -7.37
N SER A 2 13.93 7.35 -7.53
CA SER A 2 13.38 6.16 -6.90
C SER A 2 13.92 6.00 -5.49
N SER A 3 14.00 7.11 -4.75
CA SER A 3 14.50 7.09 -3.38
C SER A 3 13.35 7.01 -2.39
N GLY A 4 13.60 6.36 -1.26
CA GLY A 4 12.58 6.22 -0.24
C GLY A 4 13.01 5.33 0.91
N SER A 5 13.96 5.82 1.71
CA SER A 5 14.47 5.06 2.84
C SER A 5 13.44 5.02 3.98
N SER A 6 13.64 4.09 4.91
CA SER A 6 12.73 3.95 6.04
C SER A 6 11.31 3.68 5.57
N GLY A 7 11.19 2.94 4.46
CA GLY A 7 9.88 2.63 3.92
C GLY A 7 9.59 1.14 3.91
N GLN A 8 8.53 0.74 4.60
CA GLN A 8 8.15 -0.66 4.67
C GLN A 8 7.12 -1.01 3.62
N TYR A 9 7.41 -2.04 2.82
CA TYR A 9 6.50 -2.45 1.75
C TYR A 9 5.57 -3.56 2.24
N PHE A 10 4.35 -3.57 1.72
CA PHE A 10 3.36 -4.57 2.10
C PHE A 10 2.65 -5.13 0.87
N VAL A 11 2.22 -6.38 0.96
CA VAL A 11 1.52 -7.03 -0.14
C VAL A 11 0.06 -7.29 0.21
N ALA A 12 -0.82 -7.04 -0.75
CA ALA A 12 -2.25 -7.25 -0.55
C ALA A 12 -2.61 -8.72 -0.69
N LEU A 13 -3.16 -9.29 0.38
CA LEU A 13 -3.56 -10.70 0.38
C LEU A 13 -4.90 -10.89 -0.31
N PHE A 14 -5.75 -9.87 -0.22
CA PHE A 14 -7.07 -9.92 -0.84
C PHE A 14 -7.43 -8.56 -1.46
N ASP A 15 -8.22 -8.60 -2.52
CA ASP A 15 -8.64 -7.40 -3.21
C ASP A 15 -9.47 -6.50 -2.30
N TYR A 16 -9.46 -5.20 -2.56
CA TYR A 16 -10.20 -4.25 -1.75
C TYR A 16 -10.66 -3.06 -2.60
N GLN A 17 -11.77 -2.45 -2.20
CA GLN A 17 -12.31 -1.31 -2.92
C GLN A 17 -12.63 -0.17 -1.96
N ALA A 18 -12.02 0.99 -2.21
CA ALA A 18 -12.24 2.17 -1.38
C ALA A 18 -13.73 2.36 -1.07
N ARG A 19 -14.14 1.93 0.11
CA ARG A 19 -15.53 2.05 0.52
C ARG A 19 -15.87 3.49 0.89
N THR A 20 -14.83 4.26 1.21
CA THR A 20 -15.02 5.66 1.58
C THR A 20 -14.20 6.58 0.68
N ALA A 21 -14.85 7.63 0.16
CA ALA A 21 -14.18 8.58 -0.71
C ALA A 21 -12.74 8.84 -0.26
N GLU A 22 -12.50 8.69 1.04
CA GLU A 22 -11.18 8.89 1.60
C GLU A 22 -10.48 7.56 1.88
N ASP A 23 -10.04 6.90 0.83
CA ASP A 23 -9.36 5.61 0.96
C ASP A 23 -8.74 5.20 -0.37
N LEU A 24 -7.86 4.20 -0.32
CA LEU A 24 -7.18 3.71 -1.52
C LEU A 24 -7.61 2.27 -1.82
N SER A 25 -7.74 1.96 -3.11
CA SER A 25 -8.14 0.63 -3.54
C SER A 25 -6.95 -0.15 -4.07
N PHE A 26 -7.04 -1.47 -4.02
CA PHE A 26 -5.96 -2.34 -4.48
C PHE A 26 -6.48 -3.75 -4.75
N ARG A 27 -5.62 -4.58 -5.35
CA ARG A 27 -5.99 -5.96 -5.66
C ARG A 27 -5.00 -6.94 -5.05
N ALA A 28 -5.42 -8.19 -4.91
CA ALA A 28 -4.56 -9.22 -4.33
C ALA A 28 -3.27 -9.35 -5.13
N GLY A 29 -2.16 -8.98 -4.51
CA GLY A 29 -0.87 -9.07 -5.17
C GLY A 29 -0.40 -7.73 -5.71
N ASP A 30 -0.70 -6.66 -4.97
CA ASP A 30 -0.30 -5.32 -5.38
C ASP A 30 0.68 -4.72 -4.38
N LYS A 31 1.83 -4.28 -4.90
CA LYS A 31 2.87 -3.68 -4.05
C LYS A 31 2.44 -2.31 -3.56
N LEU A 32 2.56 -2.09 -2.25
CA LEU A 32 2.20 -0.82 -1.65
C LEU A 32 3.16 -0.44 -0.53
N GLN A 33 3.66 0.79 -0.57
CA GLN A 33 4.58 1.27 0.45
C GLN A 33 3.85 2.02 1.54
N VAL A 34 3.95 1.51 2.77
CA VAL A 34 3.29 2.13 3.92
C VAL A 34 4.07 3.36 4.39
N LEU A 35 3.42 4.51 4.32
CA LEU A 35 4.04 5.77 4.75
C LEU A 35 3.68 6.09 6.20
N ASP A 36 2.38 6.22 6.47
CA ASP A 36 1.91 6.53 7.81
C ASP A 36 1.31 5.29 8.47
N THR A 37 1.71 5.05 9.71
CA THR A 37 1.22 3.90 10.46
C THR A 37 0.67 4.31 11.83
N SER A 38 -0.02 5.45 11.85
CA SER A 38 -0.60 5.95 13.09
C SER A 38 -1.95 5.29 13.37
N HIS A 39 -2.96 5.67 12.60
CA HIS A 39 -4.29 5.11 12.77
C HIS A 39 -4.25 3.58 12.77
N GLU A 40 -4.52 2.99 13.93
CA GLU A 40 -4.50 1.53 14.07
C GLU A 40 -5.51 0.89 13.11
N GLY A 41 -4.99 0.15 12.13
CA GLY A 41 -5.84 -0.50 11.17
C GLY A 41 -5.72 0.09 9.78
N TRP A 42 -5.91 1.40 9.67
CA TRP A 42 -5.82 2.08 8.39
C TRP A 42 -4.46 2.77 8.23
N TRP A 43 -3.70 2.35 7.23
CA TRP A 43 -2.39 2.93 6.97
C TRP A 43 -2.38 3.73 5.67
N LEU A 44 -1.50 4.72 5.59
CA LEU A 44 -1.39 5.56 4.40
C LEU A 44 -0.27 5.08 3.50
N ALA A 45 -0.62 4.33 2.47
CA ALA A 45 0.37 3.81 1.52
C ALA A 45 0.16 4.40 0.14
N ARG A 46 1.16 4.25 -0.72
CA ARG A 46 1.08 4.76 -2.09
C ARG A 46 1.43 3.68 -3.10
N HIS A 47 0.77 3.72 -4.25
CA HIS A 47 1.01 2.74 -5.30
C HIS A 47 2.48 2.75 -5.73
N LEU A 48 3.08 1.57 -5.77
CA LEU A 48 4.48 1.43 -6.16
C LEU A 48 4.60 0.97 -7.61
N GLU A 49 3.67 0.12 -8.04
CA GLU A 49 3.68 -0.40 -9.40
C GLU A 49 3.73 0.74 -10.41
N LYS A 50 4.87 0.88 -11.08
CA LYS A 50 5.05 1.92 -12.08
C LYS A 50 4.07 1.76 -13.24
N LYS A 51 4.01 0.55 -13.78
CA LYS A 51 3.11 0.25 -14.89
C LYS A 51 1.90 -0.54 -14.41
N GLY A 52 0.73 -0.23 -14.97
CA GLY A 52 -0.48 -0.93 -14.59
C GLY A 52 -1.68 0.00 -14.50
N THR A 53 -2.73 -0.34 -15.24
CA THR A 53 -3.95 0.48 -15.24
C THR A 53 -4.91 0.04 -14.14
N GLY A 54 -5.19 0.95 -13.21
CA GLY A 54 -6.10 0.64 -12.12
C GLY A 54 -7.18 1.68 -11.94
N LEU A 55 -8.33 1.26 -11.43
CA LEU A 55 -9.45 2.17 -11.21
C LEU A 55 -9.36 2.83 -9.84
N GLY A 56 -9.34 4.16 -9.83
CA GLY A 56 -9.25 4.89 -8.57
C GLY A 56 -9.18 6.39 -8.79
N GLN A 57 -9.08 7.14 -7.68
CA GLN A 57 -9.00 8.59 -7.76
C GLN A 57 -7.60 9.08 -7.40
N GLN A 58 -7.06 8.58 -6.30
CA GLN A 58 -5.73 8.97 -5.85
C GLN A 58 -4.75 7.80 -5.98
N LEU A 59 -3.47 8.10 -5.87
CA LEU A 59 -2.43 7.08 -5.97
C LEU A 59 -2.03 6.57 -4.59
N GLN A 60 -2.38 7.33 -3.56
CA GLN A 60 -2.07 6.95 -2.19
C GLN A 60 -3.19 7.36 -1.24
N GLY A 61 -3.53 6.47 -0.31
CA GLY A 61 -4.58 6.75 0.65
C GLY A 61 -4.58 5.79 1.82
N TYR A 62 -5.71 5.71 2.51
CA TYR A 62 -5.83 4.83 3.67
C TYR A 62 -6.22 3.41 3.23
N ILE A 63 -5.55 2.42 3.81
CA ILE A 63 -5.82 1.03 3.48
C ILE A 63 -5.71 0.14 4.71
N PRO A 64 -6.57 -0.90 4.77
CA PRO A 64 -6.59 -1.84 5.89
C PRO A 64 -5.35 -2.73 5.92
N SER A 65 -4.71 -2.80 7.09
CA SER A 65 -3.51 -3.61 7.26
C SER A 65 -3.86 -5.09 7.28
N ASN A 66 -4.98 -5.42 7.91
CA ASN A 66 -5.42 -6.81 8.01
C ASN A 66 -5.59 -7.42 6.62
N TYR A 67 -5.67 -6.57 5.61
CA TYR A 67 -5.82 -7.02 4.23
C TYR A 67 -4.47 -7.31 3.59
N VAL A 68 -3.45 -6.60 4.04
CA VAL A 68 -2.10 -6.79 3.51
C VAL A 68 -1.19 -7.45 4.54
N ALA A 69 0.08 -7.62 4.17
CA ALA A 69 1.05 -8.25 5.05
C ALA A 69 2.47 -7.86 4.68
N GLU A 70 3.43 -8.25 5.51
CA GLU A 70 4.83 -7.93 5.26
C GLU A 70 5.41 -8.85 4.19
N ASP A 71 5.58 -8.30 2.98
CA ASP A 71 6.13 -9.07 1.87
C ASP A 71 7.64 -8.89 1.78
N SER A 72 8.30 -9.78 1.03
CA SER A 72 9.74 -9.72 0.86
C SER A 72 10.17 -8.36 0.31
N GLY A 73 10.92 -7.61 1.11
CA GLY A 73 11.37 -6.30 0.68
C GLY A 73 12.89 -6.25 0.50
N PRO A 74 13.36 -6.75 -0.65
CA PRO A 74 14.79 -6.78 -0.98
C PRO A 74 15.34 -5.38 -1.24
N SER A 75 16.47 -5.07 -0.61
CA SER A 75 17.10 -3.76 -0.78
C SER A 75 17.67 -3.61 -2.19
N SER A 76 18.51 -4.56 -2.59
CA SER A 76 19.13 -4.53 -3.91
C SER A 76 19.45 -5.94 -4.39
N GLY A 77 19.70 -6.07 -5.69
CA GLY A 77 20.02 -7.37 -6.26
C GLY A 77 19.49 -7.52 -7.68
N GLY A 1 10.62 14.15 4.52
CA GLY A 1 11.63 14.11 3.49
C GLY A 1 12.01 12.69 3.09
N SER A 2 11.75 12.35 1.84
CA SER A 2 12.06 11.02 1.33
C SER A 2 13.48 10.94 0.80
N SER A 3 14.34 10.21 1.51
CA SER A 3 15.73 10.07 1.11
C SER A 3 15.84 9.39 -0.25
N GLY A 4 15.40 8.15 -0.32
CA GLY A 4 15.45 7.41 -1.57
C GLY A 4 15.31 5.91 -1.37
N SER A 5 16.27 5.33 -0.65
CA SER A 5 16.26 3.89 -0.40
C SER A 5 15.55 3.59 0.93
N SER A 6 14.32 4.06 1.06
CA SER A 6 13.55 3.84 2.27
C SER A 6 12.08 3.61 1.95
N GLY A 7 11.32 3.12 2.92
CA GLY A 7 9.91 2.86 2.72
C GLY A 7 9.51 1.46 3.10
N GLN A 8 8.54 1.34 4.00
CA GLN A 8 8.07 0.04 4.46
C GLN A 8 7.10 -0.57 3.46
N TYR A 9 7.50 -1.65 2.82
CA TYR A 9 6.66 -2.32 1.83
C TYR A 9 5.78 -3.37 2.51
N PHE A 10 4.61 -3.62 1.91
CA PHE A 10 3.68 -4.61 2.45
C PHE A 10 2.99 -5.36 1.32
N VAL A 11 2.43 -6.52 1.65
CA VAL A 11 1.74 -7.35 0.67
C VAL A 11 0.28 -7.55 1.06
N ALA A 12 -0.63 -7.33 0.11
CA ALA A 12 -2.05 -7.50 0.35
C ALA A 12 -2.44 -8.97 0.41
N LEU A 13 -2.67 -9.46 1.62
CA LEU A 13 -3.05 -10.87 1.82
C LEU A 13 -4.40 -11.16 1.17
N PHE A 14 -5.30 -10.18 1.23
CA PHE A 14 -6.63 -10.35 0.64
C PHE A 14 -7.00 -9.13 -0.21
N ASP A 15 -8.14 -9.22 -0.88
CA ASP A 15 -8.60 -8.13 -1.73
C ASP A 15 -9.42 -7.13 -0.93
N TYR A 16 -9.31 -5.85 -1.30
CA TYR A 16 -10.05 -4.79 -0.61
C TYR A 16 -10.49 -3.70 -1.59
N GLN A 17 -11.76 -3.33 -1.51
CA GLN A 17 -12.30 -2.30 -2.38
C GLN A 17 -12.67 -1.05 -1.60
N ALA A 18 -11.98 0.05 -1.87
CA ALA A 18 -12.23 1.31 -1.18
C ALA A 18 -13.73 1.62 -1.15
N ARG A 19 -14.26 1.79 0.06
CA ARG A 19 -15.67 2.09 0.24
C ARG A 19 -15.95 3.56 0.01
N THR A 20 -15.09 4.41 0.56
CA THR A 20 -15.23 5.85 0.42
C THR A 20 -14.04 6.46 -0.31
N ALA A 21 -14.15 7.75 -0.63
CA ALA A 21 -13.08 8.45 -1.33
C ALA A 21 -11.81 8.49 -0.48
N GLU A 22 -11.97 8.39 0.83
CA GLU A 22 -10.84 8.41 1.75
C GLU A 22 -10.32 7.00 2.02
N ASP A 23 -9.94 6.31 0.95
CA ASP A 23 -9.43 4.95 1.06
C ASP A 23 -8.82 4.48 -0.26
N LEU A 24 -7.90 3.54 -0.17
CA LEU A 24 -7.24 3.00 -1.36
C LEU A 24 -7.80 1.63 -1.73
N SER A 25 -7.83 1.33 -3.03
CA SER A 25 -8.34 0.05 -3.50
C SER A 25 -7.20 -0.83 -4.02
N PHE A 26 -7.08 -2.01 -3.43
CA PHE A 26 -6.04 -2.95 -3.82
C PHE A 26 -6.57 -4.37 -3.86
N ARG A 27 -5.76 -5.29 -4.39
CA ARG A 27 -6.16 -6.69 -4.49
C ARG A 27 -5.11 -7.61 -3.86
N ALA A 28 -5.46 -8.88 -3.71
CA ALA A 28 -4.56 -9.86 -3.11
C ALA A 28 -3.28 -9.98 -3.93
N GLY A 29 -2.16 -9.53 -3.35
CA GLY A 29 -0.89 -9.61 -4.04
C GLY A 29 -0.52 -8.30 -4.72
N ASP A 30 -0.79 -7.19 -4.05
CA ASP A 30 -0.49 -5.87 -4.59
C ASP A 30 0.56 -5.16 -3.76
N LYS A 31 1.75 -5.00 -4.33
CA LYS A 31 2.85 -4.34 -3.64
C LYS A 31 2.45 -2.93 -3.20
N LEU A 32 2.18 -2.77 -1.91
CA LEU A 32 1.79 -1.47 -1.36
C LEU A 32 2.76 -1.01 -0.29
N GLN A 33 3.24 0.22 -0.41
CA GLN A 33 4.18 0.77 0.54
C GLN A 33 3.46 1.64 1.57
N VAL A 34 3.60 1.27 2.84
CA VAL A 34 2.96 2.01 3.93
C VAL A 34 3.73 3.29 4.24
N LEU A 35 3.01 4.41 4.24
CA LEU A 35 3.63 5.71 4.53
C LEU A 35 3.38 6.12 5.97
N ASP A 36 2.10 6.18 6.35
CA ASP A 36 1.73 6.55 7.71
C ASP A 36 1.29 5.34 8.52
N THR A 37 1.81 5.21 9.73
CA THR A 37 1.47 4.09 10.60
C THR A 37 1.01 4.58 11.97
N SER A 38 0.30 5.70 11.99
CA SER A 38 -0.20 6.27 13.24
C SER A 38 -1.33 5.42 13.81
N HIS A 39 -2.38 5.24 13.01
CA HIS A 39 -3.54 4.45 13.43
C HIS A 39 -3.16 2.99 13.58
N GLU A 40 -3.65 2.36 14.64
CA GLU A 40 -3.37 0.95 14.89
C GLU A 40 -4.33 0.05 14.11
N GLY A 41 -4.60 0.44 12.87
CA GLY A 41 -5.50 -0.34 12.03
C GLY A 41 -5.54 0.15 10.60
N TRP A 42 -5.58 1.48 10.44
CA TRP A 42 -5.62 2.08 9.11
C TRP A 42 -4.32 2.82 8.80
N TRP A 43 -3.61 2.36 7.78
CA TRP A 43 -2.34 2.98 7.40
C TRP A 43 -2.46 3.65 6.04
N LEU A 44 -1.70 4.71 5.82
CA LEU A 44 -1.71 5.44 4.56
C LEU A 44 -0.61 4.95 3.63
N ALA A 45 -0.99 4.10 2.68
CA ALA A 45 -0.04 3.56 1.72
C ALA A 45 -0.34 4.04 0.31
N ARG A 46 0.57 3.76 -0.62
CA ARG A 46 0.39 4.17 -2.01
C ARG A 46 0.64 2.99 -2.95
N HIS A 47 0.14 3.12 -4.17
CA HIS A 47 0.30 2.06 -5.18
C HIS A 47 1.72 2.07 -5.74
N LEU A 48 2.35 0.89 -5.74
CA LEU A 48 3.72 0.76 -6.24
C LEU A 48 3.72 0.23 -7.68
N GLU A 49 2.86 -0.74 -7.94
CA GLU A 49 2.76 -1.32 -9.27
C GLU A 49 2.73 -0.24 -10.35
N LYS A 50 3.16 -0.59 -11.55
CA LYS A 50 3.18 0.35 -12.66
C LYS A 50 2.02 0.11 -13.61
N LYS A 51 1.17 1.12 -13.79
CA LYS A 51 0.02 1.01 -14.67
C LYS A 51 -0.05 2.20 -15.62
N GLY A 52 0.25 1.96 -16.89
CA GLY A 52 0.20 3.03 -17.87
C GLY A 52 -1.16 3.15 -18.54
N THR A 53 -2.18 3.45 -17.75
CA THR A 53 -3.54 3.59 -18.27
C THR A 53 -4.13 4.94 -17.88
N GLY A 54 -4.84 5.56 -18.81
CA GLY A 54 -5.45 6.85 -18.55
C GLY A 54 -6.73 6.72 -17.73
N LEU A 55 -6.67 5.95 -16.66
CA LEU A 55 -7.82 5.75 -15.79
C LEU A 55 -7.40 5.58 -14.34
N GLY A 56 -7.80 6.53 -13.49
CA GLY A 56 -7.45 6.46 -12.09
C GLY A 56 -7.92 7.68 -11.32
N GLN A 57 -8.36 7.47 -10.08
CA GLN A 57 -8.84 8.57 -9.24
C GLN A 57 -7.85 8.86 -8.12
N GLN A 58 -7.31 7.80 -7.52
CA GLN A 58 -6.35 7.95 -6.43
C GLN A 58 -5.25 6.90 -6.53
N LEU A 59 -4.17 7.11 -5.79
CA LEU A 59 -3.04 6.19 -5.80
C LEU A 59 -2.68 5.76 -4.38
N GLN A 60 -2.91 6.65 -3.43
CA GLN A 60 -2.62 6.37 -2.02
C GLN A 60 -3.78 6.76 -1.13
N GLY A 61 -4.08 5.92 -0.14
CA GLY A 61 -5.17 6.20 0.78
C GLY A 61 -5.10 5.36 2.03
N TYR A 62 -6.19 5.34 2.79
CA TYR A 62 -6.25 4.56 4.03
C TYR A 62 -6.57 3.10 3.74
N ILE A 63 -5.71 2.21 4.22
CA ILE A 63 -5.91 0.78 4.02
C ILE A 63 -5.70 0.00 5.31
N PRO A 64 -6.49 -1.06 5.50
CA PRO A 64 -6.42 -1.91 6.69
C PRO A 64 -5.13 -2.72 6.74
N SER A 65 -4.54 -2.82 7.93
CA SER A 65 -3.31 -3.57 8.11
C SER A 65 -3.58 -5.08 8.12
N ASN A 66 -4.66 -5.46 8.79
CA ASN A 66 -5.04 -6.87 8.88
C ASN A 66 -5.18 -7.49 7.49
N TYR A 67 -5.24 -6.64 6.47
CA TYR A 67 -5.38 -7.10 5.10
C TYR A 67 -4.02 -7.32 4.46
N VAL A 68 -3.04 -6.51 4.87
CA VAL A 68 -1.69 -6.63 4.33
C VAL A 68 -0.73 -7.18 5.37
N ALA A 69 0.49 -7.46 4.95
CA ALA A 69 1.51 -7.99 5.85
C ALA A 69 2.92 -7.63 5.38
N GLU A 70 3.90 -7.81 6.26
CA GLU A 70 5.28 -7.50 5.93
C GLU A 70 5.87 -8.55 5.00
N ASP A 71 6.07 -8.17 3.74
CA ASP A 71 6.62 -9.08 2.75
C ASP A 71 8.15 -8.91 2.65
N SER A 72 8.79 -9.84 1.95
CA SER A 72 10.23 -9.80 1.78
C SER A 72 10.66 -8.53 1.06
N GLY A 73 10.11 -8.33 -0.13
CA GLY A 73 10.44 -7.14 -0.92
C GLY A 73 10.76 -7.48 -2.36
N PRO A 74 11.82 -8.27 -2.58
CA PRO A 74 12.24 -8.68 -3.93
C PRO A 74 11.26 -9.65 -4.57
N SER A 75 10.32 -9.11 -5.35
CA SER A 75 9.32 -9.93 -6.02
C SER A 75 9.92 -10.63 -7.24
N SER A 76 10.58 -11.76 -7.00
CA SER A 76 11.21 -12.51 -8.08
C SER A 76 10.18 -13.38 -8.80
N GLY A 77 9.64 -12.86 -9.90
CA GLY A 77 8.65 -13.60 -10.67
C GLY A 77 7.43 -12.76 -10.97
N GLY A 1 15.70 2.66 -7.55
CA GLY A 1 16.53 3.08 -6.43
C GLY A 1 16.39 4.56 -6.13
N SER A 2 15.47 4.89 -5.23
CA SER A 2 15.24 6.28 -4.85
C SER A 2 16.04 6.64 -3.61
N SER A 3 17.11 7.41 -3.80
CA SER A 3 17.95 7.84 -2.70
C SER A 3 18.15 6.70 -1.70
N GLY A 4 18.52 5.53 -2.22
CA GLY A 4 18.75 4.37 -1.36
C GLY A 4 17.51 3.51 -1.23
N SER A 5 17.24 3.05 -0.01
CA SER A 5 16.08 2.20 0.25
C SER A 5 15.19 2.82 1.32
N SER A 6 14.15 3.52 0.87
CA SER A 6 13.20 4.16 1.79
C SER A 6 11.77 3.82 1.42
N GLY A 7 10.99 3.43 2.43
CA GLY A 7 9.60 3.09 2.19
C GLY A 7 9.30 1.64 2.54
N GLN A 8 8.35 1.43 3.46
CA GLN A 8 7.98 0.10 3.88
C GLN A 8 7.03 -0.55 2.86
N TYR A 9 7.33 -1.77 2.47
CA TYR A 9 6.51 -2.49 1.50
C TYR A 9 5.66 -3.55 2.20
N PHE A 10 4.40 -3.68 1.76
CA PHE A 10 3.49 -4.65 2.35
C PHE A 10 2.72 -5.39 1.26
N VAL A 11 2.20 -6.56 1.60
CA VAL A 11 1.44 -7.37 0.65
C VAL A 11 0.03 -7.65 1.17
N ALA A 12 -0.95 -7.56 0.28
CA ALA A 12 -2.34 -7.80 0.64
C ALA A 12 -2.63 -9.29 0.75
N LEU A 13 -2.81 -9.76 1.98
CA LEU A 13 -3.09 -11.17 2.23
C LEU A 13 -4.44 -11.57 1.65
N PHE A 14 -5.41 -10.67 1.77
CA PHE A 14 -6.76 -10.92 1.26
C PHE A 14 -7.30 -9.69 0.53
N ASP A 15 -8.15 -9.93 -0.46
CA ASP A 15 -8.75 -8.84 -1.24
C ASP A 15 -9.61 -7.95 -0.34
N TYR A 16 -9.67 -6.66 -0.68
CA TYR A 16 -10.45 -5.71 0.09
C TYR A 16 -10.97 -4.59 -0.80
N GLN A 17 -12.19 -4.14 -0.52
CA GLN A 17 -12.80 -3.06 -1.30
C GLN A 17 -13.05 -1.83 -0.44
N ALA A 18 -12.36 -0.74 -0.76
CA ALA A 18 -12.50 0.50 -0.01
C ALA A 18 -13.96 0.97 0.01
N ARG A 19 -14.59 0.82 1.16
CA ARG A 19 -15.99 1.22 1.31
C ARG A 19 -16.15 2.72 1.07
N THR A 20 -15.17 3.50 1.51
CA THR A 20 -15.20 4.95 1.34
C THR A 20 -14.06 5.43 0.46
N ALA A 21 -14.25 6.57 -0.19
CA ALA A 21 -13.23 7.13 -1.06
C ALA A 21 -11.94 7.40 -0.29
N GLU A 22 -12.06 7.97 0.91
CA GLU A 22 -10.91 8.27 1.74
C GLU A 22 -9.99 7.06 1.84
N ASP A 23 -10.56 5.87 1.83
CA ASP A 23 -9.80 4.64 1.92
C ASP A 23 -9.39 4.15 0.53
N LEU A 24 -8.45 3.21 0.49
CA LEU A 24 -7.98 2.66 -0.77
C LEU A 24 -8.38 1.19 -0.90
N SER A 25 -8.53 0.73 -2.14
CA SER A 25 -8.91 -0.65 -2.40
C SER A 25 -7.75 -1.43 -3.02
N PHE A 26 -7.74 -2.73 -2.81
CA PHE A 26 -6.69 -3.59 -3.34
C PHE A 26 -7.16 -5.05 -3.44
N ARG A 27 -6.34 -5.89 -4.05
CA ARG A 27 -6.67 -7.30 -4.22
C ARG A 27 -5.72 -8.18 -3.41
N ALA A 28 -6.03 -9.47 -3.34
CA ALA A 28 -5.20 -10.42 -2.61
C ALA A 28 -3.91 -10.73 -3.37
N GLY A 29 -2.81 -10.16 -2.89
CA GLY A 29 -1.52 -10.39 -3.54
C GLY A 29 -1.05 -9.17 -4.32
N ASP A 30 -1.41 -7.99 -3.84
CA ASP A 30 -1.02 -6.74 -4.50
C ASP A 30 0.19 -6.13 -3.81
N LYS A 31 0.83 -5.18 -4.49
CA LYS A 31 2.00 -4.51 -3.94
C LYS A 31 1.66 -3.07 -3.52
N LEU A 32 1.67 -2.83 -2.22
CA LEU A 32 1.38 -1.50 -1.68
C LEU A 32 2.48 -1.04 -0.74
N GLN A 33 2.84 0.23 -0.86
CA GLN A 33 3.89 0.81 0.00
C GLN A 33 3.27 1.65 1.11
N VAL A 34 3.54 1.26 2.35
CA VAL A 34 3.02 1.97 3.51
C VAL A 34 3.76 3.29 3.72
N LEU A 35 3.03 4.40 3.65
CA LEU A 35 3.61 5.72 3.82
C LEU A 35 3.41 6.21 5.26
N ASP A 36 2.15 6.25 5.69
CA ASP A 36 1.83 6.70 7.04
C ASP A 36 1.43 5.53 7.92
N THR A 37 2.01 5.46 9.11
CA THR A 37 1.71 4.38 10.04
C THR A 37 1.33 4.93 11.42
N SER A 38 0.74 6.13 11.43
CA SER A 38 0.34 6.76 12.67
C SER A 38 -0.94 6.14 13.21
N HIS A 39 -2.07 6.45 12.57
CA HIS A 39 -3.36 5.92 12.99
C HIS A 39 -3.31 4.40 13.09
N GLU A 40 -3.16 3.90 14.32
CA GLU A 40 -3.10 2.46 14.55
C GLU A 40 -4.28 1.75 13.90
N GLY A 41 -3.98 0.97 12.86
CA GLY A 41 -5.02 0.25 12.16
C GLY A 41 -5.06 0.57 10.68
N TRP A 42 -5.46 1.80 10.36
CA TRP A 42 -5.54 2.23 8.97
C TRP A 42 -4.28 2.96 8.55
N TRP A 43 -3.52 2.36 7.64
CA TRP A 43 -2.28 2.97 7.16
C TRP A 43 -2.47 3.58 5.78
N LEU A 44 -1.70 4.62 5.49
CA LEU A 44 -1.79 5.31 4.20
C LEU A 44 -0.75 4.77 3.23
N ALA A 45 -1.17 3.88 2.35
CA ALA A 45 -0.27 3.29 1.36
C ALA A 45 -0.67 3.68 -0.06
N ARG A 46 0.27 3.57 -0.99
CA ARG A 46 0.01 3.91 -2.38
C ARG A 46 0.27 2.72 -3.30
N HIS A 47 -0.40 2.71 -4.44
CA HIS A 47 -0.24 1.63 -5.41
C HIS A 47 1.10 1.72 -6.12
N LEU A 48 1.85 0.62 -6.11
CA LEU A 48 3.15 0.57 -6.75
C LEU A 48 3.03 0.17 -8.23
N GLU A 49 2.12 -0.75 -8.51
CA GLU A 49 1.91 -1.22 -9.88
C GLU A 49 1.38 -0.09 -10.76
N LYS A 50 2.30 0.72 -11.28
CA LYS A 50 1.94 1.84 -12.14
C LYS A 50 2.68 1.76 -13.47
N LYS A 51 1.92 1.76 -14.56
CA LYS A 51 2.51 1.70 -15.90
C LYS A 51 2.10 2.91 -16.72
N GLY A 52 2.67 3.01 -17.93
CA GLY A 52 2.35 4.13 -18.80
C GLY A 52 0.85 4.35 -18.94
N THR A 53 0.36 5.43 -18.35
CA THR A 53 -1.06 5.76 -18.41
C THR A 53 -1.30 7.24 -18.20
N GLY A 54 -2.41 7.75 -18.72
CA GLY A 54 -2.73 9.15 -18.58
C GLY A 54 -3.29 9.48 -17.21
N LEU A 55 -4.60 9.27 -17.03
CA LEU A 55 -5.24 9.55 -15.76
C LEU A 55 -6.04 8.35 -15.28
N GLY A 56 -6.41 8.35 -14.00
CA GLY A 56 -7.17 7.25 -13.44
C GLY A 56 -7.90 7.64 -12.17
N GLN A 57 -7.86 6.75 -11.18
CA GLN A 57 -8.52 7.01 -9.90
C GLN A 57 -7.52 6.98 -8.76
N GLN A 58 -7.99 7.31 -7.55
CA GLN A 58 -7.13 7.32 -6.38
C GLN A 58 -6.10 6.20 -6.44
N LEU A 59 -4.87 6.52 -6.06
CA LEU A 59 -3.79 5.54 -6.08
C LEU A 59 -3.29 5.26 -4.66
N GLN A 60 -3.49 6.22 -3.76
CA GLN A 60 -3.06 6.08 -2.38
C GLN A 60 -4.18 6.49 -1.43
N GLY A 61 -4.37 5.70 -0.38
CA GLY A 61 -5.40 6.00 0.60
C GLY A 61 -5.24 5.19 1.88
N TYR A 62 -6.28 5.21 2.71
CA TYR A 62 -6.25 4.48 3.98
C TYR A 62 -6.60 3.01 3.76
N ILE A 63 -5.79 2.13 4.31
CA ILE A 63 -6.01 0.70 4.19
C ILE A 63 -5.72 -0.03 5.50
N PRO A 64 -6.51 -1.07 5.79
CA PRO A 64 -6.36 -1.87 7.00
C PRO A 64 -5.09 -2.72 7.00
N SER A 65 -4.36 -2.69 8.10
CA SER A 65 -3.11 -3.44 8.22
C SER A 65 -3.40 -4.94 8.33
N ASN A 66 -4.36 -5.29 9.18
CA ASN A 66 -4.73 -6.68 9.37
C ASN A 66 -4.98 -7.38 8.04
N TYR A 67 -5.19 -6.58 6.99
CA TYR A 67 -5.45 -7.12 5.66
C TYR A 67 -4.14 -7.38 4.92
N VAL A 68 -3.13 -6.55 5.21
CA VAL A 68 -1.83 -6.69 4.57
C VAL A 68 -0.78 -7.17 5.56
N ALA A 69 0.46 -7.29 5.10
CA ALA A 69 1.56 -7.74 5.95
C ALA A 69 2.91 -7.39 5.33
N GLU A 70 3.98 -7.66 6.08
CA GLU A 70 5.32 -7.38 5.60
C GLU A 70 5.81 -8.47 4.65
N ASP A 71 5.92 -8.12 3.37
CA ASP A 71 6.37 -9.08 2.36
C ASP A 71 7.89 -8.98 2.15
N SER A 72 8.43 -9.96 1.44
CA SER A 72 9.88 -9.99 1.18
C SER A 72 10.30 -8.79 0.34
N GLY A 73 11.61 -8.58 0.23
CA GLY A 73 12.13 -7.46 -0.54
C GLY A 73 13.53 -7.09 -0.14
N PRO A 74 14.51 -7.86 -0.63
CA PRO A 74 15.94 -7.62 -0.33
C PRO A 74 16.46 -6.35 -0.98
N SER A 75 16.34 -5.22 -0.29
CA SER A 75 16.80 -3.95 -0.80
C SER A 75 18.30 -3.98 -1.08
N SER A 76 18.73 -3.21 -2.07
CA SER A 76 20.15 -3.16 -2.44
C SER A 76 20.63 -1.71 -2.52
N GLY A 77 21.78 -1.44 -1.92
CA GLY A 77 22.33 -0.10 -1.94
C GLY A 77 22.48 0.45 -3.35
N GLY A 1 16.98 11.04 -0.86
CA GLY A 1 15.68 11.46 -1.39
C GLY A 1 15.05 12.56 -0.56
N SER A 2 14.82 12.27 0.72
CA SER A 2 14.20 13.25 1.62
C SER A 2 14.45 12.88 3.07
N SER A 3 14.15 13.81 3.98
CA SER A 3 14.35 13.57 5.40
C SER A 3 13.57 12.34 5.86
N GLY A 4 14.30 11.27 6.17
CA GLY A 4 13.67 10.04 6.62
C GLY A 4 13.46 9.06 5.49
N SER A 5 14.46 8.21 5.26
CA SER A 5 14.39 7.22 4.19
C SER A 5 13.41 6.10 4.56
N SER A 6 12.19 6.21 4.04
CA SER A 6 11.15 5.22 4.32
C SER A 6 10.96 4.30 3.13
N GLY A 7 10.73 3.02 3.41
CA GLY A 7 10.53 2.05 2.34
C GLY A 7 9.82 0.80 2.83
N GLN A 8 8.85 0.98 3.71
CA GLN A 8 8.09 -0.15 4.25
C GLN A 8 7.14 -0.72 3.20
N TYR A 9 7.51 -1.87 2.65
CA TYR A 9 6.70 -2.52 1.63
C TYR A 9 5.84 -3.64 2.24
N PHE A 10 4.56 -3.64 1.90
CA PHE A 10 3.64 -4.64 2.42
C PHE A 10 2.96 -5.40 1.28
N VAL A 11 2.46 -6.59 1.58
CA VAL A 11 1.78 -7.40 0.58
C VAL A 11 0.34 -7.70 0.99
N ALA A 12 -0.58 -7.47 0.06
CA ALA A 12 -2.00 -7.71 0.32
C ALA A 12 -2.33 -9.21 0.27
N LEU A 13 -2.68 -9.77 1.43
CA LEU A 13 -3.01 -11.18 1.51
C LEU A 13 -4.40 -11.45 0.92
N PHE A 14 -5.30 -10.49 1.08
CA PHE A 14 -6.66 -10.63 0.55
C PHE A 14 -7.09 -9.37 -0.19
N ASP A 15 -8.11 -9.49 -1.03
CA ASP A 15 -8.62 -8.35 -1.79
C ASP A 15 -9.48 -7.46 -0.91
N TYR A 16 -9.60 -6.20 -1.30
CA TYR A 16 -10.40 -5.23 -0.55
C TYR A 16 -10.78 -4.04 -1.41
N GLN A 17 -12.02 -3.58 -1.26
CA GLN A 17 -12.51 -2.44 -2.03
C GLN A 17 -12.84 -1.26 -1.12
N ALA A 18 -12.11 -0.16 -1.32
CA ALA A 18 -12.33 1.04 -0.51
C ALA A 18 -13.81 1.39 -0.43
N ARG A 19 -14.25 1.84 0.75
CA ARG A 19 -15.64 2.21 0.96
C ARG A 19 -15.84 3.71 0.76
N THR A 20 -14.76 4.46 0.92
CA THR A 20 -14.82 5.92 0.76
C THR A 20 -13.58 6.44 0.04
N ALA A 21 -13.68 7.65 -0.51
CA ALA A 21 -12.57 8.26 -1.22
C ALA A 21 -11.29 8.19 -0.40
N GLU A 22 -11.42 8.31 0.91
CA GLU A 22 -10.27 8.27 1.80
C GLU A 22 -9.60 6.90 1.76
N ASP A 23 -10.40 5.84 1.84
CA ASP A 23 -9.88 4.49 1.81
C ASP A 23 -9.33 4.16 0.43
N LEU A 24 -8.46 3.14 0.37
CA LEU A 24 -7.86 2.73 -0.90
C LEU A 24 -8.21 1.28 -1.22
N SER A 25 -8.41 1.01 -2.50
CA SER A 25 -8.75 -0.34 -2.95
C SER A 25 -7.53 -1.07 -3.49
N PHE A 26 -7.50 -2.38 -3.29
CA PHE A 26 -6.38 -3.20 -3.75
C PHE A 26 -6.80 -4.66 -3.90
N ARG A 27 -5.92 -5.47 -4.49
CA ARG A 27 -6.20 -6.88 -4.69
C ARG A 27 -5.13 -7.74 -4.03
N ALA A 28 -5.39 -9.04 -3.94
CA ALA A 28 -4.44 -9.97 -3.34
C ALA A 28 -3.14 -10.01 -4.12
N GLY A 29 -2.05 -9.56 -3.49
CA GLY A 29 -0.76 -9.56 -4.14
C GLY A 29 -0.43 -8.21 -4.76
N ASP A 30 -1.01 -7.15 -4.20
CA ASP A 30 -0.77 -5.80 -4.70
C ASP A 30 0.27 -5.08 -3.85
N LYS A 31 1.43 -4.81 -4.44
CA LYS A 31 2.51 -4.12 -3.74
C LYS A 31 2.08 -2.73 -3.30
N LEU A 32 2.17 -2.47 -2.00
CA LEU A 32 1.79 -1.18 -1.44
C LEU A 32 2.81 -0.70 -0.42
N GLN A 33 3.14 0.58 -0.47
CA GLN A 33 4.11 1.17 0.45
C GLN A 33 3.39 1.90 1.58
N VAL A 34 3.65 1.46 2.81
CA VAL A 34 3.04 2.08 3.99
C VAL A 34 3.76 3.37 4.37
N LEU A 35 3.07 4.50 4.23
CA LEU A 35 3.65 5.80 4.57
C LEU A 35 3.27 6.20 5.99
N ASP A 36 1.97 6.19 6.27
CA ASP A 36 1.48 6.56 7.59
C ASP A 36 1.04 5.33 8.38
N THR A 37 1.48 5.24 9.63
CA THR A 37 1.15 4.11 10.48
C THR A 37 0.72 4.58 11.87
N SER A 38 0.16 5.79 11.93
CA SER A 38 -0.29 6.35 13.20
C SER A 38 -1.57 5.67 13.67
N HIS A 39 -2.69 6.01 13.02
CA HIS A 39 -3.98 5.43 13.39
C HIS A 39 -3.91 3.91 13.39
N GLU A 40 -3.83 3.34 14.59
CA GLU A 40 -3.77 1.89 14.75
C GLU A 40 -4.86 1.20 13.94
N GLY A 41 -4.46 0.41 12.95
CA GLY A 41 -5.41 -0.29 12.11
C GLY A 41 -5.37 0.17 10.67
N TRP A 42 -5.67 1.43 10.44
CA TRP A 42 -5.66 2.00 9.10
C TRP A 42 -4.35 2.71 8.81
N TRP A 43 -3.73 2.37 7.68
CA TRP A 43 -2.46 2.98 7.30
C TRP A 43 -2.59 3.67 5.94
N LEU A 44 -1.84 4.76 5.75
CA LEU A 44 -1.87 5.50 4.50
C LEU A 44 -0.73 5.06 3.59
N ALA A 45 -1.07 4.26 2.57
CA ALA A 45 -0.08 3.77 1.62
C ALA A 45 -0.34 4.31 0.23
N ARG A 46 0.54 3.97 -0.71
CA ARG A 46 0.40 4.42 -2.08
C ARG A 46 0.58 3.26 -3.06
N HIS A 47 -0.04 3.37 -4.23
CA HIS A 47 0.06 2.34 -5.26
C HIS A 47 1.39 2.42 -6.00
N LEU A 48 2.15 1.33 -5.96
CA LEU A 48 3.45 1.28 -6.63
C LEU A 48 3.30 0.79 -8.07
N GLU A 49 2.47 -0.22 -8.26
CA GLU A 49 2.24 -0.79 -9.58
C GLU A 49 2.08 0.32 -10.63
N LYS A 50 2.93 0.29 -11.64
CA LYS A 50 2.88 1.29 -12.71
C LYS A 50 2.73 0.63 -14.07
N LYS A 51 1.50 0.59 -14.57
CA LYS A 51 1.21 -0.01 -15.87
C LYS A 51 -0.25 0.20 -16.26
N GLY A 52 -0.47 0.59 -17.52
CA GLY A 52 -1.82 0.82 -18.00
C GLY A 52 -2.67 1.57 -16.99
N THR A 53 -2.17 2.72 -16.54
CA THR A 53 -2.89 3.54 -15.57
C THR A 53 -4.07 4.25 -16.23
N GLY A 54 -3.81 4.93 -17.34
CA GLY A 54 -4.86 5.64 -18.04
C GLY A 54 -5.22 6.96 -17.37
N LEU A 55 -6.43 7.04 -16.84
CA LEU A 55 -6.88 8.25 -16.17
C LEU A 55 -6.39 8.31 -14.74
N GLY A 56 -6.12 9.52 -14.25
CA GLY A 56 -5.65 9.68 -12.88
C GLY A 56 -6.62 9.14 -11.86
N GLN A 57 -6.33 7.95 -11.33
CA GLN A 57 -7.19 7.32 -10.35
C GLN A 57 -6.53 7.31 -8.98
N GLN A 58 -7.32 7.06 -7.93
CA GLN A 58 -6.81 7.03 -6.57
C GLN A 58 -5.52 6.21 -6.49
N LEU A 59 -4.56 6.69 -5.70
CA LEU A 59 -3.29 5.99 -5.55
C LEU A 59 -2.92 5.87 -4.08
N GLN A 60 -3.26 6.89 -3.30
CA GLN A 60 -2.96 6.90 -1.86
C GLN A 60 -4.25 6.93 -1.05
N GLY A 61 -4.29 6.15 0.02
CA GLY A 61 -5.46 6.10 0.88
C GLY A 61 -5.26 5.22 2.09
N TYR A 62 -6.28 5.14 2.94
CA TYR A 62 -6.22 4.33 4.14
C TYR A 62 -6.57 2.88 3.84
N ILE A 63 -5.75 1.96 4.34
CA ILE A 63 -5.97 0.53 4.13
C ILE A 63 -5.72 -0.26 5.40
N PRO A 64 -6.52 -1.32 5.61
CA PRO A 64 -6.40 -2.18 6.78
C PRO A 64 -5.13 -3.03 6.77
N SER A 65 -4.28 -2.84 7.78
CA SER A 65 -3.03 -3.58 7.88
C SER A 65 -3.29 -5.07 7.98
N ASN A 66 -4.42 -5.43 8.58
CA ASN A 66 -4.79 -6.83 8.76
C ASN A 66 -5.00 -7.50 7.40
N TYR A 67 -5.11 -6.69 6.36
CA TYR A 67 -5.33 -7.21 5.01
C TYR A 67 -3.99 -7.41 4.29
N VAL A 68 -2.98 -6.67 4.71
CA VAL A 68 -1.66 -6.76 4.12
C VAL A 68 -0.64 -7.36 5.09
N ALA A 69 0.56 -7.63 4.60
CA ALA A 69 1.61 -8.20 5.43
C ALA A 69 2.93 -7.47 5.23
N GLU A 70 3.96 -7.91 5.93
CA GLU A 70 5.28 -7.29 5.83
C GLU A 70 6.22 -8.16 5.00
N ASP A 71 6.33 -7.84 3.71
CA ASP A 71 7.20 -8.58 2.81
C ASP A 71 8.56 -7.91 2.68
N SER A 72 9.59 -8.54 3.23
CA SER A 72 10.94 -7.99 3.18
C SER A 72 11.28 -7.54 1.76
N GLY A 73 12.22 -6.59 1.66
CA GLY A 73 12.63 -6.10 0.36
C GLY A 73 13.97 -5.39 0.41
N PRO A 74 14.73 -5.50 -0.68
CA PRO A 74 16.05 -4.87 -0.78
C PRO A 74 15.97 -3.35 -0.87
N SER A 75 16.59 -2.67 0.10
CA SER A 75 16.58 -1.21 0.13
C SER A 75 17.80 -0.68 0.88
N SER A 76 18.62 0.10 0.18
CA SER A 76 19.82 0.67 0.79
C SER A 76 19.53 1.23 2.17
N GLY A 77 20.34 0.84 3.15
CA GLY A 77 20.15 1.31 4.51
C GLY A 77 21.43 1.79 5.14
N GLY A 1 13.28 15.55 -0.43
CA GLY A 1 13.32 16.37 0.76
C GLY A 1 13.85 15.64 1.96
N SER A 2 13.05 15.59 3.02
CA SER A 2 13.45 14.92 4.26
C SER A 2 12.67 13.61 4.44
N SER A 3 13.35 12.60 4.98
CA SER A 3 12.73 11.30 5.20
C SER A 3 13.59 10.44 6.12
N GLY A 4 12.94 9.75 7.06
CA GLY A 4 13.67 8.90 7.98
C GLY A 4 14.02 7.55 7.38
N SER A 5 13.53 6.48 8.01
CA SER A 5 13.80 5.14 7.53
C SER A 5 12.66 4.63 6.65
N SER A 6 12.17 5.49 5.76
CA SER A 6 11.08 5.14 4.87
C SER A 6 11.44 3.92 4.02
N GLY A 7 10.81 2.79 4.33
CA GLY A 7 11.08 1.57 3.59
C GLY A 7 10.28 0.39 4.11
N GLN A 8 8.97 0.60 4.29
CA GLN A 8 8.09 -0.45 4.78
C GLN A 8 7.16 -0.94 3.67
N TYR A 9 7.51 -2.08 3.08
CA TYR A 9 6.71 -2.65 2.01
C TYR A 9 5.76 -3.71 2.54
N PHE A 10 4.53 -3.73 2.00
CA PHE A 10 3.54 -4.70 2.43
C PHE A 10 2.88 -5.37 1.23
N VAL A 11 2.39 -6.59 1.44
CA VAL A 11 1.74 -7.34 0.38
C VAL A 11 0.26 -7.55 0.67
N ALA A 12 -0.58 -7.28 -0.32
CA ALA A 12 -2.03 -7.44 -0.16
C ALA A 12 -2.43 -8.91 -0.20
N LEU A 13 -2.64 -9.49 0.97
CA LEU A 13 -3.01 -10.89 1.07
C LEU A 13 -4.33 -11.16 0.34
N PHE A 14 -5.20 -10.15 0.34
CA PHE A 14 -6.50 -10.27 -0.33
C PHE A 14 -6.81 -9.01 -1.12
N ASP A 15 -7.78 -9.12 -2.04
CA ASP A 15 -8.18 -8.00 -2.87
C ASP A 15 -9.08 -7.04 -2.10
N TYR A 16 -9.08 -5.78 -2.51
CA TYR A 16 -9.89 -4.76 -1.85
C TYR A 16 -10.11 -3.57 -2.77
N GLN A 17 -11.38 -3.22 -2.99
CA GLN A 17 -11.72 -2.09 -3.85
C GLN A 17 -12.31 -0.94 -3.03
N ALA A 18 -11.43 -0.07 -2.55
CA ALA A 18 -11.86 1.07 -1.75
C ALA A 18 -13.16 1.67 -2.29
N ARG A 19 -14.15 1.81 -1.41
CA ARG A 19 -15.43 2.35 -1.80
C ARG A 19 -15.39 3.88 -1.85
N THR A 20 -14.81 4.48 -0.82
CA THR A 20 -14.69 5.93 -0.76
C THR A 20 -13.41 6.42 -1.43
N ALA A 21 -13.52 7.53 -2.15
CA ALA A 21 -12.36 8.10 -2.84
C ALA A 21 -11.19 8.28 -1.88
N GLU A 22 -11.49 8.54 -0.62
CA GLU A 22 -10.46 8.74 0.40
C GLU A 22 -9.58 7.51 0.51
N ASP A 23 -10.20 6.34 0.58
CA ASP A 23 -9.47 5.09 0.70
C ASP A 23 -8.87 4.68 -0.65
N LEU A 24 -7.81 3.88 -0.60
CA LEU A 24 -7.14 3.42 -1.81
C LEU A 24 -7.59 2.02 -2.18
N SER A 25 -7.47 1.68 -3.46
CA SER A 25 -7.87 0.36 -3.95
C SER A 25 -6.64 -0.47 -4.32
N PHE A 26 -6.80 -1.79 -4.26
CA PHE A 26 -5.71 -2.70 -4.58
C PHE A 26 -6.21 -4.14 -4.69
N ARG A 27 -5.38 -5.01 -5.24
CA ARG A 27 -5.74 -6.42 -5.41
C ARG A 27 -4.74 -7.32 -4.69
N ALA A 28 -5.04 -8.61 -4.64
CA ALA A 28 -4.18 -9.58 -3.98
C ALA A 28 -2.82 -9.66 -4.68
N GLY A 29 -1.76 -9.32 -3.95
CA GLY A 29 -0.42 -9.37 -4.52
C GLY A 29 0.15 -7.98 -4.75
N ASP A 30 -0.69 -7.06 -5.21
CA ASP A 30 -0.26 -5.69 -5.47
C ASP A 30 0.78 -5.25 -4.45
N LYS A 31 1.83 -4.58 -4.92
CA LYS A 31 2.90 -4.09 -4.06
C LYS A 31 2.57 -2.70 -3.52
N LEU A 32 2.33 -2.61 -2.23
CA LEU A 32 2.02 -1.33 -1.59
C LEU A 32 3.00 -1.01 -0.48
N GLN A 33 3.46 0.24 -0.45
CA GLN A 33 4.42 0.67 0.56
C GLN A 33 3.74 1.50 1.65
N VAL A 34 3.80 1.02 2.88
CA VAL A 34 3.18 1.70 4.01
C VAL A 34 3.95 2.98 4.35
N LEU A 35 3.27 4.11 4.27
CA LEU A 35 3.89 5.40 4.58
C LEU A 35 3.52 5.85 5.99
N ASP A 36 2.23 5.84 6.29
CA ASP A 36 1.75 6.24 7.61
C ASP A 36 1.21 5.05 8.39
N THR A 37 1.60 4.95 9.66
CA THR A 37 1.17 3.85 10.52
C THR A 37 0.57 4.38 11.82
N SER A 38 -0.06 5.54 11.75
CA SER A 38 -0.67 6.15 12.93
C SER A 38 -2.11 5.68 13.10
N HIS A 39 -2.96 6.05 12.16
CA HIS A 39 -4.37 5.66 12.22
C HIS A 39 -4.51 4.14 12.21
N GLU A 40 -4.31 3.53 13.38
CA GLU A 40 -4.42 2.08 13.51
C GLU A 40 -5.53 1.54 12.63
N GLY A 41 -5.29 0.39 12.00
CA GLY A 41 -6.29 -0.22 11.14
C GLY A 41 -6.27 0.36 9.73
N TRP A 42 -5.91 1.64 9.63
CA TRP A 42 -5.87 2.31 8.33
C TRP A 42 -4.52 2.98 8.12
N TRP A 43 -3.72 2.43 7.22
CA TRP A 43 -2.40 2.97 6.92
C TRP A 43 -2.39 3.66 5.56
N LEU A 44 -1.55 4.68 5.43
CA LEU A 44 -1.44 5.42 4.18
C LEU A 44 -0.30 4.88 3.32
N ALA A 45 -0.66 4.13 2.28
CA ALA A 45 0.34 3.56 1.37
C ALA A 45 0.20 4.14 -0.03
N ARG A 46 1.22 3.93 -0.85
CA ARG A 46 1.22 4.43 -2.21
C ARG A 46 1.44 3.30 -3.22
N HIS A 47 0.82 3.43 -4.40
CA HIS A 47 0.95 2.41 -5.43
C HIS A 47 2.36 2.41 -6.02
N LEU A 48 3.07 1.31 -5.85
CA LEU A 48 4.42 1.17 -6.36
C LEU A 48 4.41 0.69 -7.81
N GLU A 49 3.56 -0.28 -8.09
CA GLU A 49 3.45 -0.83 -9.44
C GLU A 49 3.21 0.26 -10.46
N LYS A 50 3.80 0.10 -11.65
CA LYS A 50 3.65 1.08 -12.71
C LYS A 50 2.51 0.69 -13.66
N LYS A 51 1.40 0.23 -13.09
CA LYS A 51 0.24 -0.17 -13.88
C LYS A 51 -0.74 0.98 -14.03
N GLY A 52 -1.15 1.57 -12.90
CA GLY A 52 -2.08 2.68 -12.94
C GLY A 52 -3.49 2.26 -12.55
N THR A 53 -3.68 1.95 -11.27
CA THR A 53 -4.99 1.53 -10.77
C THR A 53 -5.41 2.38 -9.57
N GLY A 54 -6.67 2.23 -9.17
CA GLY A 54 -7.17 2.99 -8.03
C GLY A 54 -8.26 3.98 -8.43
N LEU A 55 -9.46 3.78 -7.92
CA LEU A 55 -10.58 4.66 -8.22
C LEU A 55 -10.14 6.12 -8.23
N GLY A 56 -10.39 6.80 -9.34
CA GLY A 56 -10.02 8.20 -9.44
C GLY A 56 -8.53 8.39 -9.65
N GLN A 57 -7.96 7.63 -10.57
CA GLN A 57 -6.53 7.71 -10.85
C GLN A 57 -5.74 8.01 -9.59
N GLN A 58 -6.20 7.45 -8.46
CA GLN A 58 -5.53 7.66 -7.18
C GLN A 58 -4.34 6.72 -7.03
N LEU A 59 -3.38 7.12 -6.21
CA LEU A 59 -2.18 6.31 -5.98
C LEU A 59 -1.93 6.13 -4.48
N GLN A 60 -2.23 7.17 -3.71
CA GLN A 60 -2.04 7.11 -2.25
C GLN A 60 -3.38 7.26 -1.53
N GLY A 61 -3.54 6.47 -0.46
CA GLY A 61 -4.77 6.52 0.30
C GLY A 61 -4.74 5.60 1.50
N TYR A 62 -5.87 5.51 2.21
CA TYR A 62 -5.97 4.66 3.39
C TYR A 62 -6.32 3.24 3.00
N ILE A 63 -5.61 2.28 3.59
CA ILE A 63 -5.84 0.87 3.32
C ILE A 63 -5.77 0.03 4.59
N PRO A 64 -6.62 -1.00 4.67
CA PRO A 64 -6.67 -1.90 5.83
C PRO A 64 -5.43 -2.77 5.94
N SER A 65 -4.64 -2.57 7.00
CA SER A 65 -3.43 -3.34 7.21
C SER A 65 -3.74 -4.84 7.23
N ASN A 66 -4.85 -5.20 7.85
CA ASN A 66 -5.26 -6.60 7.94
C ASN A 66 -5.24 -7.26 6.56
N TYR A 67 -5.70 -6.51 5.56
CA TYR A 67 -5.75 -7.03 4.19
C TYR A 67 -4.34 -7.31 3.67
N VAL A 68 -3.38 -6.53 4.13
CA VAL A 68 -1.99 -6.69 3.70
C VAL A 68 -1.13 -7.23 4.85
N ALA A 69 0.16 -7.37 4.60
CA ALA A 69 1.09 -7.88 5.60
C ALA A 69 2.51 -7.42 5.32
N GLU A 70 3.43 -7.76 6.21
CA GLU A 70 4.83 -7.37 6.06
C GLU A 70 5.54 -8.32 5.09
N ASP A 71 5.60 -7.93 3.82
CA ASP A 71 6.25 -8.75 2.81
C ASP A 71 7.70 -8.33 2.63
N SER A 72 8.55 -9.29 2.28
CA SER A 72 9.97 -9.01 2.07
C SER A 72 10.18 -8.03 0.94
N GLY A 73 11.34 -7.37 0.93
CA GLY A 73 11.64 -6.40 -0.11
C GLY A 73 12.56 -6.97 -1.18
N PRO A 74 13.86 -6.74 -1.03
CA PRO A 74 14.87 -7.21 -1.99
C PRO A 74 15.04 -8.72 -1.94
N SER A 75 14.89 -9.37 -3.09
CA SER A 75 15.02 -10.81 -3.18
C SER A 75 16.35 -11.20 -3.81
N SER A 76 17.40 -11.21 -3.00
CA SER A 76 18.73 -11.56 -3.48
C SER A 76 19.11 -10.71 -4.69
N GLY A 77 18.79 -9.42 -4.63
CA GLY A 77 19.10 -8.53 -5.72
C GLY A 77 17.88 -7.78 -6.23
N GLY A 1 9.58 15.89 9.68
CA GLY A 1 10.71 15.79 8.78
C GLY A 1 11.82 14.95 9.35
N SER A 2 11.56 13.66 9.51
CA SER A 2 12.56 12.74 10.06
C SER A 2 13.59 12.35 8.99
N SER A 3 14.65 13.14 8.90
CA SER A 3 15.71 12.89 7.93
C SER A 3 15.92 11.40 7.73
N GLY A 4 16.21 11.00 6.49
CA GLY A 4 16.44 9.61 6.20
C GLY A 4 15.14 8.83 6.06
N SER A 5 15.21 7.67 5.41
CA SER A 5 14.04 6.83 5.22
C SER A 5 14.44 5.37 5.03
N SER A 6 13.53 4.46 5.39
CA SER A 6 13.79 3.03 5.27
C SER A 6 12.86 2.40 4.23
N GLY A 7 11.59 2.78 4.27
CA GLY A 7 10.63 2.24 3.33
C GLY A 7 10.03 0.92 3.80
N GLN A 8 8.73 0.92 4.06
CA GLN A 8 8.04 -0.28 4.52
C GLN A 8 7.16 -0.85 3.42
N TYR A 9 7.51 -2.04 2.93
CA TYR A 9 6.74 -2.69 1.87
C TYR A 9 5.84 -3.78 2.44
N PHE A 10 4.54 -3.66 2.19
CA PHE A 10 3.57 -4.63 2.68
C PHE A 10 2.88 -5.33 1.52
N VAL A 11 2.36 -6.53 1.79
CA VAL A 11 1.68 -7.31 0.77
C VAL A 11 0.22 -7.56 1.16
N ALA A 12 -0.67 -7.44 0.18
CA ALA A 12 -2.10 -7.66 0.42
C ALA A 12 -2.43 -9.14 0.43
N LEU A 13 -2.80 -9.66 1.60
CA LEU A 13 -3.15 -11.07 1.74
C LEU A 13 -4.51 -11.36 1.11
N PHE A 14 -5.41 -10.40 1.19
CA PHE A 14 -6.75 -10.55 0.63
C PHE A 14 -7.14 -9.33 -0.20
N ASP A 15 -8.23 -9.44 -0.93
CA ASP A 15 -8.71 -8.34 -1.77
C ASP A 15 -9.67 -7.44 -0.99
N TYR A 16 -9.53 -6.14 -1.19
CA TYR A 16 -10.39 -5.17 -0.51
C TYR A 16 -10.94 -4.14 -1.49
N GLN A 17 -12.15 -3.67 -1.22
CA GLN A 17 -12.80 -2.67 -2.07
C GLN A 17 -13.02 -1.37 -1.31
N ALA A 18 -12.16 -0.39 -1.56
CA ALA A 18 -12.27 0.91 -0.90
C ALA A 18 -13.72 1.38 -0.87
N ARG A 19 -14.19 1.76 0.30
CA ARG A 19 -15.56 2.23 0.47
C ARG A 19 -15.70 3.67 -0.03
N THR A 20 -14.71 4.50 0.28
CA THR A 20 -14.72 5.90 -0.14
C THR A 20 -13.36 6.32 -0.67
N ALA A 21 -13.33 7.43 -1.41
CA ALA A 21 -12.09 7.95 -1.97
C ALA A 21 -10.98 7.96 -0.91
N GLU A 22 -11.33 8.35 0.30
CA GLU A 22 -10.37 8.41 1.39
C GLU A 22 -9.58 7.11 1.48
N ASP A 23 -10.24 5.99 1.26
CA ASP A 23 -9.60 4.68 1.32
C ASP A 23 -9.03 4.30 -0.05
N LEU A 24 -8.14 3.32 -0.05
CA LEU A 24 -7.53 2.85 -1.30
C LEU A 24 -7.93 1.41 -1.59
N SER A 25 -8.07 1.11 -2.88
CA SER A 25 -8.47 -0.24 -3.31
C SER A 25 -7.24 -1.07 -3.67
N PHE A 26 -7.24 -2.33 -3.27
CA PHE A 26 -6.13 -3.23 -3.56
C PHE A 26 -6.61 -4.67 -3.62
N ARG A 27 -5.80 -5.53 -4.24
CA ARG A 27 -6.13 -6.95 -4.36
C ARG A 27 -5.05 -7.83 -3.72
N ALA A 28 -5.36 -9.11 -3.55
CA ALA A 28 -4.42 -10.05 -2.96
C ALA A 28 -3.14 -10.13 -3.78
N GLY A 29 -2.05 -9.60 -3.22
CA GLY A 29 -0.77 -9.62 -3.91
C GLY A 29 -0.45 -8.31 -4.60
N ASP A 30 -0.85 -7.21 -3.96
CA ASP A 30 -0.61 -5.87 -4.51
C ASP A 30 0.43 -5.12 -3.68
N LYS A 31 1.60 -4.89 -4.28
CA LYS A 31 2.67 -4.18 -3.60
C LYS A 31 2.22 -2.79 -3.16
N LEU A 32 2.34 -2.51 -1.87
CA LEU A 32 1.94 -1.21 -1.32
C LEU A 32 2.93 -0.76 -0.24
N GLN A 33 3.44 0.46 -0.41
CA GLN A 33 4.39 1.02 0.55
C GLN A 33 3.67 1.86 1.60
N VAL A 34 3.79 1.47 2.87
CA VAL A 34 3.16 2.18 3.96
C VAL A 34 3.88 3.49 4.24
N LEU A 35 3.15 4.61 4.12
CA LEU A 35 3.71 5.92 4.37
C LEU A 35 3.38 6.41 5.76
N ASP A 36 2.09 6.45 6.07
CA ASP A 36 1.62 6.90 7.38
C ASP A 36 1.23 5.70 8.25
N THR A 37 1.74 5.68 9.48
CA THR A 37 1.46 4.60 10.41
C THR A 37 0.96 5.14 11.75
N SER A 38 0.11 6.15 11.69
CA SER A 38 -0.44 6.76 12.90
C SER A 38 -1.70 6.05 13.36
N HIS A 39 -1.84 4.78 12.95
CA HIS A 39 -3.01 3.98 13.31
C HIS A 39 -2.81 2.52 12.91
N GLU A 40 -2.62 1.66 13.91
CA GLU A 40 -2.42 0.24 13.65
C GLU A 40 -3.59 -0.35 12.87
N GLY A 41 -4.68 0.42 12.78
CA GLY A 41 -5.85 -0.04 12.06
C GLY A 41 -5.84 0.40 10.60
N TRP A 42 -5.62 1.69 10.37
CA TRP A 42 -5.60 2.23 9.02
C TRP A 42 -4.27 2.91 8.74
N TRP A 43 -3.68 2.60 7.59
CA TRP A 43 -2.40 3.18 7.19
C TRP A 43 -2.50 3.84 5.83
N LEU A 44 -1.65 4.83 5.58
CA LEU A 44 -1.65 5.55 4.31
C LEU A 44 -0.52 5.05 3.41
N ALA A 45 -0.86 4.23 2.44
CA ALA A 45 0.12 3.70 1.50
C ALA A 45 -0.16 4.15 0.08
N ARG A 46 0.80 3.92 -0.82
CA ARG A 46 0.65 4.32 -2.21
C ARG A 46 0.91 3.13 -3.14
N HIS A 47 0.20 3.09 -4.26
CA HIS A 47 0.34 2.02 -5.23
C HIS A 47 1.74 2.05 -5.86
N LEU A 48 2.44 0.93 -5.78
CA LEU A 48 3.78 0.82 -6.33
C LEU A 48 3.74 0.26 -7.74
N GLU A 49 2.85 -0.71 -7.97
CA GLU A 49 2.71 -1.32 -9.28
C GLU A 49 2.64 -0.27 -10.38
N LYS A 50 3.20 -0.59 -11.54
CA LYS A 50 3.21 0.32 -12.67
C LYS A 50 2.01 0.06 -13.58
N LYS A 51 1.02 0.95 -13.52
CA LYS A 51 -0.17 0.81 -14.34
C LYS A 51 -0.04 1.63 -15.63
N GLY A 52 0.25 2.91 -15.49
CA GLY A 52 0.40 3.77 -16.65
C GLY A 52 -0.75 4.74 -16.81
N THR A 53 -1.05 5.08 -18.06
CA THR A 53 -2.14 6.02 -18.34
C THR A 53 -3.37 5.71 -17.48
N GLY A 54 -3.87 6.74 -16.80
CA GLY A 54 -5.04 6.56 -15.96
C GLY A 54 -6.02 7.70 -16.07
N LEU A 55 -7.30 7.38 -16.21
CA LEU A 55 -8.34 8.39 -16.33
C LEU A 55 -9.34 8.30 -15.19
N GLY A 56 -8.82 8.14 -13.97
CA GLY A 56 -9.68 8.03 -12.81
C GLY A 56 -9.35 6.82 -11.96
N GLN A 57 -8.21 6.88 -11.27
CA GLN A 57 -7.78 5.78 -10.42
C GLN A 57 -6.92 6.28 -9.26
N GLN A 58 -7.36 5.99 -8.04
CA GLN A 58 -6.63 6.43 -6.86
C GLN A 58 -5.28 5.70 -6.74
N LEU A 59 -4.35 6.30 -6.01
CA LEU A 59 -3.03 5.72 -5.83
C LEU A 59 -2.67 5.64 -4.35
N GLN A 60 -3.17 6.61 -3.57
CA GLN A 60 -2.89 6.66 -2.14
C GLN A 60 -4.19 6.73 -1.34
N GLY A 61 -4.23 6.05 -0.21
CA GLY A 61 -5.41 6.04 0.62
C GLY A 61 -5.22 5.24 1.91
N TYR A 62 -6.26 5.19 2.72
CA TYR A 62 -6.20 4.46 3.98
C TYR A 62 -6.60 2.99 3.78
N ILE A 63 -5.73 2.08 4.19
CA ILE A 63 -5.99 0.65 4.06
C ILE A 63 -5.80 -0.06 5.39
N PRO A 64 -6.64 -1.08 5.64
CA PRO A 64 -6.59 -1.87 6.88
C PRO A 64 -5.35 -2.76 6.93
N SER A 65 -4.58 -2.62 8.01
CA SER A 65 -3.37 -3.40 8.19
C SER A 65 -3.70 -4.88 8.34
N ASN A 66 -4.85 -5.17 8.92
CA ASN A 66 -5.29 -6.54 9.13
C ASN A 66 -5.48 -7.26 7.79
N TYR A 67 -5.42 -6.50 6.71
CA TYR A 67 -5.60 -7.06 5.37
C TYR A 67 -4.25 -7.32 4.70
N VAL A 68 -3.24 -6.56 5.13
CA VAL A 68 -1.90 -6.71 4.57
C VAL A 68 -0.94 -7.28 5.61
N ALA A 69 0.30 -7.52 5.19
CA ALA A 69 1.31 -8.07 6.08
C ALA A 69 2.72 -7.72 5.60
N GLU A 70 3.71 -7.91 6.47
CA GLU A 70 5.09 -7.61 6.14
C GLU A 70 5.67 -8.68 5.21
N ASP A 71 5.89 -8.31 3.96
CA ASP A 71 6.44 -9.23 2.97
C ASP A 71 7.96 -9.09 2.89
N SER A 72 8.65 -10.23 2.94
CA SER A 72 10.10 -10.25 2.89
C SER A 72 10.60 -10.03 1.46
N GLY A 73 10.81 -8.76 1.11
CA GLY A 73 11.28 -8.44 -0.23
C GLY A 73 12.53 -7.59 -0.22
N PRO A 74 13.01 -7.22 -1.41
CA PRO A 74 14.21 -6.39 -1.56
C PRO A 74 13.99 -4.95 -1.09
N SER A 75 15.06 -4.33 -0.59
CA SER A 75 14.98 -2.96 -0.11
C SER A 75 16.25 -2.18 -0.47
N SER A 76 16.11 -0.87 -0.62
CA SER A 76 17.24 -0.02 -0.96
C SER A 76 18.29 -0.04 0.14
N GLY A 77 17.84 0.15 1.38
CA GLY A 77 18.76 0.15 2.50
C GLY A 77 19.00 -1.24 3.05
N GLY A 1 26.16 5.66 -3.04
CA GLY A 1 25.85 6.48 -1.87
C GLY A 1 26.11 5.76 -0.57
N SER A 2 25.32 6.07 0.45
CA SER A 2 25.48 5.44 1.77
C SER A 2 24.32 4.49 2.04
N SER A 3 23.16 4.79 1.49
CA SER A 3 21.98 3.96 1.69
C SER A 3 20.95 4.20 0.58
N GLY A 4 20.24 3.14 0.21
CA GLY A 4 19.24 3.25 -0.84
C GLY A 4 18.07 4.12 -0.43
N SER A 5 17.18 3.57 0.41
CA SER A 5 16.01 4.31 0.86
C SER A 5 15.27 3.52 1.94
N SER A 6 14.89 4.20 3.01
CA SER A 6 14.17 3.56 4.11
C SER A 6 12.67 3.55 3.85
N GLY A 7 12.02 2.44 4.15
CA GLY A 7 10.60 2.31 3.93
C GLY A 7 10.06 0.95 4.30
N GLN A 8 8.78 0.87 4.61
CA GLN A 8 8.15 -0.39 4.98
C GLN A 8 7.21 -0.88 3.88
N TYR A 9 7.58 -1.95 3.22
CA TYR A 9 6.78 -2.52 2.14
C TYR A 9 5.85 -3.61 2.67
N PHE A 10 4.67 -3.72 2.08
CA PHE A 10 3.69 -4.72 2.49
C PHE A 10 3.05 -5.37 1.28
N VAL A 11 2.44 -6.54 1.49
CA VAL A 11 1.78 -7.27 0.41
C VAL A 11 0.35 -7.62 0.78
N ALA A 12 -0.58 -7.31 -0.12
CA ALA A 12 -1.98 -7.59 0.11
C ALA A 12 -2.28 -9.08 0.00
N LEU A 13 -2.86 -9.65 1.04
CA LEU A 13 -3.19 -11.07 1.06
C LEU A 13 -4.53 -11.32 0.39
N PHE A 14 -5.43 -10.35 0.48
CA PHE A 14 -6.76 -10.47 -0.12
C PHE A 14 -7.15 -9.16 -0.82
N ASP A 15 -8.05 -9.28 -1.79
CA ASP A 15 -8.51 -8.12 -2.54
C ASP A 15 -9.33 -7.19 -1.64
N TYR A 16 -9.49 -5.94 -2.07
CA TYR A 16 -10.24 -4.96 -1.32
C TYR A 16 -10.57 -3.74 -2.17
N GLN A 17 -11.77 -3.20 -1.99
CA GLN A 17 -12.21 -2.03 -2.74
C GLN A 17 -12.56 -0.88 -1.81
N ALA A 18 -11.73 0.15 -1.80
CA ALA A 18 -11.95 1.32 -0.96
C ALA A 18 -13.38 1.83 -1.10
N ARG A 19 -14.05 2.03 0.03
CA ARG A 19 -15.42 2.52 0.03
C ARG A 19 -15.47 4.03 -0.24
N THR A 20 -14.65 4.77 0.51
CA THR A 20 -14.59 6.22 0.36
C THR A 20 -13.38 6.65 -0.46
N ALA A 21 -13.47 7.82 -1.08
CA ALA A 21 -12.38 8.34 -1.88
C ALA A 21 -11.06 8.34 -1.11
N GLU A 22 -11.10 8.84 0.12
CA GLU A 22 -9.91 8.89 0.97
C GLU A 22 -9.20 7.53 0.97
N ASP A 23 -9.95 6.48 1.25
CA ASP A 23 -9.39 5.14 1.30
C ASP A 23 -8.78 4.76 -0.05
N LEU A 24 -8.04 3.65 -0.08
CA LEU A 24 -7.40 3.18 -1.30
C LEU A 24 -7.78 1.73 -1.60
N SER A 25 -7.89 1.41 -2.88
CA SER A 25 -8.25 0.05 -3.29
C SER A 25 -7.02 -0.73 -3.73
N PHE A 26 -7.13 -2.05 -3.72
CA PHE A 26 -6.02 -2.91 -4.11
C PHE A 26 -6.49 -4.35 -4.33
N ARG A 27 -5.60 -5.19 -4.84
CA ARG A 27 -5.94 -6.58 -5.11
C ARG A 27 -4.93 -7.52 -4.45
N ALA A 28 -5.30 -8.79 -4.32
CA ALA A 28 -4.43 -9.78 -3.71
C ALA A 28 -3.11 -9.90 -4.48
N GLY A 29 -2.02 -9.47 -3.85
CA GLY A 29 -0.72 -9.53 -4.48
C GLY A 29 -0.25 -8.18 -4.99
N ASP A 30 -0.71 -7.12 -4.35
CA ASP A 30 -0.34 -5.77 -4.74
C ASP A 30 0.67 -5.17 -3.76
N LYS A 31 1.87 -4.88 -4.27
CA LYS A 31 2.93 -4.31 -3.44
C LYS A 31 2.58 -2.88 -3.03
N LEU A 32 2.39 -2.67 -1.73
CA LEU A 32 2.07 -1.35 -1.21
C LEU A 32 3.04 -0.94 -0.10
N GLN A 33 3.59 0.26 -0.21
CA GLN A 33 4.52 0.77 0.78
C GLN A 33 3.80 1.61 1.84
N VAL A 34 3.88 1.16 3.09
CA VAL A 34 3.23 1.87 4.19
C VAL A 34 3.96 3.17 4.50
N LEU A 35 3.22 4.28 4.45
CA LEU A 35 3.79 5.59 4.73
C LEU A 35 3.45 6.05 6.15
N ASP A 36 2.16 6.09 6.46
CA ASP A 36 1.70 6.51 7.77
C ASP A 36 1.14 5.33 8.56
N THR A 37 1.57 5.20 9.81
CA THR A 37 1.11 4.10 10.66
C THR A 37 0.57 4.63 11.98
N SER A 38 -0.05 5.81 11.93
CA SER A 38 -0.62 6.42 13.14
C SER A 38 -1.96 5.77 13.50
N HIS A 39 -2.96 6.02 12.66
CA HIS A 39 -4.29 5.47 12.88
C HIS A 39 -4.24 3.94 12.98
N GLU A 40 -4.38 3.42 14.21
CA GLU A 40 -4.35 1.99 14.42
C GLU A 40 -5.33 1.27 13.51
N GLY A 41 -4.82 0.33 12.72
CA GLY A 41 -5.66 -0.43 11.81
C GLY A 41 -5.55 0.08 10.38
N TRP A 42 -5.89 1.35 10.18
CA TRP A 42 -5.82 1.95 8.85
C TRP A 42 -4.49 2.66 8.63
N TRP A 43 -3.78 2.25 7.58
CA TRP A 43 -2.49 2.84 7.27
C TRP A 43 -2.54 3.57 5.92
N LEU A 44 -1.66 4.56 5.76
CA LEU A 44 -1.61 5.33 4.52
C LEU A 44 -0.48 4.84 3.62
N ALA A 45 -0.82 4.02 2.63
CA ALA A 45 0.15 3.49 1.70
C ALA A 45 -0.09 4.00 0.29
N ARG A 46 0.92 3.87 -0.57
CA ARG A 46 0.82 4.33 -1.95
C ARG A 46 1.16 3.19 -2.92
N HIS A 47 0.50 3.21 -4.08
CA HIS A 47 0.74 2.19 -5.10
C HIS A 47 2.19 2.20 -5.57
N LEU A 48 2.80 1.03 -5.62
CA LEU A 48 4.19 0.91 -6.04
C LEU A 48 4.28 0.52 -7.51
N GLU A 49 3.35 -0.33 -7.95
CA GLU A 49 3.32 -0.77 -9.33
C GLU A 49 3.24 0.42 -10.29
N LYS A 50 3.98 0.34 -11.39
CA LYS A 50 4.00 1.41 -12.38
C LYS A 50 2.99 1.14 -13.49
N LYS A 51 1.89 1.90 -13.49
CA LYS A 51 0.85 1.73 -14.50
C LYS A 51 -0.03 2.98 -14.56
N GLY A 52 -0.55 3.26 -15.76
CA GLY A 52 -1.40 4.42 -15.92
C GLY A 52 -2.59 4.13 -16.82
N THR A 53 -3.33 3.08 -16.49
CA THR A 53 -4.50 2.69 -17.27
C THR A 53 -5.68 2.36 -16.37
N GLY A 54 -6.88 2.74 -16.80
CA GLY A 54 -8.08 2.46 -16.02
C GLY A 54 -8.43 3.61 -15.09
N LEU A 55 -9.45 3.41 -14.28
CA LEU A 55 -9.89 4.44 -13.33
C LEU A 55 -8.81 4.74 -12.31
N GLY A 56 -8.11 5.85 -12.51
CA GLY A 56 -7.05 6.23 -11.59
C GLY A 56 -7.32 7.57 -10.93
N GLN A 57 -8.09 7.56 -9.84
CA GLN A 57 -8.41 8.78 -9.11
C GLN A 57 -7.38 9.06 -8.02
N GLN A 58 -6.97 8.01 -7.32
CA GLN A 58 -5.98 8.16 -6.26
C GLN A 58 -4.92 7.06 -6.36
N LEU A 59 -3.71 7.38 -5.89
CA LEU A 59 -2.61 6.43 -5.92
C LEU A 59 -2.27 5.95 -4.51
N GLN A 60 -2.53 6.79 -3.53
CA GLN A 60 -2.25 6.44 -2.13
C GLN A 60 -3.41 6.85 -1.24
N GLY A 61 -3.77 5.96 -0.31
CA GLY A 61 -4.86 6.25 0.60
C GLY A 61 -4.83 5.37 1.84
N TYR A 62 -5.92 5.35 2.58
CA TYR A 62 -6.02 4.54 3.79
C TYR A 62 -6.37 3.10 3.46
N ILE A 63 -5.64 2.17 4.07
CA ILE A 63 -5.88 0.75 3.85
C ILE A 63 -5.70 -0.05 5.13
N PRO A 64 -6.53 -1.10 5.30
CA PRO A 64 -6.48 -1.97 6.48
C PRO A 64 -5.22 -2.82 6.52
N SER A 65 -4.59 -2.89 7.69
CA SER A 65 -3.37 -3.66 7.86
C SER A 65 -3.70 -5.16 7.93
N ASN A 66 -4.91 -5.48 8.35
CA ASN A 66 -5.33 -6.87 8.47
C ASN A 66 -5.48 -7.50 7.08
N TYR A 67 -5.40 -6.67 6.04
CA TYR A 67 -5.53 -7.15 4.67
C TYR A 67 -4.15 -7.35 4.04
N VAL A 68 -3.17 -6.61 4.54
CA VAL A 68 -1.81 -6.71 4.03
C VAL A 68 -0.87 -7.35 5.05
N ALA A 69 0.39 -7.52 4.68
CA ALA A 69 1.38 -8.12 5.55
C ALA A 69 2.79 -7.71 5.15
N GLU A 70 3.77 -8.07 5.98
CA GLU A 70 5.16 -7.75 5.71
C GLU A 70 5.77 -8.74 4.72
N ASP A 71 6.00 -8.27 3.50
CA ASP A 71 6.58 -9.12 2.46
C ASP A 71 8.10 -8.95 2.39
N SER A 72 8.77 -9.90 1.77
CA SER A 72 10.22 -9.86 1.64
C SER A 72 10.64 -9.42 0.24
N GLY A 73 11.21 -8.23 0.15
CA GLY A 73 11.65 -7.70 -1.14
C GLY A 73 13.15 -7.50 -1.20
N PRO A 74 13.60 -6.30 -0.80
CA PRO A 74 15.02 -5.95 -0.80
C PRO A 74 15.82 -6.71 0.25
N SER A 75 15.13 -7.60 0.98
CA SER A 75 15.77 -8.38 2.03
C SER A 75 16.78 -9.35 1.43
N SER A 76 17.91 -9.51 2.11
CA SER A 76 18.98 -10.39 1.65
C SER A 76 18.38 -11.65 1.02
N GLY A 77 18.89 -11.99 -0.17
CA GLY A 77 18.41 -13.17 -0.86
C GLY A 77 17.05 -12.95 -1.51
N GLY A 1 5.42 12.76 5.67
CA GLY A 1 6.50 11.81 5.53
C GLY A 1 6.48 11.10 4.19
N SER A 2 7.61 11.10 3.51
CA SER A 2 7.72 10.46 2.20
C SER A 2 9.00 9.64 2.09
N SER A 3 9.17 8.95 0.97
CA SER A 3 10.34 8.13 0.74
C SER A 3 11.62 8.87 1.14
N GLY A 4 12.55 8.15 1.76
CA GLY A 4 13.80 8.77 2.18
C GLY A 4 14.38 8.12 3.42
N SER A 5 13.77 8.40 4.57
CA SER A 5 14.23 7.84 5.83
C SER A 5 13.97 6.34 5.89
N SER A 6 12.74 5.95 5.58
CA SER A 6 12.36 4.54 5.60
C SER A 6 11.43 4.22 4.44
N GLY A 7 11.14 2.93 4.26
CA GLY A 7 10.26 2.50 3.18
C GLY A 7 9.75 1.08 3.37
N GLN A 8 8.81 0.92 4.28
CA GLN A 8 8.23 -0.39 4.55
C GLN A 8 7.25 -0.80 3.46
N TYR A 9 7.50 -1.96 2.85
CA TYR A 9 6.64 -2.46 1.78
C TYR A 9 5.77 -3.61 2.28
N PHE A 10 4.50 -3.60 1.88
CA PHE A 10 3.56 -4.64 2.28
C PHE A 10 2.93 -5.31 1.06
N VAL A 11 2.42 -6.52 1.26
CA VAL A 11 1.79 -7.25 0.17
C VAL A 11 0.31 -7.49 0.46
N ALA A 12 -0.53 -7.26 -0.55
CA ALA A 12 -1.97 -7.45 -0.40
C ALA A 12 -2.34 -8.92 -0.41
N LEU A 13 -2.76 -9.44 0.74
CA LEU A 13 -3.14 -10.83 0.86
C LEU A 13 -4.46 -11.11 0.14
N PHE A 14 -5.24 -10.06 -0.06
CA PHE A 14 -6.53 -10.19 -0.74
C PHE A 14 -6.88 -8.90 -1.49
N ASP A 15 -7.97 -8.94 -2.24
CA ASP A 15 -8.42 -7.79 -3.01
C ASP A 15 -9.41 -6.95 -2.20
N TYR A 16 -9.23 -5.63 -2.24
CA TYR A 16 -10.11 -4.72 -1.52
C TYR A 16 -10.66 -3.65 -2.44
N GLN A 17 -11.82 -3.11 -2.09
CA GLN A 17 -12.46 -2.07 -2.89
C GLN A 17 -12.75 -0.83 -2.04
N ALA A 18 -11.99 0.23 -2.28
CA ALA A 18 -12.16 1.48 -1.55
C ALA A 18 -13.63 1.71 -1.20
N ARG A 19 -13.93 1.78 0.10
CA ARG A 19 -15.30 1.99 0.55
C ARG A 19 -15.68 3.47 0.43
N THR A 20 -14.78 4.35 0.83
CA THR A 20 -15.03 5.78 0.76
C THR A 20 -13.97 6.49 -0.07
N ALA A 21 -14.22 7.75 -0.40
CA ALA A 21 -13.28 8.54 -1.20
C ALA A 21 -11.94 8.65 -0.50
N GLU A 22 -11.94 8.47 0.82
CA GLU A 22 -10.71 8.54 1.61
C GLU A 22 -10.10 7.17 1.81
N ASP A 23 -9.97 6.42 0.71
CA ASP A 23 -9.40 5.08 0.76
C ASP A 23 -8.76 4.70 -0.57
N LEU A 24 -7.96 3.64 -0.56
CA LEU A 24 -7.29 3.18 -1.78
C LEU A 24 -7.75 1.78 -2.15
N SER A 25 -7.59 1.43 -3.42
CA SER A 25 -8.00 0.11 -3.91
C SER A 25 -6.78 -0.69 -4.38
N PHE A 26 -6.81 -2.00 -4.14
CA PHE A 26 -5.72 -2.87 -4.54
C PHE A 26 -6.20 -4.31 -4.70
N ARG A 27 -5.38 -5.14 -5.34
CA ARG A 27 -5.72 -6.53 -5.56
C ARG A 27 -4.70 -7.46 -4.91
N ALA A 28 -5.11 -8.69 -4.65
CA ALA A 28 -4.23 -9.68 -4.03
C ALA A 28 -2.90 -9.77 -4.78
N GLY A 29 -1.82 -9.38 -4.09
CA GLY A 29 -0.50 -9.42 -4.70
C GLY A 29 -0.01 -8.05 -5.13
N ASP A 30 -0.83 -7.03 -4.88
CA ASP A 30 -0.48 -5.66 -5.24
C ASP A 30 0.47 -5.05 -4.23
N LYS A 31 1.72 -4.85 -4.63
CA LYS A 31 2.74 -4.29 -3.76
C LYS A 31 2.38 -2.86 -3.36
N LEU A 32 2.23 -2.62 -2.06
CA LEU A 32 1.88 -1.30 -1.55
C LEU A 32 2.83 -0.89 -0.44
N GLN A 33 3.28 0.37 -0.48
CA GLN A 33 4.18 0.89 0.53
C GLN A 33 3.42 1.63 1.62
N VAL A 34 3.79 1.37 2.86
CA VAL A 34 3.13 2.01 4.00
C VAL A 34 3.88 3.27 4.42
N LEU A 35 3.28 4.42 4.14
CA LEU A 35 3.89 5.71 4.49
C LEU A 35 3.61 6.06 5.94
N ASP A 36 2.33 6.18 6.28
CA ASP A 36 1.93 6.51 7.64
C ASP A 36 1.24 5.32 8.31
N THR A 37 1.50 5.15 9.60
CA THR A 37 0.91 4.06 10.37
C THR A 37 0.27 4.57 11.65
N SER A 38 -0.06 5.85 11.69
CA SER A 38 -0.67 6.46 12.86
C SER A 38 -1.86 5.63 13.34
N HIS A 39 -2.86 5.49 12.48
CA HIS A 39 -4.05 4.72 12.81
C HIS A 39 -3.86 3.24 12.48
N GLU A 40 -3.36 2.48 13.45
CA GLU A 40 -3.13 1.05 13.26
C GLU A 40 -4.19 0.45 12.34
N GLY A 41 -5.43 0.85 12.53
CA GLY A 41 -6.52 0.34 11.72
C GLY A 41 -6.35 0.69 10.25
N TRP A 42 -6.13 1.97 9.97
CA TRP A 42 -5.96 2.43 8.59
C TRP A 42 -4.55 2.97 8.38
N TRP A 43 -3.92 2.53 7.29
CA TRP A 43 -2.57 2.98 6.97
C TRP A 43 -2.55 3.78 5.68
N LEU A 44 -1.67 4.77 5.61
CA LEU A 44 -1.56 5.61 4.42
C LEU A 44 -0.47 5.08 3.48
N ALA A 45 -0.89 4.30 2.49
CA ALA A 45 0.05 3.74 1.52
C ALA A 45 -0.21 4.29 0.12
N ARG A 46 0.68 3.97 -0.80
CA ARG A 46 0.55 4.45 -2.18
C ARG A 46 0.91 3.35 -3.17
N HIS A 47 0.30 3.40 -4.35
CA HIS A 47 0.54 2.40 -5.39
C HIS A 47 2.02 2.40 -5.80
N LEU A 48 2.62 1.22 -5.85
CA LEU A 48 4.02 1.08 -6.23
C LEU A 48 4.14 0.59 -7.66
N GLU A 49 3.21 -0.26 -8.09
CA GLU A 49 3.22 -0.79 -9.44
C GLU A 49 2.99 0.31 -10.47
N LYS A 50 4.03 0.63 -11.23
CA LYS A 50 3.94 1.66 -12.25
C LYS A 50 3.48 1.08 -13.59
N LYS A 51 2.30 0.49 -13.60
CA LYS A 51 1.74 -0.11 -14.81
C LYS A 51 0.64 0.77 -15.40
N GLY A 52 -0.39 1.03 -14.60
CA GLY A 52 -1.50 1.86 -15.06
C GLY A 52 -2.84 1.19 -14.85
N THR A 53 -3.07 0.66 -13.66
CA THR A 53 -4.32 -0.01 -13.34
C THR A 53 -4.99 0.62 -12.13
N GLY A 54 -4.94 1.94 -12.06
CA GLY A 54 -5.55 2.65 -10.94
C GLY A 54 -6.79 3.42 -11.34
N LEU A 55 -7.95 2.97 -10.88
CA LEU A 55 -9.21 3.62 -11.20
C LEU A 55 -9.26 5.03 -10.60
N GLY A 56 -9.14 6.03 -11.47
CA GLY A 56 -9.18 7.41 -11.01
C GLY A 56 -7.80 8.05 -10.98
N GLN A 57 -7.56 8.88 -9.97
CA GLN A 57 -6.28 9.56 -9.83
C GLN A 57 -5.60 9.16 -8.52
N GLN A 58 -6.35 9.22 -7.43
CA GLN A 58 -5.81 8.85 -6.12
C GLN A 58 -4.86 7.66 -6.22
N LEU A 59 -3.64 7.85 -5.76
CA LEU A 59 -2.63 6.79 -5.79
C LEU A 59 -2.27 6.33 -4.40
N GLN A 60 -2.60 7.14 -3.40
CA GLN A 60 -2.31 6.82 -2.00
C GLN A 60 -3.48 7.22 -1.10
N GLY A 61 -3.91 6.28 -0.26
CA GLY A 61 -5.01 6.55 0.65
C GLY A 61 -4.96 5.68 1.88
N TYR A 62 -6.09 5.61 2.60
CA TYR A 62 -6.17 4.81 3.81
C TYR A 62 -6.61 3.38 3.50
N ILE A 63 -5.85 2.41 4.01
CA ILE A 63 -6.16 1.01 3.79
C ILE A 63 -5.97 0.19 5.05
N PRO A 64 -6.80 -0.84 5.24
CA PRO A 64 -6.73 -1.72 6.40
C PRO A 64 -5.49 -2.60 6.40
N SER A 65 -4.72 -2.55 7.49
CA SER A 65 -3.51 -3.34 7.60
C SER A 65 -3.82 -4.82 7.65
N ASN A 66 -5.05 -5.15 8.03
CA ASN A 66 -5.48 -6.54 8.10
C ASN A 66 -5.64 -7.14 6.72
N TYR A 67 -5.56 -6.29 5.70
CA TYR A 67 -5.70 -6.73 4.32
C TYR A 67 -4.34 -6.97 3.67
N VAL A 68 -3.31 -6.36 4.26
CA VAL A 68 -1.95 -6.51 3.75
C VAL A 68 -1.06 -7.23 4.75
N ALA A 69 0.18 -7.48 4.35
CA ALA A 69 1.13 -8.17 5.22
C ALA A 69 2.56 -7.71 4.94
N GLU A 70 3.49 -8.15 5.79
CA GLU A 70 4.89 -7.78 5.62
C GLU A 70 5.60 -8.75 4.68
N ASP A 71 5.91 -8.28 3.48
CA ASP A 71 6.59 -9.10 2.48
C ASP A 71 8.10 -8.89 2.54
N SER A 72 8.84 -9.80 1.92
CA SER A 72 10.30 -9.72 1.90
C SER A 72 10.77 -8.49 1.12
N GLY A 73 11.63 -7.70 1.74
CA GLY A 73 12.14 -6.51 1.10
C GLY A 73 13.12 -5.74 1.97
N PRO A 74 14.35 -6.23 2.04
CA PRO A 74 15.41 -5.61 2.85
C PRO A 74 15.87 -4.27 2.26
N SER A 75 15.88 -4.19 0.94
CA SER A 75 16.31 -2.97 0.27
C SER A 75 15.38 -1.81 0.60
N SER A 76 15.80 -0.98 1.56
CA SER A 76 15.01 0.17 1.98
C SER A 76 15.34 1.40 1.14
N GLY A 77 14.37 1.88 0.38
CA GLY A 77 14.59 3.04 -0.45
C GLY A 77 14.51 2.73 -1.94
#